data_5KI9
# 
_entry.id   5KI9 
# 
_audit_conform.dict_name       mmcif_pdbx.dic 
_audit_conform.dict_version    5.403 
_audit_conform.dict_location   http://mmcif.pdb.org/dictionaries/ascii/mmcif_pdbx.dic 
# 
loop_
_database_2.database_id 
_database_2.database_code 
_database_2.pdbx_database_accession 
_database_2.pdbx_DOI 
PDB   5KI9         pdb_00005ki9 10.2210/pdb5ki9/pdb 
WWPDB D_1000222275 ?            ?                   
# 
loop_
_pdbx_audit_revision_history.ordinal 
_pdbx_audit_revision_history.data_content_type 
_pdbx_audit_revision_history.major_revision 
_pdbx_audit_revision_history.minor_revision 
_pdbx_audit_revision_history.revision_date 
_pdbx_audit_revision_history.part_number 
1 'Structure model' 1 0 2017-06-28 ? 
2 'Structure model' 1 1 2025-04-02 ? 
# 
_pdbx_audit_revision_details.ordinal             1 
_pdbx_audit_revision_details.revision_ordinal    1 
_pdbx_audit_revision_details.data_content_type   'Structure model' 
_pdbx_audit_revision_details.provider            repository 
_pdbx_audit_revision_details.type                'Initial release' 
_pdbx_audit_revision_details.description         ? 
_pdbx_audit_revision_details.details             ? 
# 
loop_
_pdbx_audit_revision_group.ordinal 
_pdbx_audit_revision_group.revision_ordinal 
_pdbx_audit_revision_group.data_content_type 
_pdbx_audit_revision_group.group 
1 2 'Structure model' 'Data collection'     
2 2 'Structure model' 'Database references' 
3 2 'Structure model' 'Structure summary'   
# 
loop_
_pdbx_audit_revision_category.ordinal 
_pdbx_audit_revision_category.revision_ordinal 
_pdbx_audit_revision_category.data_content_type 
_pdbx_audit_revision_category.category 
1 2 'Structure model' chem_comp_atom            
2 2 'Structure model' chem_comp_bond            
3 2 'Structure model' database_2                
4 2 'Structure model' pdbx_entry_details        
5 2 'Structure model' pdbx_modification_feature 
# 
loop_
_pdbx_audit_revision_item.ordinal 
_pdbx_audit_revision_item.revision_ordinal 
_pdbx_audit_revision_item.data_content_type 
_pdbx_audit_revision_item.item 
1 2 'Structure model' '_database_2.pdbx_DOI'                
2 2 'Structure model' '_database_2.pdbx_database_accession' 
# 
_pdbx_database_status.status_code                     REL 
_pdbx_database_status.status_code_sf                  REL 
_pdbx_database_status.status_code_mr                  ? 
_pdbx_database_status.entry_id                        5KI9 
_pdbx_database_status.recvd_initial_deposition_date   2016-06-16 
_pdbx_database_status.SG_entry                        N 
_pdbx_database_status.deposit_site                    RCSB 
_pdbx_database_status.process_site                    RCSB 
_pdbx_database_status.status_code_cs                  ? 
_pdbx_database_status.methods_development_category    ? 
_pdbx_database_status.pdb_format_compatible           Y 
_pdbx_database_status.status_code_nmr_data            ? 
# 
loop_
_pdbx_database_related.db_name 
_pdbx_database_related.details 
_pdbx_database_related.db_id 
_pdbx_database_related.content_type 
PDB 'human beta-defensin 1' 1ijv unspecified 
PDB 'human beta-defensin 2' 1fd3 unspecified 
# 
loop_
_audit_author.name 
_audit_author.pdbx_ordinal 
'Jacek, L.'    1 
'Adam, P.'     2 
'Marzenam, P.' 3 
# 
_citation.abstract                  ? 
_citation.abstract_id_CAS           ? 
_citation.book_id_ISBN              ? 
_citation.book_publisher            ? 
_citation.book_publisher_city       ? 
_citation.book_title                ? 
_citation.coordinate_linkage        ? 
_citation.country                   ? 
_citation.database_id_Medline       ? 
_citation.details                   ? 
_citation.id                        primary 
_citation.journal_abbrev            'To Be Published' 
_citation.journal_id_ASTM           ? 
_citation.journal_id_CSD            0353 
_citation.journal_id_ISSN           ? 
_citation.journal_full              ? 
_citation.journal_issue             ? 
_citation.journal_volume            ? 
_citation.language                  ? 
_citation.page_first                ? 
_citation.page_last                 ? 
_citation.title                     
;Human beta-Defensin 4: defensin without the "twist"
;
_citation.year                      ? 
_citation.database_id_CSD           ? 
_citation.pdbx_database_id_DOI      ? 
_citation.pdbx_database_id_PubMed   ? 
_citation.unpublished_flag          ? 
# 
loop_
_citation_author.citation_id 
_citation_author.name 
_citation_author.ordinal 
_citation_author.identifier_ORCID 
primary 'Adam, P.'     1 ? 
primary 'Marzenam, P.' 2 ? 
primary 'Jerry, A.'    3 ? 
primary 'Jacek, L.'    4 ? 
# 
loop_
_entity.id 
_entity.type 
_entity.src_method 
_entity.pdbx_description 
_entity.formula_weight 
_entity.pdbx_number_of_molecules 
_entity.pdbx_ec 
_entity.pdbx_mutation 
_entity.pdbx_fragment 
_entity.details 
1 polymer     man 'Beta-defensin 104'    5257.094 1  ? ? 'UNP residues 23-65' 'LYSINE RESIDUES ARE DI-METHYLATED' 
2 non-polymer syn 'SULFATE ION'          96.063   3  ? ? ?                    ?                                   
3 non-polymer syn 'trifluoroacetic acid' 114.023  1  ? ? ?                    ?                                   
4 water       nat water                  18.015   17 ? ? ?                    ?                                   
# 
_entity_name_com.entity_id   1 
_entity_name_com.name        'Beta-defensin 4,hBD-4,Defensin,beta 104' 
# 
_entity_poly.entity_id                      1 
_entity_poly.type                           'polypeptide(L)' 
_entity_poly.nstd_linkage                   no 
_entity_poly.nstd_monomer                   yes 
_entity_poly.pdbx_seq_one_letter_code       'EFELDRICGYGTARCR(MLY)(MLY)CRSQEYRIGRCPNTYACCLR(MLY)WDES' 
_entity_poly.pdbx_seq_one_letter_code_can   EFELDRICGYGTARCRKKCRSQEYRIGRCPNTYACCLRKWDES 
_entity_poly.pdbx_strand_id                 A 
_entity_poly.pdbx_target_identifier         ? 
# 
loop_
_pdbx_entity_nonpoly.entity_id 
_pdbx_entity_nonpoly.name 
_pdbx_entity_nonpoly.comp_id 
2 'SULFATE ION'          SO4 
3 'trifluoroacetic acid' TFA 
4 water                  HOH 
# 
loop_
_entity_poly_seq.entity_id 
_entity_poly_seq.num 
_entity_poly_seq.mon_id 
_entity_poly_seq.hetero 
1 1  GLU n 
1 2  PHE n 
1 3  GLU n 
1 4  LEU n 
1 5  ASP n 
1 6  ARG n 
1 7  ILE n 
1 8  CYS n 
1 9  GLY n 
1 10 TYR n 
1 11 GLY n 
1 12 THR n 
1 13 ALA n 
1 14 ARG n 
1 15 CYS n 
1 16 ARG n 
1 17 MLY n 
1 18 MLY n 
1 19 CYS n 
1 20 ARG n 
1 21 SER n 
1 22 GLN n 
1 23 GLU n 
1 24 TYR n 
1 25 ARG n 
1 26 ILE n 
1 27 GLY n 
1 28 ARG n 
1 29 CYS n 
1 30 PRO n 
1 31 ASN n 
1 32 THR n 
1 33 TYR n 
1 34 ALA n 
1 35 CYS n 
1 36 CYS n 
1 37 LEU n 
1 38 ARG n 
1 39 MLY n 
1 40 TRP n 
1 41 ASP n 
1 42 GLU n 
1 43 SER n 
# 
_entity_src_gen.entity_id                          1 
_entity_src_gen.pdbx_src_id                        1 
_entity_src_gen.pdbx_alt_source_flag               sample 
_entity_src_gen.pdbx_seq_type                      'Biological sequence' 
_entity_src_gen.pdbx_beg_seq_num                   1 
_entity_src_gen.pdbx_end_seq_num                   43 
_entity_src_gen.gene_src_common_name               Human 
_entity_src_gen.gene_src_genus                     ? 
_entity_src_gen.pdbx_gene_src_gene                 'DEFB104A, DEFB104, DEFB4, DEFB104B' 
_entity_src_gen.gene_src_species                   ? 
_entity_src_gen.gene_src_strain                    ? 
_entity_src_gen.gene_src_tissue                    ? 
_entity_src_gen.gene_src_tissue_fraction           ? 
_entity_src_gen.gene_src_details                   ? 
_entity_src_gen.pdbx_gene_src_fragment             ? 
_entity_src_gen.pdbx_gene_src_scientific_name      'Homo sapiens' 
_entity_src_gen.pdbx_gene_src_ncbi_taxonomy_id     9606 
_entity_src_gen.pdbx_gene_src_variant              ? 
_entity_src_gen.pdbx_gene_src_cell_line            ? 
_entity_src_gen.pdbx_gene_src_atcc                 ? 
_entity_src_gen.pdbx_gene_src_organ                ? 
_entity_src_gen.pdbx_gene_src_organelle            ? 
_entity_src_gen.pdbx_gene_src_cell                 ? 
_entity_src_gen.pdbx_gene_src_cellular_location    ? 
_entity_src_gen.host_org_common_name               ? 
_entity_src_gen.pdbx_host_org_scientific_name      'Escherichia coli' 
_entity_src_gen.pdbx_host_org_ncbi_taxonomy_id     562 
_entity_src_gen.host_org_genus                     ? 
_entity_src_gen.pdbx_host_org_gene                 ? 
_entity_src_gen.pdbx_host_org_organ                ? 
_entity_src_gen.host_org_species                   ? 
_entity_src_gen.pdbx_host_org_tissue               ? 
_entity_src_gen.pdbx_host_org_tissue_fraction      ? 
_entity_src_gen.pdbx_host_org_strain               ? 
_entity_src_gen.pdbx_host_org_variant              ? 
_entity_src_gen.pdbx_host_org_cell_line            ? 
_entity_src_gen.pdbx_host_org_atcc                 ? 
_entity_src_gen.pdbx_host_org_culture_collection   ? 
_entity_src_gen.pdbx_host_org_cell                 ? 
_entity_src_gen.pdbx_host_org_organelle            ? 
_entity_src_gen.pdbx_host_org_cellular_location    ? 
_entity_src_gen.pdbx_host_org_vector_type          ? 
_entity_src_gen.pdbx_host_org_vector               ? 
_entity_src_gen.host_org_details                   ? 
_entity_src_gen.expression_system_id               ? 
_entity_src_gen.plasmid_name                       ? 
_entity_src_gen.plasmid_details                    ? 
_entity_src_gen.pdbx_description                   ? 
# 
loop_
_chem_comp.id 
_chem_comp.type 
_chem_comp.mon_nstd_flag 
_chem_comp.name 
_chem_comp.pdbx_synonyms 
_chem_comp.formula 
_chem_comp.formula_weight 
ALA 'L-peptide linking' y ALANINE                ? 'C3 H7 N O2'     89.093  
ARG 'L-peptide linking' y ARGININE               ? 'C6 H15 N4 O2 1' 175.209 
ASN 'L-peptide linking' y ASPARAGINE             ? 'C4 H8 N2 O3'    132.118 
ASP 'L-peptide linking' y 'ASPARTIC ACID'        ? 'C4 H7 N O4'     133.103 
CYS 'L-peptide linking' y CYSTEINE               ? 'C3 H7 N O2 S'   121.158 
GLN 'L-peptide linking' y GLUTAMINE              ? 'C5 H10 N2 O3'   146.144 
GLU 'L-peptide linking' y 'GLUTAMIC ACID'        ? 'C5 H9 N O4'     147.129 
GLY 'peptide linking'   y GLYCINE                ? 'C2 H5 N O2'     75.067  
HOH non-polymer         . WATER                  ? 'H2 O'           18.015  
ILE 'L-peptide linking' y ISOLEUCINE             ? 'C6 H13 N O2'    131.173 
LEU 'L-peptide linking' y LEUCINE                ? 'C6 H13 N O2'    131.173 
MLY 'L-peptide linking' n N-DIMETHYL-LYSINE      ? 'C8 H18 N2 O2'   174.241 
PHE 'L-peptide linking' y PHENYLALANINE          ? 'C9 H11 N O2'    165.189 
PRO 'L-peptide linking' y PROLINE                ? 'C5 H9 N O2'     115.130 
SER 'L-peptide linking' y SERINE                 ? 'C3 H7 N O3'     105.093 
SO4 non-polymer         . 'SULFATE ION'          ? 'O4 S -2'        96.063  
TFA non-polymer         . 'trifluoroacetic acid' ? 'C2 H F3 O2'     114.023 
THR 'L-peptide linking' y THREONINE              ? 'C4 H9 N O3'     119.119 
TRP 'L-peptide linking' y TRYPTOPHAN             ? 'C11 H12 N2 O2'  204.225 
TYR 'L-peptide linking' y TYROSINE               ? 'C9 H11 N O3'    181.189 
# 
loop_
_pdbx_poly_seq_scheme.asym_id 
_pdbx_poly_seq_scheme.entity_id 
_pdbx_poly_seq_scheme.seq_id 
_pdbx_poly_seq_scheme.mon_id 
_pdbx_poly_seq_scheme.ndb_seq_num 
_pdbx_poly_seq_scheme.pdb_seq_num 
_pdbx_poly_seq_scheme.auth_seq_num 
_pdbx_poly_seq_scheme.pdb_mon_id 
_pdbx_poly_seq_scheme.auth_mon_id 
_pdbx_poly_seq_scheme.pdb_strand_id 
_pdbx_poly_seq_scheme.pdb_ins_code 
_pdbx_poly_seq_scheme.hetero 
A 1 1  GLU 1  1  1  GLU GLU A . n 
A 1 2  PHE 2  2  2  PHE PHE A . n 
A 1 3  GLU 3  3  3  GLU GLU A . n 
A 1 4  LEU 4  4  4  LEU LEU A . n 
A 1 5  ASP 5  5  5  ASP ASP A . n 
A 1 6  ARG 6  6  6  ARG ARG A . n 
A 1 7  ILE 7  7  7  ILE ILE A . n 
A 1 8  CYS 8  8  8  CYS CYS A . n 
A 1 9  GLY 9  9  9  GLY GLY A . n 
A 1 10 TYR 10 10 10 TYR TYR A . n 
A 1 11 GLY 11 11 11 GLY GLY A . n 
A 1 12 THR 12 12 12 THR THR A . n 
A 1 13 ALA 13 13 13 ALA ALA A . n 
A 1 14 ARG 14 14 14 ARG ARG A . n 
A 1 15 CYS 15 15 15 CYS CYS A . n 
A 1 16 ARG 16 16 16 ARG ARG A . n 
A 1 17 MLY 17 17 17 MLY MLY A . n 
A 1 18 MLY 18 18 18 MLY MLY A . n 
A 1 19 CYS 19 19 19 CYS CYS A . n 
A 1 20 ARG 20 20 20 ARG ARG A . n 
A 1 21 SER 21 21 21 SER SER A . n 
A 1 22 GLN 22 22 22 GLN GLN A . n 
A 1 23 GLU 23 23 23 GLU GLU A . n 
A 1 24 TYR 24 24 24 TYR TYR A . n 
A 1 25 ARG 25 25 25 ARG ARG A . n 
A 1 26 ILE 26 26 26 ILE ILE A . n 
A 1 27 GLY 27 27 27 GLY GLY A . n 
A 1 28 ARG 28 28 28 ARG ARG A . n 
A 1 29 CYS 29 29 29 CYS CYS A . n 
A 1 30 PRO 30 30 30 PRO PRO A . n 
A 1 31 ASN 31 31 31 ASN ASN A . n 
A 1 32 THR 32 32 32 THR THR A . n 
A 1 33 TYR 33 33 33 TYR TYR A . n 
A 1 34 ALA 34 34 34 ALA ALA A . n 
A 1 35 CYS 35 35 35 CYS CYS A . n 
A 1 36 CYS 36 36 36 CYS CYS A . n 
A 1 37 LEU 37 37 37 LEU LEU A . n 
A 1 38 ARG 38 38 38 ARG ARG A . n 
A 1 39 MLY 39 39 39 MLY MLY A . n 
A 1 40 TRP 40 40 40 TRP TRP A . n 
A 1 41 ASP 41 41 41 ASP ASP A . n 
A 1 42 GLU 42 42 42 GLU GLU A . n 
A 1 43 SER 43 43 43 SER SER A . n 
# 
loop_
_pdbx_nonpoly_scheme.asym_id 
_pdbx_nonpoly_scheme.entity_id 
_pdbx_nonpoly_scheme.mon_id 
_pdbx_nonpoly_scheme.ndb_seq_num 
_pdbx_nonpoly_scheme.pdb_seq_num 
_pdbx_nonpoly_scheme.auth_seq_num 
_pdbx_nonpoly_scheme.pdb_mon_id 
_pdbx_nonpoly_scheme.auth_mon_id 
_pdbx_nonpoly_scheme.pdb_strand_id 
_pdbx_nonpoly_scheme.pdb_ins_code 
B 2 SO4 1  101 1  SO4 SO4 A . 
C 2 SO4 1  102 2  SO4 SO4 A . 
D 2 SO4 1  103 3  SO4 SO4 A . 
E 3 TFA 1  104 1  TFA TFA A . 
F 4 HOH 1  201 12 HOH HOH A . 
F 4 HOH 2  202 14 HOH HOH A . 
F 4 HOH 3  203 8  HOH HOH A . 
F 4 HOH 4  204 1  HOH HOH A . 
F 4 HOH 5  205 5  HOH HOH A . 
F 4 HOH 6  206 2  HOH HOH A . 
F 4 HOH 7  207 15 HOH HOH A . 
F 4 HOH 8  208 4  HOH HOH A . 
F 4 HOH 9  209 6  HOH HOH A . 
F 4 HOH 10 210 9  HOH HOH A . 
F 4 HOH 11 211 10 HOH HOH A . 
F 4 HOH 12 212 7  HOH HOH A . 
F 4 HOH 13 213 11 HOH HOH A . 
F 4 HOH 14 214 13 HOH HOH A . 
F 4 HOH 15 215 3  HOH HOH A . 
F 4 HOH 16 216 16 HOH HOH A . 
F 4 HOH 17 217 17 HOH HOH A . 
# 
_pdbx_unobs_or_zero_occ_atoms.id               1 
_pdbx_unobs_or_zero_occ_atoms.PDB_model_num    1 
_pdbx_unobs_or_zero_occ_atoms.polymer_flag     N 
_pdbx_unobs_or_zero_occ_atoms.occupancy_flag   1 
_pdbx_unobs_or_zero_occ_atoms.auth_asym_id     A 
_pdbx_unobs_or_zero_occ_atoms.auth_comp_id     TFA 
_pdbx_unobs_or_zero_occ_atoms.auth_seq_id      104 
_pdbx_unobs_or_zero_occ_atoms.PDB_ins_code     ? 
_pdbx_unobs_or_zero_occ_atoms.auth_atom_id     OXT 
_pdbx_unobs_or_zero_occ_atoms.label_alt_id     ? 
_pdbx_unobs_or_zero_occ_atoms.label_asym_id    E 
_pdbx_unobs_or_zero_occ_atoms.label_comp_id    TFA 
_pdbx_unobs_or_zero_occ_atoms.label_seq_id     1 
_pdbx_unobs_or_zero_occ_atoms.label_atom_id    OXT 
# 
loop_
_software.citation_id 
_software.classification 
_software.compiler_name 
_software.compiler_version 
_software.contact_author 
_software.contact_author_email 
_software.date 
_software.description 
_software.dependencies 
_software.hardware 
_software.language 
_software.location 
_software.mods 
_software.name 
_software.os 
_software.os_version 
_software.type 
_software.version 
_software.pdbx_ordinal 
? 'data collection' ? ? ? ? ? ? ? ? ? ? ? HKL-2000    ? ? ? .        1 
? 'data scaling'    ? ? ? ? ? ? ? ? ? ? ? HKL-2000    ? ? ? .        2 
? phasing           ? ? ? ? ? ? ? ? ? ? ? SHELX       ? ? ? .        3 
? refinement        ? ? ? ? ? ? ? ? ? ? ? REFMAC      ? ? ? 5.5.0104 4 
? 'data extraction' ? ? ? ? ? ? ? ? ? ? ? PDB_EXTRACT ? ? ? 3.20     5 
# 
_cell.angle_alpha                  90.000 
_cell.angle_alpha_esd              ? 
_cell.angle_beta                   90.000 
_cell.angle_beta_esd               ? 
_cell.angle_gamma                  90.000 
_cell.angle_gamma_esd              ? 
_cell.entry_id                     5KI9 
_cell.details                      ? 
_cell.formula_units_Z              ? 
_cell.length_a                     41.704 
_cell.length_a_esd                 ? 
_cell.length_b                     41.704 
_cell.length_b_esd                 ? 
_cell.length_c                     52.945 
_cell.length_c_esd                 ? 
_cell.volume                       ? 
_cell.volume_esd                   ? 
_cell.Z_PDB                        8 
_cell.reciprocal_angle_alpha       ? 
_cell.reciprocal_angle_beta        ? 
_cell.reciprocal_angle_gamma       ? 
_cell.reciprocal_angle_alpha_esd   ? 
_cell.reciprocal_angle_beta_esd    ? 
_cell.reciprocal_angle_gamma_esd   ? 
_cell.reciprocal_length_a          ? 
_cell.reciprocal_length_b          ? 
_cell.reciprocal_length_c          ? 
_cell.reciprocal_length_a_esd      ? 
_cell.reciprocal_length_b_esd      ? 
_cell.reciprocal_length_c_esd      ? 
_cell.pdbx_unique_axis             ? 
# 
_symmetry.entry_id                         5KI9 
_symmetry.cell_setting                     ? 
_symmetry.Int_Tables_number                96 
_symmetry.space_group_name_Hall            ? 
_symmetry.space_group_name_H-M             'P 43 21 2' 
_symmetry.pdbx_full_space_group_name_H-M   ? 
# 
_exptl.absorpt_coefficient_mu     ? 
_exptl.absorpt_correction_T_max   ? 
_exptl.absorpt_correction_T_min   ? 
_exptl.absorpt_correction_type    ? 
_exptl.absorpt_process_details    ? 
_exptl.entry_id                   5KI9 
_exptl.crystals_number            1 
_exptl.details                    ? 
_exptl.method                     'X-RAY DIFFRACTION' 
_exptl.method_details             ? 
# 
_exptl_crystal.colour                      ? 
_exptl_crystal.density_diffrn              ? 
_exptl_crystal.density_Matthews            2.19 
_exptl_crystal.density_method              ? 
_exptl_crystal.density_percent_sol         43.82 
_exptl_crystal.description                 ? 
_exptl_crystal.F_000                       ? 
_exptl_crystal.id                          1 
_exptl_crystal.preparation                 ? 
_exptl_crystal.size_max                    ? 
_exptl_crystal.size_mid                    ? 
_exptl_crystal.size_min                    ? 
_exptl_crystal.size_rad                    ? 
_exptl_crystal.colour_lustre               ? 
_exptl_crystal.colour_modifier             ? 
_exptl_crystal.colour_primary              ? 
_exptl_crystal.density_meas                ? 
_exptl_crystal.density_meas_esd            ? 
_exptl_crystal.density_meas_gt             ? 
_exptl_crystal.density_meas_lt             ? 
_exptl_crystal.density_meas_temp           ? 
_exptl_crystal.density_meas_temp_esd       ? 
_exptl_crystal.density_meas_temp_gt        ? 
_exptl_crystal.density_meas_temp_lt        ? 
_exptl_crystal.pdbx_crystal_image_url      ? 
_exptl_crystal.pdbx_crystal_image_format   ? 
_exptl_crystal.pdbx_mosaicity              ? 
_exptl_crystal.pdbx_mosaicity_esd          ? 
# 
_exptl_crystal_grow.apparatus       ? 
_exptl_crystal_grow.atmosphere      ? 
_exptl_crystal_grow.crystal_id      1 
_exptl_crystal_grow.details         ? 
_exptl_crystal_grow.method          'VAPOR DIFFUSION, HANGING DROP' 
_exptl_crystal_grow.method_ref      ? 
_exptl_crystal_grow.pH              4.5 
_exptl_crystal_grow.pressure        ? 
_exptl_crystal_grow.pressure_esd    ? 
_exptl_crystal_grow.seeding         ? 
_exptl_crystal_grow.seeding_ref     ? 
_exptl_crystal_grow.temp            293 
_exptl_crystal_grow.temp_details    ? 
_exptl_crystal_grow.temp_esd        ? 
_exptl_crystal_grow.time            ? 
_exptl_crystal_grow.pdbx_details    '25.5% PEG 8,000, 0.085 M sodium acetate buffer pH 4.5, 0.17 M Lithium Sulfate, 15% Glycerol' 
_exptl_crystal_grow.pdbx_pH_range   ? 
# 
_diffrn.ambient_environment    ? 
_diffrn.ambient_temp           100 
_diffrn.ambient_temp_details   ? 
_diffrn.ambient_temp_esd       ? 
_diffrn.crystal_id             1 
_diffrn.crystal_support        ? 
_diffrn.crystal_treatment      ? 
_diffrn.details                ? 
_diffrn.id                     1 
_diffrn.ambient_pressure       ? 
_diffrn.ambient_pressure_esd   ? 
_diffrn.ambient_pressure_gt    ? 
_diffrn.ambient_pressure_lt    ? 
_diffrn.ambient_temp_gt        ? 
_diffrn.ambient_temp_lt        ? 
# 
_diffrn_detector.details                      ? 
_diffrn_detector.detector                     CCD 
_diffrn_detector.diffrn_id                    1 
_diffrn_detector.type                         'MARMOSAIC 300 mm CCD' 
_diffrn_detector.area_resol_mean              ? 
_diffrn_detector.dtime                        ? 
_diffrn_detector.pdbx_frames_total            ? 
_diffrn_detector.pdbx_collection_time_total   ? 
_diffrn_detector.pdbx_collection_date         2010-10-10 
# 
_diffrn_radiation.collimation                      ? 
_diffrn_radiation.diffrn_id                        1 
_diffrn_radiation.filter_edge                      ? 
_diffrn_radiation.inhomogeneity                    ? 
_diffrn_radiation.monochromator                    ? 
_diffrn_radiation.polarisn_norm                    ? 
_diffrn_radiation.polarisn_ratio                   ? 
_diffrn_radiation.probe                            ? 
_diffrn_radiation.type                             ? 
_diffrn_radiation.xray_symbol                      ? 
_diffrn_radiation.wavelength_id                    1 
_diffrn_radiation.pdbx_monochromatic_or_laue_m_l   M 
_diffrn_radiation.pdbx_wavelength_list             ? 
_diffrn_radiation.pdbx_wavelength                  ? 
_diffrn_radiation.pdbx_diffrn_protocol             'SINGLE WAVELENGTH' 
_diffrn_radiation.pdbx_analyzer                    ? 
_diffrn_radiation.pdbx_scattering_type             x-ray 
# 
_diffrn_radiation_wavelength.id           1 
_diffrn_radiation_wavelength.wavelength   1.0000 
_diffrn_radiation_wavelength.wt           1.0 
# 
_diffrn_source.current                     ? 
_diffrn_source.details                     ? 
_diffrn_source.diffrn_id                   1 
_diffrn_source.power                       ? 
_diffrn_source.size                        ? 
_diffrn_source.source                      SYNCHROTRON 
_diffrn_source.target                      ? 
_diffrn_source.type                        'APS BEAMLINE 22-ID' 
_diffrn_source.voltage                     ? 
_diffrn_source.take-off_angle              ? 
_diffrn_source.pdbx_wavelength_list        1.0000 
_diffrn_source.pdbx_wavelength             ? 
_diffrn_source.pdbx_synchrotron_beamline   22-ID 
_diffrn_source.pdbx_synchrotron_site       APS 
# 
_reflns.B_iso_Wilson_estimate            ? 
_reflns.entry_id                         5KI9 
_reflns.data_reduction_details           ? 
_reflns.data_reduction_method            ? 
_reflns.d_resolution_high                1.550 
_reflns.d_resolution_low                 50.000 
_reflns.details                          ? 
_reflns.limit_h_max                      ? 
_reflns.limit_h_min                      ? 
_reflns.limit_k_max                      ? 
_reflns.limit_k_min                      ? 
_reflns.limit_l_max                      ? 
_reflns.limit_l_min                      ? 
_reflns.number_all                       ? 
_reflns.number_obs                       6994 
_reflns.observed_criterion               ? 
_reflns.observed_criterion_F_max         ? 
_reflns.observed_criterion_F_min         ? 
_reflns.observed_criterion_I_max         ? 
_reflns.observed_criterion_I_min         ? 
_reflns.observed_criterion_sigma_F       ? 
_reflns.observed_criterion_sigma_I       ? 
_reflns.percent_possible_obs             95.600 
_reflns.R_free_details                   ? 
_reflns.Rmerge_F_all                     ? 
_reflns.Rmerge_F_obs                     ? 
_reflns.Friedel_coverage                 ? 
_reflns.number_gt                        ? 
_reflns.threshold_expression             ? 
_reflns.pdbx_redundancy                  16.600 
_reflns.pdbx_Rmerge_I_obs                0.059 
_reflns.pdbx_Rmerge_I_all                ? 
_reflns.pdbx_Rsym_value                  ? 
_reflns.pdbx_netI_over_av_sigmaI         90.170 
_reflns.pdbx_netI_over_sigmaI            16.700 
_reflns.pdbx_res_netI_over_av_sigmaI_2   ? 
_reflns.pdbx_res_netI_over_sigmaI_2      ? 
_reflns.pdbx_chi_squared                 1.697 
_reflns.pdbx_scaling_rejects             ? 
_reflns.pdbx_d_res_high_opt              ? 
_reflns.pdbx_d_res_low_opt               ? 
_reflns.pdbx_d_res_opt_method            ? 
_reflns.phase_calculation_details        ? 
_reflns.pdbx_Rrim_I_all                  0.060 
_reflns.pdbx_Rpim_I_all                  0.014 
_reflns.pdbx_d_opt                       ? 
_reflns.pdbx_number_measured_all         116371 
_reflns.pdbx_diffrn_id                   1 
_reflns.pdbx_ordinal                     1 
_reflns.pdbx_CC_half                     ? 
_reflns.pdbx_R_split                     ? 
# 
loop_
_reflns_shell.d_res_high 
_reflns_shell.d_res_low 
_reflns_shell.meanI_over_sigI_all 
_reflns_shell.meanI_over_sigI_obs 
_reflns_shell.number_measured_all 
_reflns_shell.number_measured_obs 
_reflns_shell.number_possible 
_reflns_shell.number_unique_all 
_reflns_shell.number_unique_obs 
_reflns_shell.percent_possible_all 
_reflns_shell.percent_possible_obs 
_reflns_shell.Rmerge_F_all 
_reflns_shell.Rmerge_F_obs 
_reflns_shell.Rmerge_I_all 
_reflns_shell.Rmerge_I_obs 
_reflns_shell.meanI_over_sigI_gt 
_reflns_shell.meanI_over_uI_all 
_reflns_shell.meanI_over_uI_gt 
_reflns_shell.number_measured_gt 
_reflns_shell.number_unique_gt 
_reflns_shell.percent_possible_gt 
_reflns_shell.Rmerge_F_gt 
_reflns_shell.Rmerge_I_gt 
_reflns_shell.pdbx_redundancy 
_reflns_shell.pdbx_Rsym_value 
_reflns_shell.pdbx_chi_squared 
_reflns_shell.pdbx_netI_over_sigmaI_all 
_reflns_shell.pdbx_netI_over_sigmaI_obs 
_reflns_shell.pdbx_Rrim_I_all 
_reflns_shell.pdbx_Rpim_I_all 
_reflns_shell.pdbx_rejects 
_reflns_shell.pdbx_ordinal 
_reflns_shell.pdbx_diffrn_id 
_reflns_shell.pdbx_CC_half 
_reflns_shell.pdbx_R_split 
1.550 1.580  ? ? ? ? ? ? ? 8.000   ? ? ? ? 0.865 ? ? ? ? ? ? ? ? 7.300  ? ? ? ? ? ? ? 1  1 ? ? 
1.580 1.610  ? ? ? ? ? ? ? 100.000 ? ? ? ? 0.703 ? ? ? ? ? ? ? ? 11.700 ? ? ? ? ? ? ? 2  1 ? ? 
1.610 1.640  ? ? ? ? ? ? ? 100.000 ? ? ? ? 0.509 ? ? ? ? ? ? ? ? 12.400 ? ? ? ? ? ? ? 3  1 ? ? 
1.640 1.670  ? ? ? ? ? ? ? 100.000 ? ? ? ? 0.426 ? ? ? ? ? ? ? ? 12.200 ? ? ? ? ? ? ? 4  1 ? ? 
1.670 1.710  ? ? ? ? ? ? ? 100.000 ? ? ? ? 0.319 ? ? ? ? ? ? ? ? 12.600 ? ? ? ? ? ? ? 5  1 ? ? 
1.710 1.750  ? ? ? ? ? ? ? 100.000 ? ? ? ? 0.274 ? ? ? ? ? ? ? ? 12.200 ? ? ? ? ? ? ? 6  1 ? ? 
1.750 1.790  ? ? ? ? ? ? ? 100.000 ? ? ? ? 0.197 ? ? ? ? ? ? ? ? 12.500 ? ? ? ? ? ? ? 7  1 ? ? 
1.790 1.840  ? ? ? ? ? ? ? 100.000 ? ? ? ? 0.150 ? ? ? ? ? ? ? ? 12.300 ? ? ? ? ? ? ? 8  1 ? ? 
1.840 1.890  ? ? ? ? ? ? ? 100.000 ? ? ? ? 0.119 ? ? ? ? ? ? ? ? 12.400 ? ? ? ? ? ? ? 9  1 ? ? 
1.890 1.950  ? ? ? ? ? ? ? 100.000 ? ? ? ? 0.094 ? ? ? ? ? ? ? ? 12.400 ? ? ? ? ? ? ? 10 1 ? ? 
1.950 2.020  ? ? ? ? ? ? ? 100.000 ? ? ? ? 0.083 ? ? ? ? ? ? ? ? 12.300 ? ? ? ? ? ? ? 11 1 ? ? 
2.020 2.100  ? ? ? ? ? ? ? 100.000 ? ? ? ? 0.070 ? ? ? ? ? ? ? ? 12.200 ? ? ? ? ? ? ? 12 1 ? ? 
2.100 2.200  ? ? ? ? ? ? ? 100.000 ? ? ? ? 0.177 ? ? ? ? ? ? ? ? 16.600 ? ? ? ? ? ? ? 13 1 ? ? 
2.200 2.320  ? ? ? ? ? ? ? 100.000 ? ? ? ? 0.200 ? ? ? ? ? ? ? ? 25.800 ? ? ? ? ? ? ? 14 1 ? ? 
2.320 2.460  ? ? ? ? ? ? ? 100.000 ? ? ? ? 0.135 ? ? ? ? ? ? ? ? 25.800 ? ? ? ? ? ? ? 15 1 ? ? 
2.460 2.650  ? ? ? ? ? ? ? 100.000 ? ? ? ? 0.113 ? ? ? ? ? ? ? ? 25.600 ? ? ? ? ? ? ? 16 1 ? ? 
2.650 2.920  ? ? ? ? ? ? ? 100.000 ? ? ? ? 0.088 ? ? ? ? ? ? ? ? 25.200 ? ? ? ? ? ? ? 17 1 ? ? 
2.920 3.340  ? ? ? ? ? ? ? 100.000 ? ? ? ? 0.062 ? ? ? ? ? ? ? ? 23.900 ? ? ? ? ? ? ? 18 1 ? ? 
3.340 4.210  ? ? ? ? ? ? ? 100.000 ? ? ? ? 0.049 ? ? ? ? ? ? ? ? 21.600 ? ? ? ? ? ? ? 19 1 ? ? 
4.210 50.000 ? ? ? ? ? ? ? 100.000 ? ? ? ? 0.041 ? ? ? ? ? ? ? ? 15.600 ? ? ? ? ? ? ? 20 1 ? ? 
# 
_refine.aniso_B[1][1]                            -0.4900 
_refine.aniso_B[1][2]                            0.0000 
_refine.aniso_B[1][3]                            0.0000 
_refine.aniso_B[2][2]                            -0.4900 
_refine.aniso_B[2][3]                            0.0000 
_refine.aniso_B[3][3]                            0.9900 
_refine.B_iso_max                                170.240 
_refine.B_iso_mean                               51.1730 
_refine.B_iso_min                                30.090 
_refine.correlation_coeff_Fo_to_Fc               0.9560 
_refine.correlation_coeff_Fo_to_Fc_free          0.9310 
_refine.details                                  
'HYDROGENS HAVE BEEN ADDED IN THE RIDING POSITIONS U VALUES      : REFINED INDIVIDUALLY' 
_refine.diff_density_max                         ? 
_refine.diff_density_max_esd                     ? 
_refine.diff_density_min                         ? 
_refine.diff_density_min_esd                     ? 
_refine.diff_density_rms                         ? 
_refine.diff_density_rms_esd                     ? 
_refine.entry_id                                 5KI9 
_refine.pdbx_refine_id                           'X-RAY DIFFRACTION' 
_refine.ls_abs_structure_details                 ? 
_refine.ls_abs_structure_Flack                   ? 
_refine.ls_abs_structure_Flack_esd               ? 
_refine.ls_abs_structure_Rogers                  ? 
_refine.ls_abs_structure_Rogers_esd              ? 
_refine.ls_d_res_high                            1.6000 
_refine.ls_d_res_low                             15.0000 
_refine.ls_extinction_coef                       ? 
_refine.ls_extinction_coef_esd                   ? 
_refine.ls_extinction_expression                 ? 
_refine.ls_extinction_method                     ? 
_refine.ls_goodness_of_fit_all                   ? 
_refine.ls_goodness_of_fit_all_esd               ? 
_refine.ls_goodness_of_fit_obs                   ? 
_refine.ls_goodness_of_fit_obs_esd               ? 
_refine.ls_hydrogen_treatment                    ? 
_refine.ls_matrix_type                           ? 
_refine.ls_number_constraints                    ? 
_refine.ls_number_parameters                     ? 
_refine.ls_number_reflns_all                     ? 
_refine.ls_number_reflns_obs                     5916 
_refine.ls_number_reflns_R_free                  645 
_refine.ls_number_reflns_R_work                  ? 
_refine.ls_number_restraints                     ? 
_refine.ls_percent_reflns_obs                    100.0000 
_refine.ls_percent_reflns_R_free                 9.8000 
_refine.ls_R_factor_all                          ? 
_refine.ls_R_factor_obs                          0.2336 
_refine.ls_R_factor_R_free                       0.2678 
_refine.ls_R_factor_R_free_error                 ? 
_refine.ls_R_factor_R_free_error_details         ? 
_refine.ls_R_factor_R_work                       0.2300 
_refine.ls_R_Fsqd_factor_obs                     ? 
_refine.ls_R_I_factor_obs                        ? 
_refine.ls_redundancy_reflns_all                 ? 
_refine.ls_redundancy_reflns_obs                 ? 
_refine.ls_restrained_S_all                      ? 
_refine.ls_restrained_S_obs                      ? 
_refine.ls_shift_over_esd_max                    ? 
_refine.ls_shift_over_esd_mean                   ? 
_refine.ls_structure_factor_coef                 ? 
_refine.ls_weighting_details                     ? 
_refine.ls_weighting_scheme                      ? 
_refine.ls_wR_factor_all                         ? 
_refine.ls_wR_factor_obs                         ? 
_refine.ls_wR_factor_R_free                      ? 
_refine.ls_wR_factor_R_work                      ? 
_refine.occupancy_max                            ? 
_refine.occupancy_min                            ? 
_refine.solvent_model_details                    ? 
_refine.solvent_model_param_bsol                 ? 
_refine.solvent_model_param_ksol                 ? 
_refine.ls_R_factor_gt                           ? 
_refine.ls_goodness_of_fit_gt                    ? 
_refine.ls_goodness_of_fit_ref                   ? 
_refine.ls_shift_over_su_max                     ? 
_refine.ls_shift_over_su_max_lt                  ? 
_refine.ls_shift_over_su_mean                    ? 
_refine.ls_shift_over_su_mean_lt                 ? 
_refine.pdbx_ls_sigma_I                          ? 
_refine.pdbx_ls_sigma_F                          0.000 
_refine.pdbx_ls_sigma_Fsqd                       ? 
_refine.pdbx_data_cutoff_high_absF               ? 
_refine.pdbx_data_cutoff_high_rms_absF           ? 
_refine.pdbx_data_cutoff_low_absF                ? 
_refine.pdbx_isotropic_thermal_model             ? 
_refine.pdbx_ls_cross_valid_method               THROUGHOUT 
_refine.pdbx_method_to_determine_struct          MAD 
_refine.pdbx_starting_model                      ? 
_refine.pdbx_stereochemistry_target_values       ? 
_refine.pdbx_R_Free_selection_details            RANDOM 
_refine.pdbx_stereochem_target_val_spec_case     ? 
_refine.pdbx_overall_ESU_R                       0.1590 
_refine.pdbx_overall_ESU_R_Free                  0.1150 
_refine.pdbx_solvent_vdw_probe_radii             1.2000 
_refine.pdbx_solvent_ion_probe_radii             0.8000 
_refine.pdbx_solvent_shrinkage_radii             0.8000 
_refine.pdbx_real_space_R                        ? 
_refine.pdbx_density_correlation                 ? 
_refine.pdbx_pd_number_of_powder_patterns        ? 
_refine.pdbx_pd_number_of_points                 ? 
_refine.pdbx_pd_meas_number_of_points            ? 
_refine.pdbx_pd_proc_ls_prof_R_factor            ? 
_refine.pdbx_pd_proc_ls_prof_wR_factor           ? 
_refine.pdbx_pd_Marquardt_correlation_coeff      ? 
_refine.pdbx_pd_Fsqrd_R_factor                   ? 
_refine.pdbx_pd_ls_matrix_band_width             ? 
_refine.pdbx_overall_phase_error                 ? 
_refine.pdbx_overall_SU_R_free_Cruickshank_DPI   ? 
_refine.pdbx_overall_SU_R_free_Blow_DPI          ? 
_refine.pdbx_overall_SU_R_Blow_DPI               ? 
_refine.pdbx_TLS_residual_ADP_flag               ? 
_refine.pdbx_diffrn_id                           1 
_refine.overall_SU_B                             5.6580 
_refine.overall_SU_ML                            0.0870 
_refine.overall_SU_R_Cruickshank_DPI             0.1588 
_refine.overall_SU_R_free                        ? 
_refine.overall_FOM_free_R_set                   ? 
_refine.overall_FOM_work_R_set                   ? 
_refine.pdbx_average_fsc_overall                 ? 
_refine.pdbx_average_fsc_work                    ? 
_refine.pdbx_average_fsc_free                    ? 
# 
_refine_hist.cycle_id                         final 
_refine_hist.pdbx_refine_id                   'X-RAY DIFFRACTION' 
_refine_hist.d_res_high                       1.6000 
_refine_hist.d_res_low                        15.0000 
_refine_hist.pdbx_number_atoms_ligand         21 
_refine_hist.number_atoms_solvent             17 
_refine_hist.number_atoms_total               401 
_refine_hist.pdbx_number_residues_total       43 
_refine_hist.pdbx_B_iso_mean_ligand           56.03 
_refine_hist.pdbx_B_iso_mean_solvent          74.82 
_refine_hist.pdbx_number_atoms_protein        363 
_refine_hist.pdbx_number_atoms_nucleic_acid   0 
# 
loop_
_refine_ls_restr.pdbx_refine_id 
_refine_ls_restr.criterion 
_refine_ls_restr.dev_ideal 
_refine_ls_restr.dev_ideal_target 
_refine_ls_restr.number 
_refine_ls_restr.rejects 
_refine_ls_restr.type 
_refine_ls_restr.weight 
_refine_ls_restr.pdbx_restraint_function 
'X-RAY DIFFRACTION' ? 0.020  0.021  389 ? r_bond_refined_d       ? ? 
'X-RAY DIFFRACTION' ? 2.050  2.047  523 ? r_angle_refined_deg    ? ? 
'X-RAY DIFFRACTION' ? 7.294  5.000  42  ? r_dihedral_angle_1_deg ? ? 
'X-RAY DIFFRACTION' ? 32.161 20.500 20  ? r_dihedral_angle_2_deg ? ? 
'X-RAY DIFFRACTION' ? 18.258 15.000 57  ? r_dihedral_angle_3_deg ? ? 
'X-RAY DIFFRACTION' ? 20.028 15.000 7   ? r_dihedral_angle_4_deg ? ? 
'X-RAY DIFFRACTION' ? 0.129  0.200  46  ? r_chiral_restr         ? ? 
'X-RAY DIFFRACTION' ? 0.009  0.020  292 ? r_gen_planes_refined   ? ? 
'X-RAY DIFFRACTION' ? 2.880  1.500  214 ? r_mcbond_it            ? ? 
'X-RAY DIFFRACTION' ? 4.964  2.000  341 ? r_mcangle_it           ? ? 
'X-RAY DIFFRACTION' ? 5.452  3.000  175 ? r_scbond_it            ? ? 
'X-RAY DIFFRACTION' ? 8.514  4.500  182 ? r_scangle_it           ? ? 
'X-RAY DIFFRACTION' ? 2.926  3.000  389 ? r_rigid_bond_restr     ? ? 
# 
_refine_ls_shell.pdbx_refine_id                   'X-RAY DIFFRACTION' 
_refine_ls_shell.d_res_high                       1.6000 
_refine_ls_shell.d_res_low                        1.6410 
_refine_ls_shell.number_reflns_all                462 
_refine_ls_shell.number_reflns_obs                ? 
_refine_ls_shell.number_reflns_R_free             46 
_refine_ls_shell.number_reflns_R_work             416 
_refine_ls_shell.percent_reflns_obs               100.0000 
_refine_ls_shell.percent_reflns_R_free            ? 
_refine_ls_shell.R_factor_all                     ? 
_refine_ls_shell.R_factor_obs                     ? 
_refine_ls_shell.R_factor_R_free                  0.3470 
_refine_ls_shell.R_factor_R_free_error            ? 
_refine_ls_shell.R_factor_R_work                  0.2900 
_refine_ls_shell.redundancy_reflns_all            ? 
_refine_ls_shell.redundancy_reflns_obs            ? 
_refine_ls_shell.wR_factor_all                    ? 
_refine_ls_shell.wR_factor_obs                    ? 
_refine_ls_shell.wR_factor_R_free                 ? 
_refine_ls_shell.wR_factor_R_work                 ? 
_refine_ls_shell.pdbx_total_number_of_bins_used   20 
_refine_ls_shell.pdbx_phase_error                 ? 
_refine_ls_shell.pdbx_fsc_work                    ? 
_refine_ls_shell.pdbx_fsc_free                    ? 
# 
_struct.entry_id                     5KI9 
_struct.title                        'Crystal structure of human beta-defensin 4 (HBD4)' 
_struct.pdbx_model_details           ? 
_struct.pdbx_formula_weight          ? 
_struct.pdbx_formula_weight_method   ? 
_struct.pdbx_model_type_details      ? 
_struct.pdbx_CASP_flag               N 
# 
_struct_keywords.entry_id        5KI9 
_struct_keywords.text            'DEFENSIN, ANTIMICROBIAL, CHEMOTACTIC, DIMERIZATION, ANTIMICROBIAL PROTEIN' 
_struct_keywords.pdbx_keywords   'ANTIMICROBIAL PROTEIN' 
# 
loop_
_struct_asym.id 
_struct_asym.pdbx_blank_PDB_chainid_flag 
_struct_asym.pdbx_modified 
_struct_asym.entity_id 
_struct_asym.details 
A N N 1 ? 
B N N 2 ? 
C N N 2 ? 
D N N 2 ? 
E N N 3 ? 
F N N 4 ? 
# 
_struct_ref.id                         1 
_struct_ref.db_name                    UNP 
_struct_ref.db_code                    D104A_HUMAN 
_struct_ref.pdbx_db_accession          Q8WTQ1 
_struct_ref.pdbx_db_isoform            ? 
_struct_ref.entity_id                  1 
_struct_ref.pdbx_seq_one_letter_code   EFELDRICGYGTARCRKKCRSQEYRIGRCPNTYACCLRKWDES 
_struct_ref.pdbx_align_begin           23 
# 
_struct_ref_seq.align_id                      1 
_struct_ref_seq.ref_id                        1 
_struct_ref_seq.pdbx_PDB_id_code              5KI9 
_struct_ref_seq.pdbx_strand_id                A 
_struct_ref_seq.seq_align_beg                 1 
_struct_ref_seq.pdbx_seq_align_beg_ins_code   ? 
_struct_ref_seq.seq_align_end                 43 
_struct_ref_seq.pdbx_seq_align_end_ins_code   ? 
_struct_ref_seq.pdbx_db_accession             Q8WTQ1 
_struct_ref_seq.db_align_beg                  23 
_struct_ref_seq.pdbx_db_align_beg_ins_code    ? 
_struct_ref_seq.db_align_end                  65 
_struct_ref_seq.pdbx_db_align_end_ins_code    ? 
_struct_ref_seq.pdbx_auth_seq_align_beg       1 
_struct_ref_seq.pdbx_auth_seq_align_end       43 
# 
_pdbx_struct_assembly.id                   1 
_pdbx_struct_assembly.details              software_defined_assembly 
_pdbx_struct_assembly.method_details       PISA 
_pdbx_struct_assembly.oligomeric_details   dimeric 
_pdbx_struct_assembly.oligomeric_count     2 
# 
loop_
_pdbx_struct_assembly_prop.biol_id 
_pdbx_struct_assembly_prop.type 
_pdbx_struct_assembly_prop.value 
_pdbx_struct_assembly_prop.details 
1 'ABSA (A^2)' 3070 ? 
1 MORE         -92  ? 
1 'SSA (A^2)'  6290 ? 
# 
_pdbx_struct_assembly_gen.assembly_id       1 
_pdbx_struct_assembly_gen.oper_expression   1,2 
_pdbx_struct_assembly_gen.asym_id_list      A,B,C,D,E,F 
# 
loop_
_pdbx_struct_oper_list.id 
_pdbx_struct_oper_list.type 
_pdbx_struct_oper_list.name 
_pdbx_struct_oper_list.symmetry_operation 
_pdbx_struct_oper_list.matrix[1][1] 
_pdbx_struct_oper_list.matrix[1][2] 
_pdbx_struct_oper_list.matrix[1][3] 
_pdbx_struct_oper_list.vector[1] 
_pdbx_struct_oper_list.matrix[2][1] 
_pdbx_struct_oper_list.matrix[2][2] 
_pdbx_struct_oper_list.matrix[2][3] 
_pdbx_struct_oper_list.vector[2] 
_pdbx_struct_oper_list.matrix[3][1] 
_pdbx_struct_oper_list.matrix[3][2] 
_pdbx_struct_oper_list.matrix[3][3] 
_pdbx_struct_oper_list.vector[3] 
1 'identity operation'         1_555 x,y,z    1.0000000000 0.0000000000  0.0000000000 0.0000000000  0.0000000000  1.0000000000  0.0000000000  0.0000000000  0.0000000000 0.0000000000  1.0000000000  0.0000000000  
2 'crystal symmetry operation' 7_556 y,x,-z+1 0.5347699473 -0.3674144547 0.7609387110 -7.4742371205 -0.3674144547 -0.9120432468 -0.1821640319 -8.4699596123 0.7609387110 -0.1821640319 -0.6227267006 10.9854431094 
# 
_struct_biol.id        1 
_struct_biol.details   'author states the biological assembly is unknown' 
# 
loop_
_struct_conn.id 
_struct_conn.conn_type_id 
_struct_conn.pdbx_leaving_atom_flag 
_struct_conn.pdbx_PDB_id 
_struct_conn.ptnr1_label_asym_id 
_struct_conn.ptnr1_label_comp_id 
_struct_conn.ptnr1_label_seq_id 
_struct_conn.ptnr1_label_atom_id 
_struct_conn.pdbx_ptnr1_label_alt_id 
_struct_conn.pdbx_ptnr1_PDB_ins_code 
_struct_conn.pdbx_ptnr1_standard_comp_id 
_struct_conn.ptnr1_symmetry 
_struct_conn.ptnr2_label_asym_id 
_struct_conn.ptnr2_label_comp_id 
_struct_conn.ptnr2_label_seq_id 
_struct_conn.ptnr2_label_atom_id 
_struct_conn.pdbx_ptnr2_label_alt_id 
_struct_conn.pdbx_ptnr2_PDB_ins_code 
_struct_conn.ptnr1_auth_asym_id 
_struct_conn.ptnr1_auth_comp_id 
_struct_conn.ptnr1_auth_seq_id 
_struct_conn.ptnr2_auth_asym_id 
_struct_conn.ptnr2_auth_comp_id 
_struct_conn.ptnr2_auth_seq_id 
_struct_conn.ptnr2_symmetry 
_struct_conn.pdbx_ptnr3_label_atom_id 
_struct_conn.pdbx_ptnr3_label_seq_id 
_struct_conn.pdbx_ptnr3_label_comp_id 
_struct_conn.pdbx_ptnr3_label_asym_id 
_struct_conn.pdbx_ptnr3_label_alt_id 
_struct_conn.pdbx_ptnr3_PDB_ins_code 
_struct_conn.details 
_struct_conn.pdbx_dist_value 
_struct_conn.pdbx_value_order 
_struct_conn.pdbx_role 
disulf1 disulf ?    ? A CYS 8  SG ? ? ? 1_555 A CYS 35 SG ? ? A CYS 8  A CYS 35 1_555 ? ? ? ? ? ? ? 2.076 ? ? 
disulf2 disulf ?    ? A CYS 15 SG ? ? ? 1_555 A CYS 29 SG ? ? A CYS 15 A CYS 29 1_555 ? ? ? ? ? ? ? 2.016 ? ? 
disulf3 disulf ?    ? A CYS 19 SG ? ? ? 1_555 A CYS 36 SG ? ? A CYS 19 A CYS 36 1_555 ? ? ? ? ? ? ? 2.092 ? ? 
covale1 covale both ? A ARG 16 C  ? ? ? 1_555 A MLY 17 N  ? ? A ARG 16 A MLY 17 1_555 ? ? ? ? ? ? ? 1.325 ? ? 
covale2 covale both ? A MLY 17 C  ? ? ? 1_555 A MLY 18 N  ? ? A MLY 17 A MLY 18 1_555 ? ? ? ? ? ? ? 1.328 ? ? 
covale3 covale both ? A MLY 18 C  ? ? ? 1_555 A CYS 19 N  ? ? A MLY 18 A CYS 19 1_555 ? ? ? ? ? ? ? 1.324 ? ? 
covale4 covale both ? A ARG 38 C  ? ? ? 1_555 A MLY 39 N  ? ? A ARG 38 A MLY 39 1_555 ? ? ? ? ? ? ? 1.327 ? ? 
covale5 covale both ? A MLY 39 C  ? ? ? 1_555 A TRP 40 N  ? ? A MLY 39 A TRP 40 1_555 ? ? ? ? ? ? ? 1.322 ? ? 
# 
loop_
_struct_conn_type.id 
_struct_conn_type.criteria 
_struct_conn_type.reference 
disulf ? ? 
covale ? ? 
# 
loop_
_pdbx_modification_feature.ordinal 
_pdbx_modification_feature.label_comp_id 
_pdbx_modification_feature.label_asym_id 
_pdbx_modification_feature.label_seq_id 
_pdbx_modification_feature.label_alt_id 
_pdbx_modification_feature.modified_residue_label_comp_id 
_pdbx_modification_feature.modified_residue_label_asym_id 
_pdbx_modification_feature.modified_residue_label_seq_id 
_pdbx_modification_feature.modified_residue_label_alt_id 
_pdbx_modification_feature.auth_comp_id 
_pdbx_modification_feature.auth_asym_id 
_pdbx_modification_feature.auth_seq_id 
_pdbx_modification_feature.PDB_ins_code 
_pdbx_modification_feature.symmetry 
_pdbx_modification_feature.modified_residue_auth_comp_id 
_pdbx_modification_feature.modified_residue_auth_asym_id 
_pdbx_modification_feature.modified_residue_auth_seq_id 
_pdbx_modification_feature.modified_residue_PDB_ins_code 
_pdbx_modification_feature.modified_residue_symmetry 
_pdbx_modification_feature.comp_id_linking_atom 
_pdbx_modification_feature.modified_residue_id_linking_atom 
_pdbx_modification_feature.modified_residue_id 
_pdbx_modification_feature.ref_pcm_id 
_pdbx_modification_feature.ref_comp_id 
_pdbx_modification_feature.type 
_pdbx_modification_feature.category 
1 MLY A 17 ? .   . .  . MLY A 17 ? 1_555 .   . .  . .     .  .  LYS 1 MLY Methylation 'Named protein modification' 
2 MLY A 18 ? .   . .  . MLY A 18 ? 1_555 .   . .  . .     .  .  LYS 1 MLY Methylation 'Named protein modification' 
3 MLY A 39 ? .   . .  . MLY A 39 ? 1_555 .   . .  . .     .  .  LYS 1 MLY Methylation 'Named protein modification' 
4 CYS A 8  ? CYS A 35 ? CYS A 8  ? 1_555 CYS A 35 ? 1_555 SG SG .   . .   None        'Disulfide bridge'           
5 CYS A 15 ? CYS A 29 ? CYS A 15 ? 1_555 CYS A 29 ? 1_555 SG SG .   . .   None        'Disulfide bridge'           
6 CYS A 19 ? CYS A 36 ? CYS A 19 ? 1_555 CYS A 36 ? 1_555 SG SG .   . .   None        'Disulfide bridge'           
# 
_struct_sheet.id               AA1 
_struct_sheet.type             ? 
_struct_sheet.number_strands   4 
_struct_sheet.details          ? 
# 
loop_
_struct_sheet_order.sheet_id 
_struct_sheet_order.range_id_1 
_struct_sheet_order.range_id_2 
_struct_sheet_order.offset 
_struct_sheet_order.sense 
AA1 1 2 ? anti-parallel 
AA1 2 3 ? anti-parallel 
AA1 3 4 ? anti-parallel 
# 
loop_
_struct_sheet_range.sheet_id 
_struct_sheet_range.id 
_struct_sheet_range.beg_label_comp_id 
_struct_sheet_range.beg_label_asym_id 
_struct_sheet_range.beg_label_seq_id 
_struct_sheet_range.pdbx_beg_PDB_ins_code 
_struct_sheet_range.end_label_comp_id 
_struct_sheet_range.end_label_asym_id 
_struct_sheet_range.end_label_seq_id 
_struct_sheet_range.pdbx_end_PDB_ins_code 
_struct_sheet_range.beg_auth_comp_id 
_struct_sheet_range.beg_auth_asym_id 
_struct_sheet_range.beg_auth_seq_id 
_struct_sheet_range.end_auth_comp_id 
_struct_sheet_range.end_auth_asym_id 
_struct_sheet_range.end_auth_seq_id 
AA1 1 ILE A 7  ? CYS A 8  ? ILE A 7  CYS A 8  
AA1 2 ALA A 13 ? ARG A 16 ? ALA A 13 ARG A 16 
AA1 3 ALA A 34 ? ARG A 38 ? ALA A 34 ARG A 38 
AA1 4 GLU A 23 ? ARG A 28 ? GLU A 23 ARG A 28 
# 
loop_
_pdbx_struct_sheet_hbond.sheet_id 
_pdbx_struct_sheet_hbond.range_id_1 
_pdbx_struct_sheet_hbond.range_id_2 
_pdbx_struct_sheet_hbond.range_1_label_atom_id 
_pdbx_struct_sheet_hbond.range_1_label_comp_id 
_pdbx_struct_sheet_hbond.range_1_label_asym_id 
_pdbx_struct_sheet_hbond.range_1_label_seq_id 
_pdbx_struct_sheet_hbond.range_1_PDB_ins_code 
_pdbx_struct_sheet_hbond.range_1_auth_atom_id 
_pdbx_struct_sheet_hbond.range_1_auth_comp_id 
_pdbx_struct_sheet_hbond.range_1_auth_asym_id 
_pdbx_struct_sheet_hbond.range_1_auth_seq_id 
_pdbx_struct_sheet_hbond.range_2_label_atom_id 
_pdbx_struct_sheet_hbond.range_2_label_comp_id 
_pdbx_struct_sheet_hbond.range_2_label_asym_id 
_pdbx_struct_sheet_hbond.range_2_label_seq_id 
_pdbx_struct_sheet_hbond.range_2_PDB_ins_code 
_pdbx_struct_sheet_hbond.range_2_auth_atom_id 
_pdbx_struct_sheet_hbond.range_2_auth_comp_id 
_pdbx_struct_sheet_hbond.range_2_auth_asym_id 
_pdbx_struct_sheet_hbond.range_2_auth_seq_id 
AA1 1 2 N CYS A 8  ? N CYS A 8  O ALA A 13 ? O ALA A 13 
AA1 2 3 N ARG A 14 ? N ARG A 14 O CYS A 36 ? O CYS A 36 
AA1 3 4 O LEU A 37 ? O LEU A 37 N TYR A 24 ? N TYR A 24 
# 
loop_
_struct_site.id 
_struct_site.pdbx_evidence_code 
_struct_site.pdbx_auth_asym_id 
_struct_site.pdbx_auth_comp_id 
_struct_site.pdbx_auth_seq_id 
_struct_site.pdbx_auth_ins_code 
_struct_site.pdbx_num_residues 
_struct_site.details 
AC1 Software A SO4 101 ? 3 'binding site for residue SO4 A 101' 
AC2 Software A SO4 102 ? 4 'binding site for residue SO4 A 102' 
AC3 Software A SO4 103 ? 3 'binding site for residue SO4 A 103' 
AC4 Software A TFA 104 ? 6 'binding site for residue TFA A 104' 
# 
loop_
_struct_site_gen.id 
_struct_site_gen.site_id 
_struct_site_gen.pdbx_num_res 
_struct_site_gen.label_comp_id 
_struct_site_gen.label_asym_id 
_struct_site_gen.label_seq_id 
_struct_site_gen.pdbx_auth_ins_code 
_struct_site_gen.auth_comp_id 
_struct_site_gen.auth_asym_id 
_struct_site_gen.auth_seq_id 
_struct_site_gen.label_atom_id 
_struct_site_gen.label_alt_id 
_struct_site_gen.symmetry 
_struct_site_gen.details 
1  AC1 3 GLU A 1  ? GLU A 1  . ? 3_554 ? 
2  AC1 3 TYR A 24 ? TYR A 24 . ? 1_555 ? 
3  AC1 3 ARG A 25 ? ARG A 25 . ? 1_555 ? 
4  AC2 4 ARG A 20 ? ARG A 20 . ? 7_556 ? 
5  AC2 4 ARG A 20 ? ARG A 20 . ? 1_555 ? 
6  AC2 4 SER A 21 ? SER A 21 . ? 1_555 ? 
7  AC2 4 SER A 21 ? SER A 21 . ? 7_556 ? 
8  AC3 3 MLY A 17 ? MLY A 17 . ? 7_556 ? 
9  AC3 3 ARG A 38 ? ARG A 38 . ? 1_555 ? 
10 AC3 3 SER A 43 ? SER A 43 . ? 1_555 ? 
11 AC4 6 ARG A 14 ? ARG A 14 . ? 1_555 ? 
12 AC4 6 ARG A 16 ? ARG A 16 . ? 7_556 ? 
13 AC4 6 ARG A 16 ? ARG A 16 . ? 1_555 ? 
14 AC4 6 MLY A 17 ? MLY A 17 . ? 7_556 ? 
15 AC4 6 MLY A 18 ? MLY A 18 . ? 7_556 ? 
16 AC4 6 ARG A 20 ? ARG A 20 . ? 1_555 ? 
# 
_pdbx_entry_details.entry_id                   5KI9 
_pdbx_entry_details.compound_details           ? 
_pdbx_entry_details.source_details             ? 
_pdbx_entry_details.nonpolymer_details         ? 
_pdbx_entry_details.sequence_details           ? 
_pdbx_entry_details.has_ligand_of_interest     ? 
_pdbx_entry_details.has_protein_modification   Y 
# 
loop_
_pdbx_validate_torsion.id 
_pdbx_validate_torsion.PDB_model_num 
_pdbx_validate_torsion.auth_comp_id 
_pdbx_validate_torsion.auth_asym_id 
_pdbx_validate_torsion.auth_seq_id 
_pdbx_validate_torsion.PDB_ins_code 
_pdbx_validate_torsion.label_alt_id 
_pdbx_validate_torsion.phi 
_pdbx_validate_torsion.psi 
1 1 CYS A 8  ? ? -105.69 -165.08 
2 1 GLN A 22 ? ? -99.24  34.80   
3 1 THR A 32 ? ? 112.47  -26.91  
# 
loop_
_pdbx_struct_mod_residue.id 
_pdbx_struct_mod_residue.label_asym_id 
_pdbx_struct_mod_residue.label_comp_id 
_pdbx_struct_mod_residue.label_seq_id 
_pdbx_struct_mod_residue.auth_asym_id 
_pdbx_struct_mod_residue.auth_comp_id 
_pdbx_struct_mod_residue.auth_seq_id 
_pdbx_struct_mod_residue.PDB_ins_code 
_pdbx_struct_mod_residue.parent_comp_id 
_pdbx_struct_mod_residue.details 
1 A MLY 17 A MLY 17 ? LYS 'modified residue' 
2 A MLY 18 A MLY 18 ? LYS 'modified residue' 
3 A MLY 39 A MLY 39 ? LYS 'modified residue' 
# 
_phasing.method   MAD 
# 
loop_
_chem_comp_atom.comp_id 
_chem_comp_atom.atom_id 
_chem_comp_atom.type_symbol 
_chem_comp_atom.pdbx_aromatic_flag 
_chem_comp_atom.pdbx_stereo_config 
_chem_comp_atom.pdbx_ordinal 
ALA N    N N N 1   
ALA CA   C N S 2   
ALA C    C N N 3   
ALA O    O N N 4   
ALA CB   C N N 5   
ALA OXT  O N N 6   
ALA H    H N N 7   
ALA H2   H N N 8   
ALA HA   H N N 9   
ALA HB1  H N N 10  
ALA HB2  H N N 11  
ALA HB3  H N N 12  
ALA HXT  H N N 13  
ARG N    N N N 14  
ARG CA   C N S 15  
ARG C    C N N 16  
ARG O    O N N 17  
ARG CB   C N N 18  
ARG CG   C N N 19  
ARG CD   C N N 20  
ARG NE   N N N 21  
ARG CZ   C N N 22  
ARG NH1  N N N 23  
ARG NH2  N N N 24  
ARG OXT  O N N 25  
ARG H    H N N 26  
ARG H2   H N N 27  
ARG HA   H N N 28  
ARG HB2  H N N 29  
ARG HB3  H N N 30  
ARG HG2  H N N 31  
ARG HG3  H N N 32  
ARG HD2  H N N 33  
ARG HD3  H N N 34  
ARG HE   H N N 35  
ARG HH11 H N N 36  
ARG HH12 H N N 37  
ARG HH21 H N N 38  
ARG HH22 H N N 39  
ARG HXT  H N N 40  
ASN N    N N N 41  
ASN CA   C N S 42  
ASN C    C N N 43  
ASN O    O N N 44  
ASN CB   C N N 45  
ASN CG   C N N 46  
ASN OD1  O N N 47  
ASN ND2  N N N 48  
ASN OXT  O N N 49  
ASN H    H N N 50  
ASN H2   H N N 51  
ASN HA   H N N 52  
ASN HB2  H N N 53  
ASN HB3  H N N 54  
ASN HD21 H N N 55  
ASN HD22 H N N 56  
ASN HXT  H N N 57  
ASP N    N N N 58  
ASP CA   C N S 59  
ASP C    C N N 60  
ASP O    O N N 61  
ASP CB   C N N 62  
ASP CG   C N N 63  
ASP OD1  O N N 64  
ASP OD2  O N N 65  
ASP OXT  O N N 66  
ASP H    H N N 67  
ASP H2   H N N 68  
ASP HA   H N N 69  
ASP HB2  H N N 70  
ASP HB3  H N N 71  
ASP HD2  H N N 72  
ASP HXT  H N N 73  
CYS N    N N N 74  
CYS CA   C N R 75  
CYS C    C N N 76  
CYS O    O N N 77  
CYS CB   C N N 78  
CYS SG   S N N 79  
CYS OXT  O N N 80  
CYS H    H N N 81  
CYS H2   H N N 82  
CYS HA   H N N 83  
CYS HB2  H N N 84  
CYS HB3  H N N 85  
CYS HG   H N N 86  
CYS HXT  H N N 87  
GLN N    N N N 88  
GLN CA   C N S 89  
GLN C    C N N 90  
GLN O    O N N 91  
GLN CB   C N N 92  
GLN CG   C N N 93  
GLN CD   C N N 94  
GLN OE1  O N N 95  
GLN NE2  N N N 96  
GLN OXT  O N N 97  
GLN H    H N N 98  
GLN H2   H N N 99  
GLN HA   H N N 100 
GLN HB2  H N N 101 
GLN HB3  H N N 102 
GLN HG2  H N N 103 
GLN HG3  H N N 104 
GLN HE21 H N N 105 
GLN HE22 H N N 106 
GLN HXT  H N N 107 
GLU N    N N N 108 
GLU CA   C N S 109 
GLU C    C N N 110 
GLU O    O N N 111 
GLU CB   C N N 112 
GLU CG   C N N 113 
GLU CD   C N N 114 
GLU OE1  O N N 115 
GLU OE2  O N N 116 
GLU OXT  O N N 117 
GLU H    H N N 118 
GLU H2   H N N 119 
GLU HA   H N N 120 
GLU HB2  H N N 121 
GLU HB3  H N N 122 
GLU HG2  H N N 123 
GLU HG3  H N N 124 
GLU HE2  H N N 125 
GLU HXT  H N N 126 
GLY N    N N N 127 
GLY CA   C N N 128 
GLY C    C N N 129 
GLY O    O N N 130 
GLY OXT  O N N 131 
GLY H    H N N 132 
GLY H2   H N N 133 
GLY HA2  H N N 134 
GLY HA3  H N N 135 
GLY HXT  H N N 136 
HOH O    O N N 137 
HOH H1   H N N 138 
HOH H2   H N N 139 
ILE N    N N N 140 
ILE CA   C N S 141 
ILE C    C N N 142 
ILE O    O N N 143 
ILE CB   C N S 144 
ILE CG1  C N N 145 
ILE CG2  C N N 146 
ILE CD1  C N N 147 
ILE OXT  O N N 148 
ILE H    H N N 149 
ILE H2   H N N 150 
ILE HA   H N N 151 
ILE HB   H N N 152 
ILE HG12 H N N 153 
ILE HG13 H N N 154 
ILE HG21 H N N 155 
ILE HG22 H N N 156 
ILE HG23 H N N 157 
ILE HD11 H N N 158 
ILE HD12 H N N 159 
ILE HD13 H N N 160 
ILE HXT  H N N 161 
LEU N    N N N 162 
LEU CA   C N S 163 
LEU C    C N N 164 
LEU O    O N N 165 
LEU CB   C N N 166 
LEU CG   C N N 167 
LEU CD1  C N N 168 
LEU CD2  C N N 169 
LEU OXT  O N N 170 
LEU H    H N N 171 
LEU H2   H N N 172 
LEU HA   H N N 173 
LEU HB2  H N N 174 
LEU HB3  H N N 175 
LEU HG   H N N 176 
LEU HD11 H N N 177 
LEU HD12 H N N 178 
LEU HD13 H N N 179 
LEU HD21 H N N 180 
LEU HD22 H N N 181 
LEU HD23 H N N 182 
LEU HXT  H N N 183 
MLY N    N N N 184 
MLY CA   C N S 185 
MLY CB   C N N 186 
MLY CG   C N N 187 
MLY CD   C N N 188 
MLY CE   C N N 189 
MLY NZ   N N N 190 
MLY CH1  C N N 191 
MLY CH2  C N N 192 
MLY C    C N N 193 
MLY O    O N N 194 
MLY OXT  O N N 195 
MLY H    H N N 196 
MLY H2   H N N 197 
MLY HA   H N N 198 
MLY HB2  H N N 199 
MLY HB3  H N N 200 
MLY HG2  H N N 201 
MLY HG3  H N N 202 
MLY HD2  H N N 203 
MLY HD3  H N N 204 
MLY HE2  H N N 205 
MLY HE3  H N N 206 
MLY HH11 H N N 207 
MLY HH12 H N N 208 
MLY HH13 H N N 209 
MLY HH21 H N N 210 
MLY HH22 H N N 211 
MLY HH23 H N N 212 
MLY HXT  H N N 213 
PHE N    N N N 214 
PHE CA   C N S 215 
PHE C    C N N 216 
PHE O    O N N 217 
PHE CB   C N N 218 
PHE CG   C Y N 219 
PHE CD1  C Y N 220 
PHE CD2  C Y N 221 
PHE CE1  C Y N 222 
PHE CE2  C Y N 223 
PHE CZ   C Y N 224 
PHE OXT  O N N 225 
PHE H    H N N 226 
PHE H2   H N N 227 
PHE HA   H N N 228 
PHE HB2  H N N 229 
PHE HB3  H N N 230 
PHE HD1  H N N 231 
PHE HD2  H N N 232 
PHE HE1  H N N 233 
PHE HE2  H N N 234 
PHE HZ   H N N 235 
PHE HXT  H N N 236 
PRO N    N N N 237 
PRO CA   C N S 238 
PRO C    C N N 239 
PRO O    O N N 240 
PRO CB   C N N 241 
PRO CG   C N N 242 
PRO CD   C N N 243 
PRO OXT  O N N 244 
PRO H    H N N 245 
PRO HA   H N N 246 
PRO HB2  H N N 247 
PRO HB3  H N N 248 
PRO HG2  H N N 249 
PRO HG3  H N N 250 
PRO HD2  H N N 251 
PRO HD3  H N N 252 
PRO HXT  H N N 253 
SER N    N N N 254 
SER CA   C N S 255 
SER C    C N N 256 
SER O    O N N 257 
SER CB   C N N 258 
SER OG   O N N 259 
SER OXT  O N N 260 
SER H    H N N 261 
SER H2   H N N 262 
SER HA   H N N 263 
SER HB2  H N N 264 
SER HB3  H N N 265 
SER HG   H N N 266 
SER HXT  H N N 267 
SO4 S    S N N 268 
SO4 O1   O N N 269 
SO4 O2   O N N 270 
SO4 O3   O N N 271 
SO4 O4   O N N 272 
TFA C1   C N N 273 
TFA C2   C N N 274 
TFA O    O N N 275 
TFA F1   F N N 276 
TFA F2   F N N 277 
TFA F3   F N N 278 
TFA OXT  O N N 279 
TFA HXT  H N N 280 
THR N    N N N 281 
THR CA   C N S 282 
THR C    C N N 283 
THR O    O N N 284 
THR CB   C N R 285 
THR OG1  O N N 286 
THR CG2  C N N 287 
THR OXT  O N N 288 
THR H    H N N 289 
THR H2   H N N 290 
THR HA   H N N 291 
THR HB   H N N 292 
THR HG1  H N N 293 
THR HG21 H N N 294 
THR HG22 H N N 295 
THR HG23 H N N 296 
THR HXT  H N N 297 
TRP N    N N N 298 
TRP CA   C N S 299 
TRP C    C N N 300 
TRP O    O N N 301 
TRP CB   C N N 302 
TRP CG   C Y N 303 
TRP CD1  C Y N 304 
TRP CD2  C Y N 305 
TRP NE1  N Y N 306 
TRP CE2  C Y N 307 
TRP CE3  C Y N 308 
TRP CZ2  C Y N 309 
TRP CZ3  C Y N 310 
TRP CH2  C Y N 311 
TRP OXT  O N N 312 
TRP H    H N N 313 
TRP H2   H N N 314 
TRP HA   H N N 315 
TRP HB2  H N N 316 
TRP HB3  H N N 317 
TRP HD1  H N N 318 
TRP HE1  H N N 319 
TRP HE3  H N N 320 
TRP HZ2  H N N 321 
TRP HZ3  H N N 322 
TRP HH2  H N N 323 
TRP HXT  H N N 324 
TYR N    N N N 325 
TYR CA   C N S 326 
TYR C    C N N 327 
TYR O    O N N 328 
TYR CB   C N N 329 
TYR CG   C Y N 330 
TYR CD1  C Y N 331 
TYR CD2  C Y N 332 
TYR CE1  C Y N 333 
TYR CE2  C Y N 334 
TYR CZ   C Y N 335 
TYR OH   O N N 336 
TYR OXT  O N N 337 
TYR H    H N N 338 
TYR H2   H N N 339 
TYR HA   H N N 340 
TYR HB2  H N N 341 
TYR HB3  H N N 342 
TYR HD1  H N N 343 
TYR HD2  H N N 344 
TYR HE1  H N N 345 
TYR HE2  H N N 346 
TYR HH   H N N 347 
TYR HXT  H N N 348 
# 
loop_
_chem_comp_bond.comp_id 
_chem_comp_bond.atom_id_1 
_chem_comp_bond.atom_id_2 
_chem_comp_bond.value_order 
_chem_comp_bond.pdbx_aromatic_flag 
_chem_comp_bond.pdbx_stereo_config 
_chem_comp_bond.pdbx_ordinal 
ALA N   CA   sing N N 1   
ALA N   H    sing N N 2   
ALA N   H2   sing N N 3   
ALA CA  C    sing N N 4   
ALA CA  CB   sing N N 5   
ALA CA  HA   sing N N 6   
ALA C   O    doub N N 7   
ALA C   OXT  sing N N 8   
ALA CB  HB1  sing N N 9   
ALA CB  HB2  sing N N 10  
ALA CB  HB3  sing N N 11  
ALA OXT HXT  sing N N 12  
ARG N   CA   sing N N 13  
ARG N   H    sing N N 14  
ARG N   H2   sing N N 15  
ARG CA  C    sing N N 16  
ARG CA  CB   sing N N 17  
ARG CA  HA   sing N N 18  
ARG C   O    doub N N 19  
ARG C   OXT  sing N N 20  
ARG CB  CG   sing N N 21  
ARG CB  HB2  sing N N 22  
ARG CB  HB3  sing N N 23  
ARG CG  CD   sing N N 24  
ARG CG  HG2  sing N N 25  
ARG CG  HG3  sing N N 26  
ARG CD  NE   sing N N 27  
ARG CD  HD2  sing N N 28  
ARG CD  HD3  sing N N 29  
ARG NE  CZ   sing N N 30  
ARG NE  HE   sing N N 31  
ARG CZ  NH1  sing N N 32  
ARG CZ  NH2  doub N N 33  
ARG NH1 HH11 sing N N 34  
ARG NH1 HH12 sing N N 35  
ARG NH2 HH21 sing N N 36  
ARG NH2 HH22 sing N N 37  
ARG OXT HXT  sing N N 38  
ASN N   CA   sing N N 39  
ASN N   H    sing N N 40  
ASN N   H2   sing N N 41  
ASN CA  C    sing N N 42  
ASN CA  CB   sing N N 43  
ASN CA  HA   sing N N 44  
ASN C   O    doub N N 45  
ASN C   OXT  sing N N 46  
ASN CB  CG   sing N N 47  
ASN CB  HB2  sing N N 48  
ASN CB  HB3  sing N N 49  
ASN CG  OD1  doub N N 50  
ASN CG  ND2  sing N N 51  
ASN ND2 HD21 sing N N 52  
ASN ND2 HD22 sing N N 53  
ASN OXT HXT  sing N N 54  
ASP N   CA   sing N N 55  
ASP N   H    sing N N 56  
ASP N   H2   sing N N 57  
ASP CA  C    sing N N 58  
ASP CA  CB   sing N N 59  
ASP CA  HA   sing N N 60  
ASP C   O    doub N N 61  
ASP C   OXT  sing N N 62  
ASP CB  CG   sing N N 63  
ASP CB  HB2  sing N N 64  
ASP CB  HB3  sing N N 65  
ASP CG  OD1  doub N N 66  
ASP CG  OD2  sing N N 67  
ASP OD2 HD2  sing N N 68  
ASP OXT HXT  sing N N 69  
CYS N   CA   sing N N 70  
CYS N   H    sing N N 71  
CYS N   H2   sing N N 72  
CYS CA  C    sing N N 73  
CYS CA  CB   sing N N 74  
CYS CA  HA   sing N N 75  
CYS C   O    doub N N 76  
CYS C   OXT  sing N N 77  
CYS CB  SG   sing N N 78  
CYS CB  HB2  sing N N 79  
CYS CB  HB3  sing N N 80  
CYS SG  HG   sing N N 81  
CYS OXT HXT  sing N N 82  
GLN N   CA   sing N N 83  
GLN N   H    sing N N 84  
GLN N   H2   sing N N 85  
GLN CA  C    sing N N 86  
GLN CA  CB   sing N N 87  
GLN CA  HA   sing N N 88  
GLN C   O    doub N N 89  
GLN C   OXT  sing N N 90  
GLN CB  CG   sing N N 91  
GLN CB  HB2  sing N N 92  
GLN CB  HB3  sing N N 93  
GLN CG  CD   sing N N 94  
GLN CG  HG2  sing N N 95  
GLN CG  HG3  sing N N 96  
GLN CD  OE1  doub N N 97  
GLN CD  NE2  sing N N 98  
GLN NE2 HE21 sing N N 99  
GLN NE2 HE22 sing N N 100 
GLN OXT HXT  sing N N 101 
GLU N   CA   sing N N 102 
GLU N   H    sing N N 103 
GLU N   H2   sing N N 104 
GLU CA  C    sing N N 105 
GLU CA  CB   sing N N 106 
GLU CA  HA   sing N N 107 
GLU C   O    doub N N 108 
GLU C   OXT  sing N N 109 
GLU CB  CG   sing N N 110 
GLU CB  HB2  sing N N 111 
GLU CB  HB3  sing N N 112 
GLU CG  CD   sing N N 113 
GLU CG  HG2  sing N N 114 
GLU CG  HG3  sing N N 115 
GLU CD  OE1  doub N N 116 
GLU CD  OE2  sing N N 117 
GLU OE2 HE2  sing N N 118 
GLU OXT HXT  sing N N 119 
GLY N   CA   sing N N 120 
GLY N   H    sing N N 121 
GLY N   H2   sing N N 122 
GLY CA  C    sing N N 123 
GLY CA  HA2  sing N N 124 
GLY CA  HA3  sing N N 125 
GLY C   O    doub N N 126 
GLY C   OXT  sing N N 127 
GLY OXT HXT  sing N N 128 
HOH O   H1   sing N N 129 
HOH O   H2   sing N N 130 
ILE N   CA   sing N N 131 
ILE N   H    sing N N 132 
ILE N   H2   sing N N 133 
ILE CA  C    sing N N 134 
ILE CA  CB   sing N N 135 
ILE CA  HA   sing N N 136 
ILE C   O    doub N N 137 
ILE C   OXT  sing N N 138 
ILE CB  CG1  sing N N 139 
ILE CB  CG2  sing N N 140 
ILE CB  HB   sing N N 141 
ILE CG1 CD1  sing N N 142 
ILE CG1 HG12 sing N N 143 
ILE CG1 HG13 sing N N 144 
ILE CG2 HG21 sing N N 145 
ILE CG2 HG22 sing N N 146 
ILE CG2 HG23 sing N N 147 
ILE CD1 HD11 sing N N 148 
ILE CD1 HD12 sing N N 149 
ILE CD1 HD13 sing N N 150 
ILE OXT HXT  sing N N 151 
LEU N   CA   sing N N 152 
LEU N   H    sing N N 153 
LEU N   H2   sing N N 154 
LEU CA  C    sing N N 155 
LEU CA  CB   sing N N 156 
LEU CA  HA   sing N N 157 
LEU C   O    doub N N 158 
LEU C   OXT  sing N N 159 
LEU CB  CG   sing N N 160 
LEU CB  HB2  sing N N 161 
LEU CB  HB3  sing N N 162 
LEU CG  CD1  sing N N 163 
LEU CG  CD2  sing N N 164 
LEU CG  HG   sing N N 165 
LEU CD1 HD11 sing N N 166 
LEU CD1 HD12 sing N N 167 
LEU CD1 HD13 sing N N 168 
LEU CD2 HD21 sing N N 169 
LEU CD2 HD22 sing N N 170 
LEU CD2 HD23 sing N N 171 
LEU OXT HXT  sing N N 172 
MLY N   CA   sing N N 173 
MLY N   H    sing N N 174 
MLY N   H2   sing N N 175 
MLY CA  CB   sing N N 176 
MLY CA  C    sing N N 177 
MLY CA  HA   sing N N 178 
MLY CB  CG   sing N N 179 
MLY CB  HB2  sing N N 180 
MLY CB  HB3  sing N N 181 
MLY CG  CD   sing N N 182 
MLY CG  HG2  sing N N 183 
MLY CG  HG3  sing N N 184 
MLY CD  CE   sing N N 185 
MLY CD  HD2  sing N N 186 
MLY CD  HD3  sing N N 187 
MLY CE  NZ   sing N N 188 
MLY CE  HE2  sing N N 189 
MLY CE  HE3  sing N N 190 
MLY NZ  CH1  sing N N 191 
MLY NZ  CH2  sing N N 192 
MLY CH1 HH11 sing N N 193 
MLY CH1 HH12 sing N N 194 
MLY CH1 HH13 sing N N 195 
MLY CH2 HH21 sing N N 196 
MLY CH2 HH22 sing N N 197 
MLY CH2 HH23 sing N N 198 
MLY C   O    doub N N 199 
MLY C   OXT  sing N N 200 
MLY OXT HXT  sing N N 201 
PHE N   CA   sing N N 202 
PHE N   H    sing N N 203 
PHE N   H2   sing N N 204 
PHE CA  C    sing N N 205 
PHE CA  CB   sing N N 206 
PHE CA  HA   sing N N 207 
PHE C   O    doub N N 208 
PHE C   OXT  sing N N 209 
PHE CB  CG   sing N N 210 
PHE CB  HB2  sing N N 211 
PHE CB  HB3  sing N N 212 
PHE CG  CD1  doub Y N 213 
PHE CG  CD2  sing Y N 214 
PHE CD1 CE1  sing Y N 215 
PHE CD1 HD1  sing N N 216 
PHE CD2 CE2  doub Y N 217 
PHE CD2 HD2  sing N N 218 
PHE CE1 CZ   doub Y N 219 
PHE CE1 HE1  sing N N 220 
PHE CE2 CZ   sing Y N 221 
PHE CE2 HE2  sing N N 222 
PHE CZ  HZ   sing N N 223 
PHE OXT HXT  sing N N 224 
PRO N   CA   sing N N 225 
PRO N   CD   sing N N 226 
PRO N   H    sing N N 227 
PRO CA  C    sing N N 228 
PRO CA  CB   sing N N 229 
PRO CA  HA   sing N N 230 
PRO C   O    doub N N 231 
PRO C   OXT  sing N N 232 
PRO CB  CG   sing N N 233 
PRO CB  HB2  sing N N 234 
PRO CB  HB3  sing N N 235 
PRO CG  CD   sing N N 236 
PRO CG  HG2  sing N N 237 
PRO CG  HG3  sing N N 238 
PRO CD  HD2  sing N N 239 
PRO CD  HD3  sing N N 240 
PRO OXT HXT  sing N N 241 
SER N   CA   sing N N 242 
SER N   H    sing N N 243 
SER N   H2   sing N N 244 
SER CA  C    sing N N 245 
SER CA  CB   sing N N 246 
SER CA  HA   sing N N 247 
SER C   O    doub N N 248 
SER C   OXT  sing N N 249 
SER CB  OG   sing N N 250 
SER CB  HB2  sing N N 251 
SER CB  HB3  sing N N 252 
SER OG  HG   sing N N 253 
SER OXT HXT  sing N N 254 
SO4 S   O1   doub N N 255 
SO4 S   O2   doub N N 256 
SO4 S   O3   sing N N 257 
SO4 S   O4   sing N N 258 
TFA C1  C2   sing N N 259 
TFA C1  O    doub N N 260 
TFA C1  OXT  sing N N 261 
TFA C2  F1   sing N N 262 
TFA C2  F2   sing N N 263 
TFA C2  F3   sing N N 264 
TFA OXT HXT  sing N N 265 
THR N   CA   sing N N 266 
THR N   H    sing N N 267 
THR N   H2   sing N N 268 
THR CA  C    sing N N 269 
THR CA  CB   sing N N 270 
THR CA  HA   sing N N 271 
THR C   O    doub N N 272 
THR C   OXT  sing N N 273 
THR CB  OG1  sing N N 274 
THR CB  CG2  sing N N 275 
THR CB  HB   sing N N 276 
THR OG1 HG1  sing N N 277 
THR CG2 HG21 sing N N 278 
THR CG2 HG22 sing N N 279 
THR CG2 HG23 sing N N 280 
THR OXT HXT  sing N N 281 
TRP N   CA   sing N N 282 
TRP N   H    sing N N 283 
TRP N   H2   sing N N 284 
TRP CA  C    sing N N 285 
TRP CA  CB   sing N N 286 
TRP CA  HA   sing N N 287 
TRP C   O    doub N N 288 
TRP C   OXT  sing N N 289 
TRP CB  CG   sing N N 290 
TRP CB  HB2  sing N N 291 
TRP CB  HB3  sing N N 292 
TRP CG  CD1  doub Y N 293 
TRP CG  CD2  sing Y N 294 
TRP CD1 NE1  sing Y N 295 
TRP CD1 HD1  sing N N 296 
TRP CD2 CE2  doub Y N 297 
TRP CD2 CE3  sing Y N 298 
TRP NE1 CE2  sing Y N 299 
TRP NE1 HE1  sing N N 300 
TRP CE2 CZ2  sing Y N 301 
TRP CE3 CZ3  doub Y N 302 
TRP CE3 HE3  sing N N 303 
TRP CZ2 CH2  doub Y N 304 
TRP CZ2 HZ2  sing N N 305 
TRP CZ3 CH2  sing Y N 306 
TRP CZ3 HZ3  sing N N 307 
TRP CH2 HH2  sing N N 308 
TRP OXT HXT  sing N N 309 
TYR N   CA   sing N N 310 
TYR N   H    sing N N 311 
TYR N   H2   sing N N 312 
TYR CA  C    sing N N 313 
TYR CA  CB   sing N N 314 
TYR CA  HA   sing N N 315 
TYR C   O    doub N N 316 
TYR C   OXT  sing N N 317 
TYR CB  CG   sing N N 318 
TYR CB  HB2  sing N N 319 
TYR CB  HB3  sing N N 320 
TYR CG  CD1  doub Y N 321 
TYR CG  CD2  sing Y N 322 
TYR CD1 CE1  sing Y N 323 
TYR CD1 HD1  sing N N 324 
TYR CD2 CE2  doub Y N 325 
TYR CD2 HD2  sing N N 326 
TYR CE1 CZ   doub Y N 327 
TYR CE1 HE1  sing N N 328 
TYR CE2 CZ   sing Y N 329 
TYR CE2 HE2  sing N N 330 
TYR CZ  OH   sing N N 331 
TYR OH  HH   sing N N 332 
TYR OXT HXT  sing N N 333 
# 
_atom_sites.entry_id                    5KI9 
_atom_sites.fract_transf_matrix[1][1]   -0.02267577 
_atom_sites.fract_transf_matrix[1][2]   0.00182977 
_atom_sites.fract_transf_matrix[1][3]   0.00757983 
_atom_sites.fract_transf_matrix[2][1]   -0.00703082 
_atom_sites.fract_transf_matrix[2][2]   0.00528180 
_atom_sites.fract_transf_matrix[2][3]   -0.02230835 
_atom_sites.fract_transf_matrix[3][1]   -0.00265600 
_atom_sites.fract_transf_matrix[3][2]   -0.01836764 
_atom_sites.fract_transf_matrix[3][3]   -0.00351170 
_atom_sites.fract_transf_vector[1]      0.346813 
_atom_sites.fract_transf_vector[2]      0.584067 
_atom_sites.fract_transf_vector[3]      0.431589 
# 
loop_
_atom_type.symbol 
C 
F 
N 
O 
S 
# 
loop_
_atom_site.group_PDB 
_atom_site.id 
_atom_site.type_symbol 
_atom_site.label_atom_id 
_atom_site.label_alt_id 
_atom_site.label_comp_id 
_atom_site.label_asym_id 
_atom_site.label_entity_id 
_atom_site.label_seq_id 
_atom_site.pdbx_PDB_ins_code 
_atom_site.Cartn_x 
_atom_site.Cartn_y 
_atom_site.Cartn_z 
_atom_site.occupancy 
_atom_site.B_iso_or_equiv 
_atom_site.pdbx_formal_charge 
_atom_site.auth_seq_id 
_atom_site.auth_comp_id 
_atom_site.auth_asym_id 
_atom_site.auth_atom_id 
_atom_site.pdbx_PDB_model_num 
ATOM   1   N N   . GLU A 1 1  ? 2.244   -14.294 16.256  1.00 57.49  ? 1   GLU A N   1 
ATOM   2   C CA  . GLU A 1 1  ? 2.610   -14.295 14.823  1.00 54.15  ? 1   GLU A CA  1 
ATOM   3   C C   . GLU A 1 1  ? 2.477   -12.897 14.377  1.00 52.42  ? 1   GLU A C   1 
ATOM   4   O O   . GLU A 1 1  ? 1.498   -12.241 14.654  1.00 51.89  ? 1   GLU A O   1 
ATOM   5   C CB  . GLU A 1 1  ? 1.799   -15.265 13.941  1.00 56.87  ? 1   GLU A CB  1 
ATOM   6   C CG  . GLU A 1 1  ? 2.409   -15.353 12.502  1.00 58.15  ? 1   GLU A CG  1 
ATOM   7   C CD  . GLU A 1 1  ? 1.677   -16.278 11.526  1.00 64.40  ? 1   GLU A CD  1 
ATOM   8   O OE1 . GLU A 1 1  ? 2.061   -16.247 10.328  1.00 67.77  ? 1   GLU A OE1 1 
ATOM   9   O OE2 . GLU A 1 1  ? 0.761   -17.030 11.943  1.00 65.07  ? 1   GLU A OE2 1 
ATOM   10  N N   . PHE A 1 2  ? 3.473   -12.459 13.644  1.00 50.67  ? 2   PHE A N   1 
ATOM   11  C CA  . PHE A 1 2  ? 3.419   -11.181 13.041  1.00 49.74  ? 2   PHE A CA  1 
ATOM   12  C C   . PHE A 1 2  ? 3.636   -11.333 11.565  1.00 49.54  ? 2   PHE A C   1 
ATOM   13  O O   . PHE A 1 2  ? 3.828   -12.417 11.041  1.00 49.46  ? 2   PHE A O   1 
ATOM   14  C CB  . PHE A 1 2  ? 4.443   -10.220 13.666  1.00 50.87  ? 2   PHE A CB  1 
ATOM   15  C CG  . PHE A 1 2  ? 4.220   -10.055 15.111  1.00 53.89  ? 2   PHE A CG  1 
ATOM   16  C CD1 . PHE A 1 2  ? 3.192   -9.240  15.555  1.00 52.96  ? 2   PHE A CD1 1 
ATOM   17  C CD2 . PHE A 1 2  ? 4.975   -10.734 16.025  1.00 57.10  ? 2   PHE A CD2 1 
ATOM   18  C CE1 . PHE A 1 2  ? 2.926   -9.140  16.916  1.00 58.62  ? 2   PHE A CE1 1 
ATOM   19  C CE2 . PHE A 1 2  ? 4.735   -10.627 17.411  1.00 58.64  ? 2   PHE A CE2 1 
ATOM   20  C CZ  . PHE A 1 2  ? 3.711   -9.834  17.848  1.00 58.47  ? 2   PHE A CZ  1 
ATOM   21  N N   . GLU A 1 3  ? 3.485   -10.236 10.895  1.00 47.88  ? 3   GLU A N   1 
ATOM   22  C CA  . GLU A 1 3  ? 3.846   -10.129 9.504   1.00 47.41  ? 3   GLU A CA  1 
ATOM   23  C C   . GLU A 1 3  ? 4.622   -8.862  9.380   1.00 43.75  ? 3   GLU A C   1 
ATOM   24  O O   . GLU A 1 3  ? 4.206   -7.824  9.852   1.00 43.88  ? 3   GLU A O   1 
ATOM   25  C CB  . GLU A 1 3  ? 2.605   -10.111 8.673   1.00 49.48  ? 3   GLU A CB  1 
ATOM   26  C CG  . GLU A 1 3  ? 2.799   -10.005 7.192   1.00 55.26  ? 3   GLU A CG  1 
ATOM   27  C CD  . GLU A 1 3  ? 1.487   -10.244 6.474   1.00 61.23  ? 3   GLU A CD  1 
ATOM   28  O OE1 . GLU A 1 3  ? 1.129   -9.475  5.544   1.00 65.42  ? 3   GLU A OE1 1 
ATOM   29  O OE2 . GLU A 1 3  ? 0.791   -11.199 6.867   1.00 66.63  ? 3   GLU A OE2 1 
ATOM   30  N N   . LEU A 1 4  ? 5.758   -8.934  8.722   1.00 42.22  ? 4   LEU A N   1 
ATOM   31  C CA  . LEU A 1 4  ? 6.479   -7.723  8.397   1.00 41.04  ? 4   LEU A CA  1 
ATOM   32  C C   . LEU A 1 4  ? 6.054   -7.164  7.059   1.00 41.60  ? 4   LEU A C   1 
ATOM   33  O O   . LEU A 1 4  ? 6.379   -7.724  6.009   1.00 44.12  ? 4   LEU A O   1 
ATOM   34  C CB  . LEU A 1 4  ? 7.956   -8.058  8.286   1.00 42.20  ? 4   LEU A CB  1 
ATOM   35  C CG  . LEU A 1 4  ? 8.966   -7.600  9.262   1.00 44.39  ? 4   LEU A CG  1 
ATOM   36  C CD1 . LEU A 1 4  ? 10.376  -7.919  8.691   1.00 43.11  ? 4   LEU A CD1 1 
ATOM   37  C CD2 . LEU A 1 4  ? 8.823   -6.168  9.657   1.00 39.51  ? 4   LEU A CD2 1 
ATOM   38  N N   . ASP A 1 5  ? 5.276   -6.107  7.065   1.00 39.63  ? 5   ASP A N   1 
ATOM   39  C CA  . ASP A 1 5  ? 4.750   -5.576  5.820   1.00 41.42  ? 5   ASP A CA  1 
ATOM   40  C C   . ASP A 1 5  ? 5.578   -4.381  5.381   1.00 41.08  ? 5   ASP A C   1 
ATOM   41  O O   . ASP A 1 5  ? 6.012   -3.612  6.230   1.00 41.93  ? 5   ASP A O   1 
ATOM   42  C CB  . ASP A 1 5  ? 3.299   -5.193  6.039   1.00 41.92  ? 5   ASP A CB  1 
ATOM   43  C CG  . ASP A 1 5  ? 2.397   -6.416  6.315   1.00 47.57  ? 5   ASP A CG  1 
ATOM   44  O OD1 . ASP A 1 5  ? 2.619   -7.487  5.718   1.00 54.67  ? 5   ASP A OD1 1 
ATOM   45  O OD2 . ASP A 1 5  ? 1.463   -6.303  7.115   1.00 53.51  ? 5   ASP A OD2 1 
ATOM   46  N N   . ARG A 1 6  ? 5.825   -4.238  4.077   1.00 38.14  ? 6   ARG A N   1 
ATOM   47  C CA  . ARG A 1 6  ? 6.604   -3.125  3.583   1.00 38.64  ? 6   ARG A CA  1 
ATOM   48  C C   . ARG A 1 6  ? 5.764   -1.825  3.490   1.00 37.79  ? 6   ARG A C   1 
ATOM   49  O O   . ARG A 1 6  ? 4.595   -1.841  3.037   1.00 37.57  ? 6   ARG A O   1 
ATOM   50  C CB  . ARG A 1 6  ? 7.169   -3.483  2.215   1.00 41.06  ? 6   ARG A CB  1 
ATOM   51  C CG  . ARG A 1 6  ? 7.928   -2.357  1.550   1.00 47.18  ? 6   ARG A CG  1 
ATOM   52  C CD  . ARG A 1 6  ? 8.483   -2.795  0.152   1.00 54.51  ? 6   ARG A CD  1 
ATOM   53  N NE  . ARG A 1 6  ? 9.396   -3.937  0.222   1.00 61.28  ? 6   ARG A NE  1 
ATOM   54  C CZ  . ARG A 1 6  ? 10.691  -3.853  0.534   1.00 62.90  ? 6   ARG A CZ  1 
ATOM   55  N NH1 . ARG A 1 6  ? 11.254  -2.673  0.807   1.00 64.94  ? 6   ARG A NH1 1 
ATOM   56  N NH2 . ARG A 1 6  ? 11.432  -4.949  0.570   1.00 64.37  ? 6   ARG A NH2 1 
ATOM   57  N N   . ILE A 1 7  ? 6.372   -0.693  3.897   1.00 38.28  ? 7   ILE A N   1 
ATOM   58  C CA  . ILE A 1 7  ? 5.755   0.634   3.703   1.00 38.05  ? 7   ILE A CA  1 
ATOM   59  C C   . ILE A 1 7  ? 6.458   1.122   2.453   1.00 39.09  ? 7   ILE A C   1 
ATOM   60  O O   . ILE A 1 7  ? 7.701   1.190   2.416   1.00 42.84  ? 7   ILE A O   1 
ATOM   61  C CB  . ILE A 1 7  ? 6.013   1.580   4.903   1.00 38.66  ? 7   ILE A CB  1 
ATOM   62  C CG1 . ILE A 1 7  ? 5.398   0.959   6.169   1.00 36.80  ? 7   ILE A CG1 1 
ATOM   63  C CG2 . ILE A 1 7  ? 5.501   2.998   4.591   1.00 40.12  ? 7   ILE A CG2 1 
ATOM   64  C CD1 . ILE A 1 7  ? 4.035   0.692   6.080   1.00 38.06  ? 7   ILE A CD1 1 
ATOM   65  N N   . CYS A 1 8  ? 5.701   1.321   1.392   1.00 36.69  ? 8   CYS A N   1 
ATOM   66  C CA  . CYS A 1 8  ? 6.275   1.715   0.139   1.00 37.08  ? 8   CYS A CA  1 
ATOM   67  C C   . CYS A 1 8  ? 6.003   3.189   -0.153  1.00 37.38  ? 8   CYS A C   1 
ATOM   68  O O   . CYS A 1 8  ? 5.616   3.950   0.728   1.00 35.18  ? 8   CYS A O   1 
ATOM   69  C CB  . CYS A 1 8  ? 5.676   0.840   -0.968  1.00 38.09  ? 8   CYS A CB  1 
ATOM   70  S SG  . CYS A 1 8  ? 3.861   0.886   -1.016  1.00 38.60  ? 8   CYS A SG  1 
ATOM   71  N N   . GLY A 1 9  ? 6.214   3.583   -1.406  1.00 37.38  ? 9   GLY A N   1 
ATOM   72  C CA  . GLY A 1 9  ? 5.982   4.969   -1.754  1.00 36.79  ? 9   GLY A CA  1 
ATOM   73  C C   . GLY A 1 9  ? 6.832   5.938   -0.924  1.00 37.83  ? 9   GLY A C   1 
ATOM   74  O O   . GLY A 1 9  ? 6.349   6.997   -0.507  1.00 36.17  ? 9   GLY A O   1 
ATOM   75  N N   . TYR A 1 10 ? 8.105   5.608   -0.713  1.00 39.21  ? 10  TYR A N   1 
ATOM   76  C CA  . TYR A 1 10 ? 9.042   6.443   0.082   1.00 39.68  ? 10  TYR A CA  1 
ATOM   77  C C   . TYR A 1 10 ? 8.533   6.761   1.504   1.00 40.06  ? 10  TYR A C   1 
ATOM   78  O O   . TYR A 1 10 ? 8.756   7.864   2.041   1.00 41.45  ? 10  TYR A O   1 
ATOM   79  C CB  . TYR A 1 10 ? 9.365   7.742   -0.654  1.00 41.42  ? 10  TYR A CB  1 
ATOM   80  C CG  . TYR A 1 10 ? 9.902   7.544   -2.036  1.00 44.42  ? 10  TYR A CG  1 
ATOM   81  C CD1 . TYR A 1 10 ? 11.236  7.260   -2.218  1.00 50.17  ? 10  TYR A CD1 1 
ATOM   82  C CD2 . TYR A 1 10 ? 9.088   7.619   -3.159  1.00 45.61  ? 10  TYR A CD2 1 
ATOM   83  C CE1 . TYR A 1 10 ? 11.753  7.096   -3.461  1.00 54.71  ? 10  TYR A CE1 1 
ATOM   84  C CE2 . TYR A 1 10 ? 9.624   7.461   -4.435  1.00 50.00  ? 10  TYR A CE2 1 
ATOM   85  C CZ  . TYR A 1 10 ? 10.960  7.174   -4.554  1.00 54.78  ? 10  TYR A CZ  1 
ATOM   86  O OH  . TYR A 1 10 ? 11.586  7.003   -5.790  1.00 60.79  ? 10  TYR A OH  1 
ATOM   87  N N   . GLY A 1 11 ? 7.780   5.825   2.050   1.00 37.33  ? 11  GLY A N   1 
ATOM   88  C CA  . GLY A 1 11 ? 7.278   5.884   3.434   1.00 37.34  ? 11  GLY A CA  1 
ATOM   89  C C   . GLY A 1 11 ? 5.877   6.439   3.533   1.00 35.61  ? 11  GLY A C   1 
ATOM   90  O O   . GLY A 1 11 ? 5.441   6.724   4.675   1.00 36.15  ? 11  GLY A O   1 
ATOM   91  N N   . THR A 1 12 ? 5.167   6.564   2.395   1.00 34.57  ? 12  THR A N   1 
ATOM   92  C CA  . THR A 1 12 ? 3.793   7.126   2.401   1.00 32.93  ? 12  THR A CA  1 
ATOM   93  C C   . THR A 1 12 ? 2.676   6.081   2.210   1.00 32.99  ? 12  THR A C   1 
ATOM   94  O O   . THR A 1 12 ? 1.480   6.378   2.393   1.00 33.62  ? 12  THR A O   1 
ATOM   95  C CB  . THR A 1 12 ? 3.599   8.178   1.247   1.00 33.11  ? 12  THR A CB  1 
ATOM   96  O OG1 . THR A 1 12 ? 3.732   7.516   -0.029  1.00 35.14  ? 12  THR A OG1 1 
ATOM   97  C CG2 . THR A 1 12 ? 4.571   9.327   1.429   1.00 34.85  ? 12  THR A CG2 1 
ATOM   98  N N   . ALA A 1 13 ? 3.034   4.883   1.762   1.00 33.35  ? 13  ALA A N   1 
ATOM   99  C CA  . ALA A 1 13 ? 2.034   3.944   1.241   1.00 33.22  ? 13  ALA A CA  1 
ATOM   100 C C   . ALA A 1 13 ? 2.287   2.555   1.754   1.00 34.78  ? 13  ALA A C   1 
ATOM   101 O O   . ALA A 1 13 ? 3.318   2.276   2.356   1.00 35.92  ? 13  ALA A O   1 
ATOM   102 C CB  . ALA A 1 13 ? 2.095   3.965   -0.337  1.00 33.39  ? 13  ALA A CB  1 
ATOM   103 N N   . ARG A 1 14 ? 1.325   1.683   1.547   1.00 32.81  ? 14  ARG A N   1 
ATOM   104 C CA  . ARG A 1 14 ? 1.478   0.372   2.078   1.00 36.62  ? 14  ARG A CA  1 
ATOM   105 C C   . ARG A 1 14 ? 1.383   -0.654  0.991   1.00 35.86  ? 14  ARG A C   1 
ATOM   106 O O   . ARG A 1 14 ? 0.594   -0.524  0.057   1.00 35.14  ? 14  ARG A O   1 
ATOM   107 C CB  . ARG A 1 14 ? 0.459   0.186   3.191   1.00 38.82  ? 14  ARG A CB  1 
ATOM   108 C CG  . ARG A 1 14 ? -0.821  -0.388  2.893   1.00 46.21  ? 14  ARG A CG  1 
ATOM   109 C CD  . ARG A 1 14 ? -1.369  -0.888  4.233   1.00 57.17  ? 14  ARG A CD  1 
ATOM   110 N NE  . ARG A 1 14 ? -0.374  -1.049  5.305   1.00 62.71  ? 14  ARG A NE  1 
ATOM   111 C CZ  . ARG A 1 14 ? -0.185  -2.172  5.994   1.00 66.35  ? 14  ARG A CZ  1 
ATOM   112 N NH1 . ARG A 1 14 ? -0.912  -3.261  5.732   1.00 68.43  ? 14  ARG A NH1 1 
ATOM   113 N NH2 . ARG A 1 14 ? 0.736   -2.204  6.955   1.00 67.56  ? 14  ARG A NH2 1 
ATOM   114 N N   . CYS A 1 15 ? 2.195   -1.695  1.120   1.00 38.45  ? 15  CYS A N   1 
ATOM   115 C CA  . CYS A 1 15 ? 2.091   -2.821  0.178   1.00 40.83  ? 15  CYS A CA  1 
ATOM   116 C C   . CYS A 1 15 ? 0.901   -3.709  0.537   1.00 41.06  ? 15  CYS A C   1 
ATOM   117 O O   . CYS A 1 15 ? 0.812   -4.214  1.697   1.00 43.22  ? 15  CYS A O   1 
ATOM   118 C CB  . CYS A 1 15 ? 3.393   -3.633  0.160   1.00 41.19  ? 15  CYS A CB  1 
ATOM   119 S SG  . CYS A 1 15 ? 4.822   -2.711  -0.366  1.00 45.78  ? 15  CYS A SG  1 
ATOM   120 N N   . ARG A 1 16 ? -0.004  -3.895  -0.425  1.00 41.37  ? 16  ARG A N   1 
ATOM   121 C CA  . ARG A 1 16 ? -1.157  -4.801  -0.281  1.00 44.37  ? 16  ARG A CA  1 
ATOM   122 C C   . ARG A 1 16 ? -1.376  -5.734  -1.468  1.00 47.41  ? 16  ARG A C   1 
ATOM   123 O O   . ARG A 1 16 ? -1.033  -5.416  -2.602  1.00 48.80  ? 16  ARG A O   1 
ATOM   124 C CB  . ARG A 1 16 ? -2.465  -4.036  -0.114  1.00 42.53  ? 16  ARG A CB  1 
ATOM   125 C CG  . ARG A 1 16 ? -2.466  -2.996  0.978   1.00 41.35  ? 16  ARG A CG  1 
ATOM   126 C CD  . ARG A 1 16 ? -3.840  -2.435  1.107   1.00 41.25  ? 16  ARG A CD  1 
ATOM   127 N NE  . ARG A 1 16 ? -3.984  -1.295  2.030   1.00 37.72  ? 16  ARG A NE  1 
ATOM   128 C CZ  . ARG A 1 16 ? -4.155  -1.370  3.356   1.00 37.27  ? 16  ARG A CZ  1 
ATOM   129 N NH1 . ARG A 1 16 ? -4.078  -2.547  4.029   1.00 40.90  ? 16  ARG A NH1 1 
ATOM   130 N NH2 . ARG A 1 16 ? -4.369  -0.235  4.031   1.00 39.97  ? 16  ARG A NH2 1 
HETATM 131 N N   . MLY A 1 17 ? -2.067  -6.830  -1.195  1.00 51.17  ? 17  MLY A N   1 
HETATM 132 C CA  . MLY A 1 17 ? -2.503  -7.746  -2.240  1.00 53.41  ? 17  MLY A CA  1 
HETATM 133 C CB  . MLY A 1 17 ? -3.244  -8.993  -1.647  1.00 55.26  ? 17  MLY A CB  1 
HETATM 134 C CG  . MLY A 1 17 ? -2.476  -9.799  -0.568  1.00 59.80  ? 17  MLY A CG  1 
HETATM 135 C CD  . MLY A 1 17 ? -3.297  -10.810 0.241   1.00 67.20  ? 17  MLY A CD  1 
HETATM 136 C CE  . MLY A 1 17 ? -2.445  -11.321 1.414   1.00 73.73  ? 17  MLY A CE  1 
HETATM 137 N NZ  . MLY A 1 17 ? -2.775  -12.707 1.778   1.00 79.64  ? 17  MLY A NZ  1 
HETATM 138 C CH1 . MLY A 1 17 ? -3.853  -13.003 2.724   1.00 80.56  ? 17  MLY A CH1 1 
HETATM 139 C CH2 . MLY A 1 17 ? -2.002  -13.829 1.248   1.00 79.00  ? 17  MLY A CH2 1 
HETATM 140 C C   . MLY A 1 17 ? -3.371  -6.952  -3.194  1.00 52.73  ? 17  MLY A C   1 
HETATM 141 O O   . MLY A 1 17 ? -3.236  -7.030  -4.442  1.00 53.67  ? 17  MLY A O   1 
HETATM 142 N N   . MLY A 1 18 ? -4.259  -6.150  -2.617  1.00 49.84  ? 18  MLY A N   1 
HETATM 143 C CA  . MLY A 1 18 ? -5.226  -5.360  -3.380  1.00 49.20  ? 18  MLY A CA  1 
HETATM 144 C CB  . MLY A 1 18 ? -6.550  -6.152  -3.388  1.00 50.56  ? 18  MLY A CB  1 
HETATM 145 C CG  . MLY A 1 18 ? -6.789  -7.264  -4.438  1.00 59.61  ? 18  MLY A CG  1 
HETATM 146 C CD  . MLY A 1 18 ? -8.280  -7.500  -4.761  1.00 67.58  ? 18  MLY A CD  1 
HETATM 147 C CE  . MLY A 1 18 ? -8.983  -8.637  -3.948  1.00 75.41  ? 18  MLY A CE  1 
HETATM 148 N NZ  . MLY A 1 18 ? -9.503  -9.733  -4.760  1.00 80.47  ? 18  MLY A NZ  1 
HETATM 149 C CH1 . MLY A 1 18 ? -10.619 -9.613  -5.714  1.00 80.06  ? 18  MLY A CH1 1 
HETATM 150 C CH2 . MLY A 1 18 ? -8.880  -11.036 -4.561  1.00 80.16  ? 18  MLY A CH2 1 
HETATM 151 C C   . MLY A 1 18 ? -5.434  -4.061  -2.615  1.00 47.51  ? 18  MLY A C   1 
HETATM 152 O O   . MLY A 1 18 ? -5.630  -4.068  -1.409  1.00 47.06  ? 18  MLY A O   1 
ATOM   153 N N   . CYS A 1 19 ? -5.348  -2.923  -3.288  1.00 45.17  ? 19  CYS A N   1 
ATOM   154 C CA  . CYS A 1 19 ? -5.687  -1.642  -2.623  1.00 43.66  ? 19  CYS A CA  1 
ATOM   155 C C   . CYS A 1 19 ? -7.129  -1.554  -2.119  1.00 43.99  ? 19  CYS A C   1 
ATOM   156 O O   . CYS A 1 19 ? -8.056  -2.106  -2.746  1.00 44.05  ? 19  CYS A O   1 
ATOM   157 C CB  . CYS A 1 19 ? -5.395  -0.433  -3.519  1.00 43.17  ? 19  CYS A CB  1 
ATOM   158 S SG  . CYS A 1 19 ? -3.670  -0.291  -3.924  1.00 41.92  ? 19  CYS A SG  1 
ATOM   159 N N   . ARG A 1 20 ? -7.303  -0.866  -0.995  1.00 42.59  ? 20  ARG A N   1 
ATOM   160 C CA  . ARG A 1 20 ? -8.630  -0.612  -0.422  1.00 45.47  ? 20  ARG A CA  1 
ATOM   161 C C   . ARG A 1 20 ? -9.379  0.381   -1.272  1.00 45.96  ? 20  ARG A C   1 
ATOM   162 O O   . ARG A 1 20 ? -8.753  1.131   -2.034  1.00 47.44  ? 20  ARG A O   1 
ATOM   163 C CB  . ARG A 1 20 ? -8.510  -0.129  1.033   1.00 44.96  ? 20  ARG A CB  1 
ATOM   164 C CG  . ARG A 1 20 ? -7.896  -1.217  1.916   1.00 46.37  ? 20  ARG A CG  1 
ATOM   165 C CD  . ARG A 1 20 ? -7.919  -0.835  3.405   1.00 46.82  ? 20  ARG A CD  1 
ATOM   166 N NE  . ARG A 1 20 ? -9.268  -0.861  3.947   1.00 48.72  ? 20  ARG A NE  1 
ATOM   167 C CZ  . ARG A 1 20 ? -9.579  -1.213  5.204   1.00 47.76  ? 20  ARG A CZ  1 
ATOM   168 N NH1 . ARG A 1 20 ? -8.659  -1.527  6.093   1.00 47.45  ? 20  ARG A NH1 1 
ATOM   169 N NH2 . ARG A 1 20 ? -10.839 -1.228  5.561   1.00 49.03  ? 20  ARG A NH2 1 
ATOM   170 N N   . SER A 1 21 ? -10.709 0.372   -1.176  1.00 47.08  ? 21  SER A N   1 
ATOM   171 C CA  . SER A 1 21 ? -11.545 1.274   -1.985  1.00 48.29  ? 21  SER A CA  1 
ATOM   172 C C   . SER A 1 21 ? -11.155 2.748   -1.889  1.00 48.41  ? 21  SER A C   1 
ATOM   173 O O   . SER A 1 21 ? -11.252 3.450   -2.893  1.00 49.52  ? 21  SER A O   1 
ATOM   174 C CB  . SER A 1 21 ? -13.025 1.118   -1.659  1.00 49.33  ? 21  SER A CB  1 
ATOM   175 O OG  . SER A 1 21 ? -13.210 1.296   -0.270  1.00 52.76  ? 21  SER A OG  1 
ATOM   176 N N   . GLN A 1 22 ? -10.720 3.230   -0.719  1.00 47.10  ? 22  GLN A N   1 
ATOM   177 C CA  . GLN A 1 22 ? -10.265 4.655   -0.659  1.00 45.93  ? 22  GLN A CA  1 
ATOM   178 C C   . GLN A 1 22 ? -8.727  4.840   -0.731  1.00 42.40  ? 22  GLN A C   1 
ATOM   179 O O   . GLN A 1 22 ? -8.144  5.686   -0.082  1.00 41.82  ? 22  GLN A O   1 
ATOM   180 C CB  . GLN A 1 22 ? -10.866 5.383   0.547   1.00 48.33  ? 22  GLN A CB  1 
ATOM   181 C CG  . GLN A 1 22 ? -12.435 5.594   0.521   1.00 50.99  ? 22  GLN A CG  1 
ATOM   182 C CD  . GLN A 1 22 ? -12.922 6.414   -0.634  1.00 56.42  ? 22  GLN A CD  1 
ATOM   183 O OE1 . GLN A 1 22 ? -12.375 7.488   -0.939  1.00 62.04  ? 22  GLN A OE1 1 
ATOM   184 N NE2 . GLN A 1 22 ? -13.965 5.922   -1.300  1.00 59.05  ? 22  GLN A NE2 1 
ATOM   185 N N   . GLU A 1 23 ? -8.070  3.983   -1.496  1.00 39.74  ? 23  GLU A N   1 
ATOM   186 C CA  . GLU A 1 23 ? -6.645  4.097   -1.771  1.00 36.39  ? 23  GLU A CA  1 
ATOM   187 C C   . GLU A 1 23 ? -6.446  4.116   -3.262  1.00 36.22  ? 23  GLU A C   1 
ATOM   188 O O   . GLU A 1 23 ? -7.303  3.674   -4.009  1.00 40.05  ? 23  GLU A O   1 
ATOM   189 C CB  . GLU A 1 23 ? -5.895  2.906   -1.192  1.00 35.98  ? 23  GLU A CB  1 
ATOM   190 C CG  . GLU A 1 23 ? -5.846  2.951   0.376   1.00 35.76  ? 23  GLU A CG  1 
ATOM   191 C CD  . GLU A 1 23 ? -5.338  1.694   1.028   1.00 35.31  ? 23  GLU A CD  1 
ATOM   192 O OE1 . GLU A 1 23 ? -5.159  0.681   0.345   1.00 37.39  ? 23  GLU A OE1 1 
ATOM   193 O OE2 . GLU A 1 23 ? -5.062  1.756   2.229   1.00 39.17  ? 23  GLU A OE2 1 
ATOM   194 N N   . TYR A 1 24 ? -5.328  4.683   -3.692  1.00 34.59  ? 24  TYR A N   1 
ATOM   195 C CA  . TYR A 1 24 ? -4.905  4.635   -5.087  1.00 33.77  ? 24  TYR A CA  1 
ATOM   196 C C   . TYR A 1 24 ? -3.693  3.716   -5.213  1.00 33.68  ? 24  TYR A C   1 
ATOM   197 O O   . TYR A 1 24 ? -2.853  3.654   -4.302  1.00 34.50  ? 24  TYR A O   1 
ATOM   198 C CB  . TYR A 1 24 ? -4.356  5.983   -5.453  1.00 34.20  ? 24  TYR A CB  1 
ATOM   199 C CG  . TYR A 1 24 ? -5.352  7.048   -5.729  1.00 36.81  ? 24  TYR A CG  1 
ATOM   200 C CD1 . TYR A 1 24 ? -6.401  6.881   -6.656  1.00 38.68  ? 24  TYR A CD1 1 
ATOM   201 C CD2 . TYR A 1 24 ? -5.204  8.273   -5.112  1.00 39.22  ? 24  TYR A CD2 1 
ATOM   202 C CE1 . TYR A 1 24 ? -7.290  7.946   -6.922  1.00 43.51  ? 24  TYR A CE1 1 
ATOM   203 C CE2 . TYR A 1 24 ? -6.061  9.301   -5.356  1.00 45.51  ? 24  TYR A CE2 1 
ATOM   204 C CZ  . TYR A 1 24 ? -7.094  9.147   -6.259  1.00 44.82  ? 24  TYR A CZ  1 
ATOM   205 O OH  . TYR A 1 24 ? -7.915  10.209  -6.497  1.00 50.84  ? 24  TYR A OH  1 
ATOM   206 N N   . ARG A 1 25 ? -3.579  3.020   -6.327  1.00 35.41  ? 25  ARG A N   1 
ATOM   207 C CA  . ARG A 1 25 ? -2.365  2.289   -6.620  1.00 37.09  ? 25  ARG A CA  1 
ATOM   208 C C   . ARG A 1 25 ? -1.327  3.314   -7.084  1.00 37.46  ? 25  ARG A C   1 
ATOM   209 O O   . ARG A 1 25 ? -1.594  4.165   -7.956  1.00 38.12  ? 25  ARG A O   1 
ATOM   210 C CB  . ARG A 1 25 ? -2.571  1.285   -7.754  1.00 38.76  ? 25  ARG A CB  1 
ATOM   211 C CG  . ARG A 1 25 ? -1.706  0.032   -7.533  1.00 47.85  ? 25  ARG A CG  1 
ATOM   212 C CD  . ARG A 1 25 ? -1.110  -0.483  -8.831  1.00 58.82  ? 25  ARG A CD  1 
ATOM   213 N NE  . ARG A 1 25 ? -1.900  -1.573  -9.373  1.00 67.08  ? 25  ARG A NE  1 
ATOM   214 C CZ  . ARG A 1 25 ? -3.045  -1.437  -10.045 1.00 69.81  ? 25  ARG A CZ  1 
ATOM   215 N NH1 . ARG A 1 25 ? -3.568  -0.232  -10.271 1.00 68.70  ? 25  ARG A NH1 1 
ATOM   216 N NH2 . ARG A 1 25 ? -3.668  -2.527  -10.512 1.00 72.26  ? 25  ARG A NH2 1 
ATOM   217 N N   . ILE A 1 26 ? -0.138  3.209   -6.536  1.00 36.11  ? 26  ILE A N   1 
ATOM   218 C CA  . ILE A 1 26 ? 0.920   4.073   -6.975  1.00 38.02  ? 26  ILE A CA  1 
ATOM   219 C C   . ILE A 1 26 ? 2.123   3.262   -7.350  1.00 41.11  ? 26  ILE A C   1 
ATOM   220 O O   . ILE A 1 26 ? 3.240   3.810   -7.363  1.00 44.56  ? 26  ILE A O   1 
ATOM   221 C CB  . ILE A 1 26 ? 1.318   5.129   -5.914  1.00 36.31  ? 26  ILE A CB  1 
ATOM   222 C CG1 . ILE A 1 26 ? 1.812   4.502   -4.588  1.00 32.01  ? 26  ILE A CG1 1 
ATOM   223 C CG2 . ILE A 1 26 ? 0.141   6.091   -5.670  1.00 35.68  ? 26  ILE A CG2 1 
ATOM   224 C CD1 . ILE A 1 26 ? 2.616   5.531   -3.767  1.00 34.71  ? 26  ILE A CD1 1 
ATOM   225 N N   . GLY A 1 27 ? 1.917   1.978   -7.672  1.00 42.41  ? 27  GLY A N   1 
ATOM   226 C CA  . GLY A 1 27 ? 3.027   1.139   -8.103  1.00 45.13  ? 27  GLY A CA  1 
ATOM   227 C C   . GLY A 1 27 ? 2.917   -0.281  -7.608  1.00 45.59  ? 27  GLY A C   1 
ATOM   228 O O   . GLY A 1 27 ? 1.859   -0.698  -7.171  1.00 45.17  ? 27  GLY A O   1 
ATOM   229 N N   . ARG A 1 28 ? 4.032   -0.987  -7.677  1.00 48.68  ? 28  ARG A N   1 
ATOM   230 C CA  . ARG A 1 28 ? 4.156   -2.347  -7.239  1.00 51.29  ? 28  ARG A CA  1 
ATOM   231 C C   . ARG A 1 28 ? 5.265   -2.459  -6.221  1.00 53.33  ? 28  ARG A C   1 
ATOM   232 O O   . ARG A 1 28 ? 6.330   -1.847  -6.382  1.00 53.69  ? 28  ARG A O   1 
ATOM   233 C CB  . ARG A 1 28 ? 4.571   -3.220  -8.442  1.00 52.10  ? 28  ARG A CB  1 
ATOM   234 C CG  . ARG A 1 28 ? 3.488   -3.343  -9.443  1.00 54.55  ? 28  ARG A CG  1 
ATOM   235 C CD  . ARG A 1 28 ? 2.390   -4.194  -8.893  1.00 60.58  ? 28  ARG A CD  1 
ATOM   236 N NE  . ARG A 1 28 ? 1.207   -4.192  -9.738  1.00 65.51  ? 28  ARG A NE  1 
ATOM   237 C CZ  . ARG A 1 28 ? 0.097   -4.861  -9.445  1.00 69.60  ? 28  ARG A CZ  1 
ATOM   238 N NH1 . ARG A 1 28 ? 0.044   -5.572  -8.316  1.00 70.46  ? 28  ARG A NH1 1 
ATOM   239 N NH2 . ARG A 1 28 ? -0.954  -4.811  -10.264 1.00 70.27  ? 28  ARG A NH2 1 
ATOM   240 N N   . CYS A 1 29 ? 5.056   -3.295  -5.219  1.00 53.91  ? 29  CYS A N   1 
ATOM   241 C CA  . CYS A 1 29 ? 6.146   -3.692  -4.338  1.00 55.44  ? 29  CYS A CA  1 
ATOM   242 C C   . CYS A 1 29 ? 6.954   -4.876  -4.931  1.00 58.99  ? 29  CYS A C   1 
ATOM   243 O O   . CYS A 1 29 ? 6.467   -5.590  -5.809  1.00 57.74  ? 29  CYS A O   1 
ATOM   244 C CB  . CYS A 1 29 ? 5.585   -3.982  -2.957  1.00 54.32  ? 29  CYS A CB  1 
ATOM   245 S SG  . CYS A 1 29 ? 4.556   -2.615  -2.362  1.00 48.29  ? 29  CYS A SG  1 
ATOM   246 N N   . PRO A 1 30 ? 8.215   -5.052  -4.481  1.00 62.03  ? 30  PRO A N   1 
ATOM   247 C CA  . PRO A 1 30 ? 9.134   -6.041  -5.070  1.00 64.46  ? 30  PRO A CA  1 
ATOM   248 C C   . PRO A 1 30 ? 8.634   -7.465  -4.872  1.00 66.21  ? 30  PRO A C   1 
ATOM   249 O O   . PRO A 1 30 ? 8.993   -8.375  -5.640  1.00 68.14  ? 30  PRO A O   1 
ATOM   250 C CB  . PRO A 1 30 ? 10.433  -5.843  -4.283  1.00 64.67  ? 30  PRO A CB  1 
ATOM   251 C CG  . PRO A 1 30 ? 10.359  -4.458  -3.737  1.00 63.25  ? 30  PRO A CG  1 
ATOM   252 C CD  . PRO A 1 30 ? 8.880   -4.196  -3.471  1.00 62.44  ? 30  PRO A CD  1 
ATOM   253 N N   . ASN A 1 31 ? 7.830   -7.660  -3.835  1.00 67.46  ? 31  ASN A N   1 
ATOM   254 C CA  . ASN A 1 31 ? 7.175   -8.926  -3.609  1.00 68.86  ? 31  ASN A CA  1 
ATOM   255 C C   . ASN A 1 31 ? 5.990   -9.161  -4.541  1.00 68.94  ? 31  ASN A C   1 
ATOM   256 O O   . ASN A 1 31 ? 5.421   -10.239 -4.506  1.00 70.55  ? 31  ASN A O   1 
ATOM   257 C CB  . ASN A 1 31 ? 6.759   -9.112  -2.133  1.00 69.15  ? 31  ASN A CB  1 
ATOM   258 C CG  . ASN A 1 31 ? 5.515   -8.289  -1.749  1.00 70.38  ? 31  ASN A CG  1 
ATOM   259 O OD1 . ASN A 1 31 ? 5.160   -7.321  -2.417  1.00 70.89  ? 31  ASN A OD1 1 
ATOM   260 N ND2 . ASN A 1 31 ? 4.863   -8.677  -0.656  1.00 71.40  ? 31  ASN A ND2 1 
ATOM   261 N N   . THR A 1 32 ? 5.608   -8.175  -5.363  1.00 68.16  ? 32  THR A N   1 
ATOM   262 C CA  . THR A 1 32 ? 4.482   -8.352  -6.329  1.00 67.04  ? 32  THR A CA  1 
ATOM   263 C C   . THR A 1 32 ? 3.220   -7.517  -6.048  1.00 63.88  ? 32  THR A C   1 
ATOM   264 O O   . THR A 1 32 ? 2.447   -7.173  -6.961  1.00 63.81  ? 32  THR A O   1 
ATOM   265 C CB  . THR A 1 32 ? 4.089   -9.882  -6.552  1.00 67.04  ? 32  THR A CB  1 
ATOM   266 O OG1 . THR A 1 32 ? 3.479   -10.019 -7.820  1.00 71.12  ? 32  THR A OG1 1 
ATOM   267 C CG2 . THR A 1 32 ? 3.097   -10.479 -5.498  1.00 66.93  ? 32  THR A CG2 1 
ATOM   268 N N   . TYR A 1 33 ? 3.039   -7.197  -4.775  1.00 60.00  ? 33  TYR A N   1 
ATOM   269 C CA  . TYR A 1 33 ? 1.868   -6.529  -4.278  1.00 55.71  ? 33  TYR A CA  1 
ATOM   270 C C   . TYR A 1 33 ? 1.723   -5.109  -4.838  1.00 52.58  ? 33  TYR A C   1 
ATOM   271 O O   . TYR A 1 33 ? 2.682   -4.484  -5.327  1.00 52.25  ? 33  TYR A O   1 
ATOM   272 C CB  . TYR A 1 33 ? 1.998   -6.423  -2.765  1.00 55.77  ? 33  TYR A CB  1 
ATOM   273 C CG  . TYR A 1 33 ? 1.693   -7.682  -1.992  1.00 58.36  ? 33  TYR A CG  1 
ATOM   274 C CD1 . TYR A 1 33 ? 1.345   -8.858  -2.635  1.00 59.50  ? 33  TYR A CD1 1 
ATOM   275 C CD2 . TYR A 1 33 ? 1.731   -7.662  -0.597  1.00 59.90  ? 33  TYR A CD2 1 
ATOM   276 C CE1 . TYR A 1 33 ? 1.060   -10.022 -1.897  1.00 62.68  ? 33  TYR A CE1 1 
ATOM   277 C CE2 . TYR A 1 33 ? 1.463   -8.807  0.157   1.00 62.88  ? 33  TYR A CE2 1 
ATOM   278 C CZ  . TYR A 1 33 ? 1.112   -9.987  -0.498  1.00 63.26  ? 33  TYR A CZ  1 
ATOM   279 O OH  . TYR A 1 33 ? 0.810   -11.147 0.210   1.00 67.85  ? 33  TYR A OH  1 
ATOM   280 N N   . ALA A 1 34 ? 0.512   -4.577  -4.705  1.00 47.31  ? 34  ALA A N   1 
ATOM   281 C CA  . ALA A 1 34 ? 0.231   -3.203  -5.103  1.00 42.35  ? 34  ALA A CA  1 
ATOM   282 C C   . ALA A 1 34 ? 0.752   -2.279  -4.006  1.00 40.43  ? 34  ALA A C   1 
ATOM   283 O O   . ALA A 1 34 ? 0.734   -2.660  -2.856  1.00 39.10  ? 34  ALA A O   1 
ATOM   284 C CB  . ALA A 1 34 ? -1.271  -3.009  -5.306  1.00 42.98  ? 34  ALA A CB  1 
ATOM   285 N N   . CYS A 1 35 ? 1.248   -1.097  -4.375  1.00 35.98  ? 35  CYS A N   1 
ATOM   286 C CA  . CYS A 1 35 ? 1.629   -0.089  -3.403  1.00 36.12  ? 35  CYS A CA  1 
ATOM   287 C C   . CYS A 1 35 ? 0.467   0.860   -3.307  1.00 33.02  ? 35  CYS A C   1 
ATOM   288 O O   . CYS A 1 35 ? 0.019   1.371   -4.348  1.00 35.39  ? 35  CYS A O   1 
ATOM   289 C CB  . CYS A 1 35 ? 2.866   0.660   -3.904  1.00 34.88  ? 35  CYS A CB  1 
ATOM   290 S SG  . CYS A 1 35 ? 3.396   1.881   -2.779  1.00 39.64  ? 35  CYS A SG  1 
ATOM   291 N N   . CYS A 1 36 ? -0.094  1.050   -2.115  1.00 33.11  ? 36  CYS A N   1 
ATOM   292 C CA  . CYS A 1 36 ? -1.414  1.685   -2.033  1.00 32.65  ? 36  CYS A CA  1 
ATOM   293 C C   . CYS A 1 36 ? -1.365  2.907   -1.171  1.00 32.44  ? 36  CYS A C   1 
ATOM   294 O O   . CYS A 1 36 ? -0.958  2.831   -0.009  1.00 32.24  ? 36  CYS A O   1 
ATOM   295 C CB  . CYS A 1 36 ? -2.391  0.701   -1.372  1.00 34.55  ? 36  CYS A CB  1 
ATOM   296 S SG  . CYS A 1 36 ? -2.519  -0.839  -2.266  1.00 37.43  ? 36  CYS A SG  1 
ATOM   297 N N   . LEU A 1 37 ? -1.736  4.052   -1.774  1.00 30.18  ? 37  LEU A N   1 
ATOM   298 C CA  . LEU A 1 37 ? -1.690  5.352   -1.062  1.00 30.09  ? 37  LEU A CA  1 
ATOM   299 C C   . LEU A 1 37 ? -3.077  5.797   -0.664  1.00 32.21  ? 37  LEU A C   1 
ATOM   300 O O   . LEU A 1 37 ? -3.978  5.811   -1.487  1.00 32.28  ? 37  LEU A O   1 
ATOM   301 C CB  . LEU A 1 37 ? -1.084  6.379   -2.007  1.00 31.41  ? 37  LEU A CB  1 
ATOM   302 C CG  . LEU A 1 37 ? -0.893  7.809   -1.510  1.00 30.71  ? 37  LEU A CG  1 
ATOM   303 C CD1 . LEU A 1 37 ? 0.119   7.844   -0.389  1.00 33.26  ? 37  LEU A CD1 1 
ATOM   304 C CD2 . LEU A 1 37 ? -0.465  8.704   -2.694  1.00 33.37  ? 37  LEU A CD2 1 
ATOM   305 N N   . ARG A 1 38 ? -3.241  6.161   0.607   1.00 33.10  ? 38  ARG A N   1 
ATOM   306 C CA  . ARG A 1 38 ? -4.520  6.612   1.112   1.00 34.63  ? 38  ARG A CA  1 
ATOM   307 C C   . ARG A 1 38 ? -4.961  7.925   0.489   1.00 36.69  ? 38  ARG A C   1 
ATOM   308 O O   . ARG A 1 38 ? -4.141  8.863   0.289   1.00 35.03  ? 38  ARG A O   1 
ATOM   309 C CB  . ARG A 1 38 ? -4.468  6.830   2.625   1.00 35.88  ? 38  ARG A CB  1 
ATOM   310 C CG  . ARG A 1 38 ? -4.355  5.614   3.430   1.00 38.42  ? 38  ARG A CG  1 
ATOM   311 C CD  . ARG A 1 38 ? -4.029  6.019   4.904   1.00 43.08  ? 38  ARG A CD  1 
ATOM   312 N NE  . ARG A 1 38 ? -2.740  6.734   4.952   1.00 44.54  ? 38  ARG A NE  1 
ATOM   313 C CZ  . ARG A 1 38 ? -2.286  7.425   5.997   1.00 46.75  ? 38  ARG A CZ  1 
ATOM   314 N NH1 . ARG A 1 38 ? -3.000  7.526   7.125   1.00 47.26  ? 38  ARG A NH1 1 
ATOM   315 N NH2 . ARG A 1 38 ? -1.104  8.034   5.891   1.00 48.97  ? 38  ARG A NH2 1 
HETATM 316 N N   . MLY A 1 39 ? -6.242  8.020   0.153   1.00 38.63  ? 39  MLY A N   1 
HETATM 317 C CA  . MLY A 1 39 ? -6.828  9.325   -0.082  1.00 42.79  ? 39  MLY A CA  1 
HETATM 318 C CB  . MLY A 1 39 ? -8.198  9.143   -0.762  1.00 43.78  ? 39  MLY A CB  1 
HETATM 319 C CG  . MLY A 1 39 ? -8.054  8.401   -2.092  1.00 44.98  ? 39  MLY A CG  1 
HETATM 320 C CD  . MLY A 1 39 ? -9.408  8.090   -2.797  1.00 56.10  ? 39  MLY A CD  1 
HETATM 321 C CE  . MLY A 1 39 ? -9.194  7.067   -3.925  1.00 59.76  ? 39  MLY A CE  1 
HETATM 322 N NZ  . MLY A 1 39 ? -10.431 6.717   -4.647  1.00 64.86  ? 39  MLY A NZ  1 
HETATM 323 C CH1 . MLY A 1 39 ? -11.647 7.505   -4.527  1.00 66.33  ? 39  MLY A CH1 1 
HETATM 324 C CH2 . MLY A 1 39 ? -10.419 5.536   -5.508  1.00 66.85  ? 39  MLY A CH2 1 
HETATM 325 C C   . MLY A 1 39 ? -7.012  9.986   1.262   1.00 46.34  ? 39  MLY A C   1 
HETATM 326 O O   . MLY A 1 39 ? -7.177  9.310   2.285   1.00 45.52  ? 39  MLY A O   1 
ATOM   327 N N   . TRP A 1 40 ? -7.011  11.307  1.314   1.00 50.06  ? 40  TRP A N   1 
ATOM   328 C CA  . TRP A 1 40 ? -7.464  12.007  2.517   1.00 57.09  ? 40  TRP A CA  1 
ATOM   329 C C   . TRP A 1 40 ? -8.769  11.332  2.995   1.00 58.89  ? 40  TRP A C   1 
ATOM   330 O O   . TRP A 1 40 ? -8.961  11.159  4.193   1.00 60.65  ? 40  TRP A O   1 
ATOM   331 C CB  . TRP A 1 40 ? -7.744  13.466  2.156   1.00 59.02  ? 40  TRP A CB  1 
ATOM   332 C CG  . TRP A 1 40 ? -7.605  14.458  3.292   1.00 66.27  ? 40  TRP A CG  1 
ATOM   333 C CD1 . TRP A 1 40 ? -8.609  15.209  3.856   1.00 69.79  ? 40  TRP A CD1 1 
ATOM   334 C CD2 . TRP A 1 40 ? -6.392  14.838  3.964   1.00 70.37  ? 40  TRP A CD2 1 
ATOM   335 N NE1 . TRP A 1 40 ? -8.091  16.024  4.851   1.00 72.39  ? 40  TRP A NE1 1 
ATOM   336 C CE2 . TRP A 1 40 ? -6.738  15.822  4.935   1.00 72.21  ? 40  TRP A CE2 1 
ATOM   337 C CE3 . TRP A 1 40 ? -5.050  14.438  3.852   1.00 73.65  ? 40  TRP A CE3 1 
ATOM   338 C CZ2 . TRP A 1 40 ? -5.788  16.399  5.792   1.00 73.04  ? 40  TRP A CZ2 1 
ATOM   339 C CZ3 . TRP A 1 40 ? -4.110  15.005  4.704   1.00 75.11  ? 40  TRP A CZ3 1 
ATOM   340 C CH2 . TRP A 1 40 ? -4.481  15.989  5.656   1.00 74.37  ? 40  TRP A CH2 1 
ATOM   341 N N   . ASP A 1 41 ? -9.600  10.881  2.038   1.00 59.79  ? 41  ASP A N   1 
ATOM   342 C CA  . ASP A 1 41 ? -10.941 10.296  2.278   1.00 61.41  ? 41  ASP A CA  1 
ATOM   343 C C   . ASP A 1 41 ? -10.982 8.944   2.964   1.00 61.13  ? 41  ASP A C   1 
ATOM   344 O O   . ASP A 1 41 ? -11.961 8.653   3.668   1.00 60.98  ? 41  ASP A O   1 
ATOM   345 C CB  . ASP A 1 41 ? -11.765 10.237  0.979   1.00 62.34  ? 41  ASP A CB  1 
ATOM   346 C CG  . ASP A 1 41 ? -12.587 11.511  0.758   1.00 65.70  ? 41  ASP A CG  1 
ATOM   347 O OD1 . ASP A 1 41 ? -12.238 12.550  1.379   1.00 66.91  ? 41  ASP A OD1 1 
ATOM   348 O OD2 . ASP A 1 41 ? -13.587 11.480  -0.006  1.00 66.82  ? 41  ASP A OD2 1 
ATOM   349 N N   . GLU A 1 42 ? -9.950  8.118   2.756   1.00 59.69  ? 42  GLU A N   1 
ATOM   350 C CA  . GLU A 1 42 ? -9.808  6.867   3.521   1.00 58.93  ? 42  GLU A CA  1 
ATOM   351 C C   . GLU A 1 42 ? -9.699  7.173   5.009   1.00 59.35  ? 42  GLU A C   1 
ATOM   352 O O   . GLU A 1 42 ? -10.333 6.504   5.842   1.00 58.47  ? 42  GLU A O   1 
ATOM   353 C CB  . GLU A 1 42 ? -8.567  6.084   3.100   1.00 58.55  ? 42  GLU A CB  1 
ATOM   354 C CG  . GLU A 1 42 ? -8.300  4.890   4.018   1.00 57.71  ? 42  GLU A CG  1 
ATOM   355 C CD  . GLU A 1 42 ? -7.774  3.651   3.277   1.00 57.99  ? 42  GLU A CD  1 
ATOM   356 O OE1 . GLU A 1 42 ? -6.635  3.237   3.593   1.00 56.80  ? 42  GLU A OE1 1 
ATOM   357 O OE2 . GLU A 1 42 ? -8.508  3.081   2.407   1.00 59.41  ? 42  GLU A OE2 1 
ATOM   358 N N   . SER A 1 43 ? -8.823  8.147   5.293   1.00 59.33  ? 43  SER A N   1 
ATOM   359 C CA  . SER A 1 43 ? -8.613  8.797   6.597   1.00 60.82  ? 43  SER A CA  1 
ATOM   360 C C   . SER A 1 43 ? -7.209  9.399   6.634   1.00 60.18  ? 43  SER A C   1 
ATOM   361 O O   . SER A 1 43 ? -6.256  8.780   6.140   1.00 59.17  ? 43  SER A O   1 
ATOM   362 C CB  . SER A 1 43 ? -8.820  7.843   7.776   1.00 61.62  ? 43  SER A CB  1 
ATOM   363 O OG  . SER A 1 43 ? -10.040 8.159   8.475   1.00 65.00  ? 43  SER A OG  1 
HETATM 364 S S   . SO4 B 2 .  ? -6.195  3.359   -9.051  1.00 60.89  ? 101 SO4 A S   1 
HETATM 365 O O1  . SO4 B 2 .  ? -7.497  4.034   -8.839  1.00 59.30  ? 101 SO4 A O1  1 
HETATM 366 O O2  . SO4 B 2 .  ? -5.064  4.102   -8.477  1.00 59.15  ? 101 SO4 A O2  1 
HETATM 367 O O3  . SO4 B 2 .  ? -6.226  2.060   -8.346  1.00 63.28  ? 101 SO4 A O3  1 
HETATM 368 O O4  . SO4 B 2 .  ? -5.987  3.155   -10.498 1.00 62.14  ? 101 SO4 A O4  1 
HETATM 369 S S   . SO4 C 2 .  ? -12.221 -2.740  1.037   0.50 52.25  ? 102 SO4 A S   1 
HETATM 370 O O1  . SO4 C 2 .  ? -12.436 -1.568  0.196   0.50 52.32  ? 102 SO4 A O1  1 
HETATM 371 O O2  . SO4 C 2 .  ? -12.796 -2.450  2.347   0.50 52.93  ? 102 SO4 A O2  1 
HETATM 372 O O3  . SO4 C 2 .  ? -10.803 -2.980  1.227   0.50 51.91  ? 102 SO4 A O3  1 
HETATM 373 O O4  . SO4 C 2 .  ? -12.805 -3.903  0.387   0.50 52.21  ? 102 SO4 A O4  1 
HETATM 374 S S   . SO4 D 2 .  ? -5.701  6.615   9.006   0.50 57.69  ? 103 SO4 A S   1 
HETATM 375 O O1  . SO4 D 2 .  ? -4.733  6.273   10.038  0.50 57.83  ? 103 SO4 A O1  1 
HETATM 376 O O2  . SO4 D 2 .  ? -5.951  8.047   9.103   0.50 59.01  ? 103 SO4 A O2  1 
HETATM 377 O O3  . SO4 D 2 .  ? -6.945  5.881   9.228   0.50 57.56  ? 103 SO4 A O3  1 
HETATM 378 O O4  . SO4 D 2 .  ? -5.194  6.286   7.690   0.50 56.41  ? 103 SO4 A O4  1 
HETATM 379 C C1  . TFA E 3 .  ? -6.186  -0.757  7.131   1.00 52.13  ? 104 TFA A C1  1 
HETATM 380 C C2  . TFA E 3 .  ? -4.902  -1.516  7.292   1.00 50.35  ? 104 TFA A C2  1 
HETATM 381 O O   . TFA E 3 .  ? -6.751  -0.358  8.165   1.00 53.45  ? 104 TFA A O   1 
HETATM 382 F F1  . TFA E 3 .  ? -4.763  -1.582  8.549   1.00 51.76  ? 104 TFA A F1  1 
HETATM 383 F F2  . TFA E 3 .  ? -3.910  -0.764  6.833   1.00 56.60  ? 104 TFA A F2  1 
HETATM 384 F F3  . TFA E 3 .  ? -4.938  -2.751  6.827   0.50 48.62  ? 104 TFA A F3  1 
HETATM 385 O O   . HOH F 4 .  ? 13.926  7.333   -6.206  1.00 107.33 ? 201 HOH A O   1 
HETATM 386 O O   . HOH F 4 .  ? 2.928   -14.150 9.325   1.00 79.90  ? 202 HOH A O   1 
HETATM 387 O O   . HOH F 4 .  ? 5.086   5.431   -6.965  1.00 93.54  ? 203 HOH A O   1 
HETATM 388 O O   . HOH F 4 .  ? -1.134  6.037   2.664   1.00 46.58  ? 204 HOH A O   1 
HETATM 389 O O   . HOH F 4 .  ? -2.608  10.243  2.067   1.00 48.43  ? 205 HOH A O   1 
HETATM 390 O O   . HOH F 4 .  ? 9.304   3.295   1.560   1.00 40.68  ? 206 HOH A O   1 
HETATM 391 O O   . HOH F 4 .  ? 1.718   -6.485  3.238   1.00 71.82  ? 207 HOH A O   1 
HETATM 392 O O   . HOH F 4 .  ? -5.236  -2.826  -6.125  1.00 54.51  ? 208 HOH A O   1 
HETATM 393 O O   . HOH F 4 .  ? 4.955   -6.197  2.168   1.00 51.75  ? 209 HOH A O   1 
HETATM 394 O O   . HOH F 4 .  ? -1.832  3.219   2.734   1.00 50.20  ? 210 HOH A O   1 
HETATM 395 O O   . HOH F 4 .  ? -5.707  3.041   6.447   1.00 68.85  ? 211 HOH A O   1 
HETATM 396 O O   . HOH F 4 .  ? 9.739   3.041   -1.303  1.00 56.76  ? 212 HOH A O   1 
HETATM 397 O O   . HOH F 4 .  ? 6.157   0.870   -4.720  1.00 170.24 ? 213 HOH A O   1 
HETATM 398 O O   . HOH F 4 .  ? 5.334   -12.385 -2.012  1.00 78.44  ? 214 HOH A O   1 
HETATM 399 O O   . HOH F 4 .  ? 10.970  5.128   2.614   1.00 111.05 ? 215 HOH A O   1 
HETATM 400 O O   . HOH F 4 .  ? 12.453  4.321   -0.099  1.00 76.37  ? 216 HOH A O   1 
HETATM 401 O O   . HOH F 4 .  ? 14.459  5.596   -1.227  1.00 65.44  ? 217 HOH A O   1 
# 
loop_
_atom_site_anisotrop.id 
_atom_site_anisotrop.type_symbol 
_atom_site_anisotrop.pdbx_label_atom_id 
_atom_site_anisotrop.pdbx_label_alt_id 
_atom_site_anisotrop.pdbx_label_comp_id 
_atom_site_anisotrop.pdbx_label_asym_id 
_atom_site_anisotrop.pdbx_label_seq_id 
_atom_site_anisotrop.pdbx_PDB_ins_code 
_atom_site_anisotrop.U[1][1] 
_atom_site_anisotrop.U[2][2] 
_atom_site_anisotrop.U[3][3] 
_atom_site_anisotrop.U[1][2] 
_atom_site_anisotrop.U[1][3] 
_atom_site_anisotrop.U[2][3] 
_atom_site_anisotrop.pdbx_auth_seq_id 
_atom_site_anisotrop.pdbx_auth_comp_id 
_atom_site_anisotrop.pdbx_auth_asym_id 
_atom_site_anisotrop.pdbx_auth_atom_id 
1   N N   . GLU A 1  ? 0.5424 0.6674 0.9744 -0.1097 -0.1673 0.3865  1   GLU A N   
2   C CA  . GLU A 1  ? 0.4706 0.6280 0.9590 -0.1307 -0.1992 0.3786  1   GLU A CA  
3   C C   . GLU A 1  ? 0.4527 0.6171 0.9218 -0.1301 -0.1900 0.3650  1   GLU A C   
4   O O   . GLU A 1  ? 0.4477 0.6168 0.9068 -0.1361 -0.1755 0.3472  1   GLU A O   
5   C CB  . GLU A 1  ? 0.5108 0.6449 1.0051 -0.1167 -0.2056 0.3710  1   GLU A CB  
6   C CG  . GLU A 1  ? 0.5397 0.6322 1.0374 -0.1336 -0.2402 0.3591  1   GLU A CG  
7   C CD  . GLU A 1  ? 0.6408 0.6637 1.1423 -0.1224 -0.2643 0.3337  1   GLU A CD  
8   O OE1 . GLU A 1  ? 0.7025 0.7243 1.1482 -0.1288 -0.2545 0.2785  1   GLU A OE1 
9   O OE2 . GLU A 1  ? 0.5679 0.6721 1.2320 -0.1269 -0.2653 0.2816  1   GLU A OE2 
10  N N   . PHE A 2  ? 0.4243 0.6059 0.8949 -0.1104 -0.1787 0.3181  2   PHE A N   
11  C CA  . PHE A 2  ? 0.4366 0.5993 0.8540 -0.1134 -0.1529 0.2929  2   PHE A CA  
12  C C   . PHE A 2  ? 0.4555 0.5845 0.8419 -0.0993 -0.1369 0.2653  2   PHE A C   
13  O O   . PHE A 2  ? 0.4622 0.5738 0.8430 -0.0715 -0.1154 0.2578  2   PHE A O   
14  C CB  . PHE A 2  ? 0.4548 0.6100 0.8679 -0.1157 -0.1455 0.2772  2   PHE A CB  
15  C CG  . PHE A 2  ? 0.4960 0.6852 0.8661 -0.1385 -0.1562 0.2656  2   PHE A CG  
16  C CD1 . PHE A 2  ? 0.4142 0.7319 0.8659 -0.1705 -0.1501 0.2485  2   PHE A CD1 
17  C CD2 . PHE A 2  ? 0.5656 0.7181 0.8857 -0.1019 -0.1344 0.2637  2   PHE A CD2 
18  C CE1 . PHE A 2  ? 0.5625 0.7980 0.8666 -0.1322 -0.1780 0.2235  2   PHE A CE1 
19  C CE2 . PHE A 2  ? 0.5986 0.7523 0.8772 -0.1177 -0.1440 0.2496  2   PHE A CE2 
20  C CZ  . PHE A 2  ? 0.5643 0.7833 0.8737 -0.1104 -0.1480 0.2536  2   PHE A CZ  
21  N N   . GLU A 3  ? 0.4815 0.5384 0.7993 -0.0870 -0.0974 0.2295  3   GLU A N   
22  C CA  . GLU A 3  ? 0.4928 0.5330 0.7755 -0.0747 -0.0916 0.2013  3   GLU A CA  
23  C C   . GLU A 3  ? 0.4405 0.5041 0.7174 -0.0602 -0.0870 0.1842  3   GLU A C   
24  O O   . GLU A 3  ? 0.4343 0.5221 0.7107 -0.0585 -0.0593 0.1563  3   GLU A O   
25  C CB  . GLU A 3  ? 0.5302 0.5579 0.7919 -0.0821 -0.0926 0.2013  3   GLU A CB  
26  C CG  . GLU A 3  ? 0.6403 0.6266 0.8326 -0.0981 -0.1054 0.1928  3   GLU A CG  
27  C CD  . GLU A 3  ? 0.7053 0.6745 0.9465 -0.0934 -0.1522 0.1683  3   GLU A CD  
28  O OE1 . GLU A 3  ? 0.8026 0.6900 0.9927 -0.0834 -0.1739 0.1548  3   GLU A OE1 
29  O OE2 . GLU A 3  ? 0.7889 0.7313 1.0112 -0.0988 -0.1183 0.1420  3   GLU A OE2 
30  N N   . LEU A 4  ? 0.4230 0.4787 0.7022 -0.0349 -0.0807 0.1386  4   LEU A N   
31  C CA  . LEU A 4  ? 0.3999 0.4906 0.6688 -0.0270 -0.0713 0.1164  4   LEU A CA  
32  C C   . LEU A 4  ? 0.4363 0.4820 0.6622 -0.0304 -0.0571 0.1054  4   LEU A C   
33  O O   . LEU A 4  ? 0.4924 0.5266 0.6573 -0.0188 -0.0531 0.0950  4   LEU A O   
34  C CB  . LEU A 4  ? 0.3853 0.5153 0.7029 0.0050  -0.0694 0.0948  4   LEU A CB  
35  C CG  . LEU A 4  ? 0.4148 0.5587 0.7128 0.0162  -0.0722 0.0674  4   LEU A CG  
36  C CD1 . LEU A 4  ? 0.2987 0.5886 0.7504 0.0037  -0.0849 0.0361  4   LEU A CD1 
37  C CD2 . LEU A 4  ? 0.3719 0.4558 0.6732 -0.0363 -0.0777 0.1101  4   LEU A CD2 
38  N N   . ASP A 5  ? 0.4540 0.4299 0.6220 -0.0507 -0.0698 0.0955  5   ASP A N   
39  C CA  . ASP A 5  ? 0.5041 0.4540 0.6155 -0.0588 -0.0447 0.0922  5   ASP A CA  
40  C C   . ASP A 5  ? 0.5026 0.4619 0.5963 -0.0585 -0.0297 0.0809  5   ASP A C   
41  O O   . ASP A 5  ? 0.5437 0.4852 0.5641 -0.0892 -0.0234 0.0569  5   ASP A O   
42  C CB  . ASP A 5  ? 0.4860 0.4730 0.6335 -0.0709 -0.0515 0.1000  5   ASP A CB  
43  C CG  . ASP A 5  ? 0.5747 0.5312 0.7014 -0.0707 -0.0373 0.1046  5   ASP A CG  
44  O OD1 . ASP A 5  ? 0.6896 0.6179 0.7697 -0.0921 -0.0266 0.0393  5   ASP A OD1 
45  O OD2 . ASP A 5  ? 0.5553 0.6909 0.7867 -0.0857 -0.0389 0.1136  5   ASP A OD2 
46  N N   . ARG A 6  ? 0.4790 0.4184 0.5514 -0.0148 -0.0405 0.0731  6   ARG A N   
47  C CA  . ARG A 6  ? 0.4736 0.4493 0.5450 -0.0171 -0.0096 0.0702  6   ARG A CA  
48  C C   . ARG A 6  ? 0.4676 0.4292 0.5389 -0.0086 -0.0182 0.0505  6   ARG A C   
49  O O   . ARG A 6  ? 0.4913 0.4108 0.5251 -0.0320 -0.0311 0.0456  6   ARG A O   
50  C CB  . ARG A 6  ? 0.4999 0.4844 0.5757 -0.0053 -0.0049 0.0568  6   ARG A CB  
51  C CG  . ARG A 6  ? 0.5654 0.5897 0.6373 -0.0074 0.0199  0.0745  6   ARG A CG  
52  C CD  . ARG A 6  ? 0.6346 0.7258 0.7106 0.0502  0.0774  0.0521  6   ARG A CD  
53  N NE  . ARG A 6  ? 0.6908 0.8188 0.8185 0.0829  0.0990  0.0672  6   ARG A NE  
54  C CZ  . ARG A 6  ? 0.6885 0.8496 0.8519 0.1198  0.1135  0.0731  6   ARG A CZ  
55  N NH1 . ARG A 6  ? 0.7119 0.8840 0.8714 0.0918  0.1302  0.0767  6   ARG A NH1 
56  N NH2 . ARG A 6  ? 0.7143 0.8645 0.8668 0.1351  0.1227  0.0752  6   ARG A NH2 
57  N N   . ILE A 7  ? 0.4912 0.4358 0.5273 -0.0026 -0.0246 0.0699  7   ILE A N   
58  C CA  . ILE A 7  ? 0.4843 0.4457 0.5157 0.0115  -0.0347 0.0456  7   ILE A CA  
59  C C   . ILE A 7  ? 0.4998 0.4552 0.5301 0.0155  -0.0280 0.0551  7   ILE A C   
60  O O   . ILE A 7  ? 0.5274 0.5475 0.5528 -0.0206 -0.0150 0.0800  7   ILE A O   
61  C CB  . ILE A 7  ? 0.4957 0.4424 0.5308 0.0115  -0.0336 0.0515  7   ILE A CB  
62  C CG1 . ILE A 7  ? 0.4556 0.4417 0.5008 0.0238  -0.0431 0.0585  7   ILE A CG1 
63  C CG2 . ILE A 7  ? 0.5180 0.4560 0.5503 0.0143  -0.0797 0.0454  7   ILE A CG2 
64  C CD1 . ILE A 7  ? 0.4838 0.4433 0.5188 0.0122  -0.0488 0.0669  7   ILE A CD1 
65  N N   . CYS A 8  ? 0.5158 0.3980 0.4802 0.0295  -0.0209 0.0338  8   CYS A N   
66  C CA  . CYS A 8  ? 0.5353 0.3962 0.4770 0.0277  -0.0117 0.0358  8   CYS A CA  
67  C C   . CYS A 8  ? 0.5462 0.3988 0.4751 0.0322  0.0069  0.0523  8   CYS A C   
68  O O   . CYS A 8  ? 0.5241 0.3670 0.4454 0.0237  0.0078  0.0380  8   CYS A O   
69  C CB  . CYS A 8  ? 0.5535 0.4235 0.4700 0.0191  -0.0170 0.0115  8   CYS A CB  
70  S SG  . CYS A 8  ? 0.5894 0.4231 0.4540 0.0168  -0.0310 -0.0064 8   CYS A SG  
71  N N   . GLY A 9  ? 0.5307 0.4159 0.4735 0.0374  -0.0043 0.0655  9   GLY A N   
72  C CA  . GLY A 9  ? 0.4928 0.4072 0.4978 0.0152  -0.0111 0.0719  9   GLY A CA  
73  C C   . GLY A 9  ? 0.4721 0.4463 0.5188 0.0079  -0.0230 0.0689  9   GLY A C   
74  O O   . GLY A 9  ? 0.4522 0.4302 0.4915 0.0072  -0.0075 0.0733  9   GLY A O   
75  N N   . TYR A 10 ? 0.4793 0.4635 0.5468 0.0238  -0.0276 0.0540  10  TYR A N   
76  C CA  . TYR A 10 ? 0.4659 0.4744 0.5673 -0.0048 -0.0163 0.0668  10  TYR A CA  
77  C C   . TYR A 10 ? 0.4921 0.4797 0.5500 -0.0068 -0.0424 0.0577  10  TYR A C   
78  O O   . TYR A 10 ? 0.5153 0.4779 0.5814 -0.0167 -0.0273 0.0477  10  TYR A O   
79  C CB  . TYR A 10 ? 0.4954 0.4874 0.5908 0.0094  -0.0153 0.0830  10  TYR A CB  
80  C CG  . TYR A 10 ? 0.5103 0.5362 0.6411 0.0202  0.0023  0.0944  10  TYR A CG  
81  C CD1 . TYR A 10 ? 0.5306 0.6690 0.7062 0.0477  0.0402  0.0984  10  TYR A CD1 
82  C CD2 . TYR A 10 ? 0.5365 0.5292 0.6670 0.0438  -0.0120 0.1098  10  TYR A CD2 
83  C CE1 . TYR A 10 ? 0.6336 0.7319 0.7132 0.0446  0.0367  0.1232  10  TYR A CE1 
84  C CE2 . TYR A 10 ? 0.5713 0.6344 0.6940 -0.0077 0.0367  0.1244  10  TYR A CE2 
85  C CZ  . TYR A 10 ? 0.6253 0.7308 0.7253 0.0469  0.0345  0.1262  10  TYR A CZ  
86  O OH  . TYR A 10 ? 0.6957 0.8387 0.7752 0.0566  0.0718  0.0762  10  TYR A OH  
87  N N   . GLY A 11 ? 0.4605 0.4677 0.4901 0.0069  -0.0513 0.0501  11  GLY A N   
88  C CA  . GLY A 11 ? 0.4801 0.4520 0.4864 0.0244  -0.0558 0.0269  11  GLY A CA  
89  C C   . GLY A 11 ? 0.4769 0.4306 0.4452 0.0200  -0.0624 0.0203  11  GLY A C   
90  O O   . GLY A 11 ? 0.5092 0.4083 0.4557 0.0587  -0.0514 0.0031  11  GLY A O   
91  N N   . THR A 12 ? 0.4703 0.3994 0.4438 0.0212  -0.0587 0.0010  12  THR A N   
92  C CA  . THR A 12 ? 0.4578 0.3794 0.4137 0.0032  -0.0615 -0.0039 12  THR A CA  
93  C C   . THR A 12 ? 0.4640 0.3551 0.4341 -0.0059 -0.0388 0.0074  12  THR A C   
94  O O   . THR A 12 ? 0.4737 0.3600 0.4435 0.0259  -0.0528 -0.0051 12  THR A O   
95  C CB  . THR A 12 ? 0.4598 0.3781 0.4201 0.0008  -0.0449 -0.0086 12  THR A CB  
96  O OG1 . THR A 12 ? 0.5117 0.4253 0.3981 0.0079  -0.0294 -0.0111 12  THR A OG1 
97  C CG2 . THR A 12 ? 0.4876 0.3814 0.4552 -0.0110 -0.0397 -0.0419 12  THR A CG2 
98  N N   . ALA A 13 ? 0.4633 0.3688 0.4350 0.0045  -0.0617 -0.0055 13  ALA A N   
99  C CA  . ALA A 13 ? 0.4852 0.3365 0.4403 -0.0020 -0.0506 0.0130  13  ALA A CA  
100 C C   . ALA A 13 ? 0.5065 0.3719 0.4428 0.0002  -0.0490 0.0041  13  ALA A C   
101 O O   . ALA A 13 ? 0.5103 0.3776 0.4769 0.0234  -0.0423 0.0059  13  ALA A O   
102 C CB  . ALA A 13 ? 0.4809 0.3591 0.4285 -0.0080 -0.0441 0.0116  13  ALA A CB  
103 N N   . ARG A 14 ? 0.5080 0.3031 0.4354 -0.0225 -0.0148 0.0293  14  ARG A N   
104 C CA  . ARG A 14 ? 0.5534 0.3718 0.4659 0.0052  -0.0115 0.0358  14  ARG A CA  
105 C C   . ARG A 14 ? 0.5502 0.3461 0.4661 -0.0042 -0.0051 0.0410  14  ARG A C   
106 O O   . ARG A 14 ? 0.5635 0.3427 0.4287 0.0045  0.0132  0.0422  14  ARG A O   
107 C CB  . ARG A 14 ? 0.5721 0.3961 0.5069 -0.0308 -0.0156 0.0439  14  ARG A CB  
108 C CG  . ARG A 14 ? 0.6201 0.5412 0.5942 -0.0223 -0.0188 0.0454  14  ARG A CG  
109 C CD  . ARG A 14 ? 0.7987 0.6937 0.6796 -0.0273 -0.0202 0.1042  14  ARG A CD  
110 N NE  . ARG A 14 ? 0.8648 0.7435 0.7742 -0.0065 -0.0801 0.1183  14  ARG A NE  
111 C CZ  . ARG A 14 ? 0.9149 0.7711 0.8347 -0.0170 -0.0783 0.1470  14  ARG A CZ  
112 N NH1 . ARG A 14 ? 0.9375 0.7951 0.8674 -0.0154 -0.1027 0.1163  14  ARG A NH1 
113 N NH2 . ARG A 14 ? 0.9454 0.7571 0.8642 -0.0395 -0.0890 0.1485  14  ARG A NH2 
114 N N   . CYS A 15 ? 0.5986 0.3691 0.4930 0.0173  -0.0092 0.0354  15  CYS A N   
115 C CA  . CYS A 15 ? 0.6327 0.4014 0.5171 0.0056  -0.0330 0.0290  15  CYS A CA  
116 C C   . CYS A 15 ? 0.6492 0.3818 0.5291 -0.0053 -0.0357 0.0406  15  CYS A C   
117 O O   . CYS A 15 ? 0.6804 0.4143 0.5474 -0.0220 -0.0340 0.0571  15  CYS A O   
118 C CB  . CYS A 15 ? 0.6354 0.4099 0.5194 0.0174  -0.0186 0.0310  15  CYS A CB  
119 S SG  . CYS A 15 ? 0.6658 0.5251 0.5482 0.0470  -0.0363 0.0201  15  CYS A SG  
120 N N   . ARG A 16 ? 0.6570 0.3592 0.5556 -0.0206 -0.0565 0.0256  16  ARG A N   
121 C CA  . ARG A 16 ? 0.7002 0.3828 0.6027 -0.0422 -0.0789 0.0132  16  ARG A CA  
122 C C   . ARG A 16 ? 0.7367 0.4168 0.6476 -0.0575 -0.1005 0.0098  16  ARG A C   
123 O O   . ARG A 16 ? 0.7409 0.4593 0.6538 -0.0469 -0.0783 -0.0202 16  ARG A O   
124 C CB  . ARG A 16 ? 0.6715 0.3599 0.5844 -0.0557 -0.0828 0.0318  16  ARG A CB  
125 C CG  . ARG A 16 ? 0.6382 0.3481 0.5847 -0.0341 -0.0548 0.0495  16  ARG A CG  
126 C CD  . ARG A 16 ? 0.6100 0.4052 0.5518 -0.0500 -0.0426 0.0587  16  ARG A CD  
127 N NE  . ARG A 16 ? 0.5431 0.4159 0.4738 -0.0997 -0.0214 0.0657  16  ARG A NE  
128 C CZ  . ARG A 16 ? 0.5559 0.3899 0.4701 -0.0336 -0.0385 0.1030  16  ARG A CZ  
129 N NH1 . ARG A 16 ? 0.5841 0.4478 0.5220 -0.0151 -0.0336 0.1409  16  ARG A NH1 
130 N NH2 . ARG A 16 ? 0.5322 0.4326 0.5536 -0.0574 -0.0198 0.0629  16  ARG A NH2 
131 N N   . MLY A 17 ? 0.8005 0.4321 0.7112 -0.0741 -0.1207 0.0097  17  MLY A N   
132 C CA  . MLY A 17 ? 0.8393 0.4468 0.7432 -0.1006 -0.1565 0.0122  17  MLY A CA  
133 C CB  . MLY A 17 ? 0.8599 0.4662 0.7734 -0.0966 -0.1552 0.0336  17  MLY A CB  
134 C CG  . MLY A 17 ? 0.9284 0.5007 0.8428 -0.0860 -0.1773 0.0547  17  MLY A CG  
135 C CD  . MLY A 17 ? 1.0122 0.5760 0.9649 -0.1211 -0.1761 0.0905  17  MLY A CD  
136 C CE  . MLY A 17 ? 1.1046 0.6455 1.0510 -0.1141 -0.2118 0.1199  17  MLY A CE  
137 N NZ  . MLY A 17 ? 1.1782 0.7039 1.1436 -0.1207 -0.2192 0.1267  17  MLY A NZ  
138 C CH1 . MLY A 17 ? 1.1816 0.7167 1.1626 -0.1402 -0.2209 0.1551  17  MLY A CH1 
139 C CH2 . MLY A 17 ? 1.1838 0.6584 1.1591 -0.1246 -0.2213 0.1314  17  MLY A CH2 
140 C C   . MLY A 17 ? 0.8425 0.4329 0.7279 -0.1128 -0.1607 0.0186  17  MLY A C   
141 O O   . MLY A 17 ? 0.8664 0.4282 0.7444 -0.1052 -0.1686 -0.0331 17  MLY A O   
142 N N   . MLY A 18 ? 0.8095 0.3905 0.6938 -0.1482 -0.1701 0.0077  18  MLY A N   
143 C CA  . MLY A 18 ? 0.7927 0.3969 0.6798 -0.1682 -0.1682 0.0300  18  MLY A CA  
144 C CB  . MLY A 18 ? 0.7991 0.4060 0.7157 -0.1961 -0.1862 0.0133  18  MLY A CB  
145 C CG  . MLY A 18 ? 0.9733 0.4785 0.8129 -0.1762 -0.2004 0.0205  18  MLY A CG  
146 C CD  . MLY A 18 ? 1.0815 0.5327 0.9534 -0.2324 -0.2898 0.0604  18  MLY A CD  
147 C CE  . MLY A 18 ? 1.2109 0.6001 1.0540 -0.2836 -0.3300 0.1074  18  MLY A CE  
148 N NZ  . MLY A 18 ? 1.2997 0.6567 1.1010 -0.2573 -0.3844 0.1080  18  MLY A NZ  
149 C CH1 . MLY A 18 ? 1.2731 0.6707 1.0979 -0.2862 -0.4064 0.1052  18  MLY A CH1 
150 C CH2 . MLY A 18 ? 1.3407 0.6055 1.0995 -0.2822 -0.3909 0.1361  18  MLY A CH2 
151 C C   . MLY A 18 ? 0.7505 0.4162 0.6381 -0.1535 -0.1501 0.0470  18  MLY A C   
152 O O   . MLY A 18 ? 0.7377 0.4338 0.6162 -0.1482 -0.1248 0.0656  18  MLY A O   
153 N N   . CYS A 19 ? 0.6810 0.4319 0.6034 -0.1611 -0.1281 0.0628  19  CYS A N   
154 C CA  . CYS A 19 ? 0.6222 0.4529 0.5836 -0.1565 -0.1054 0.0688  19  CYS A CA  
155 C C   . CYS A 19 ? 0.5874 0.4912 0.5926 -0.1528 -0.1090 0.1054  19  CYS A C   
156 O O   . CYS A 19 ? 0.6048 0.4807 0.5882 -0.1628 -0.1118 0.0772  19  CYS A O   
157 C CB  . CYS A 19 ? 0.6177 0.4714 0.5511 -0.1502 -0.0930 0.0599  19  CYS A CB  
158 S SG  . CYS A 19 ? 0.6441 0.4468 0.5019 -0.1291 -0.0098 -0.0024 19  CYS A SG  
159 N N   . ARG A 20 ? 0.5424 0.4927 0.5829 -0.1529 -0.0990 0.1468  20  ARG A N   
160 C CA  . ARG A 20 ? 0.5368 0.5746 0.6162 -0.1362 -0.0992 0.1732  20  ARG A CA  
161 C C   . ARG A 20 ? 0.5226 0.5831 0.6402 -0.1257 -0.0855 0.1935  20  ARG A C   
162 O O   . ARG A 20 ? 0.5368 0.6271 0.6383 -0.1302 -0.0938 0.1977  20  ARG A O   
163 C CB  . ARG A 20 ? 0.5255 0.5721 0.6105 -0.1426 -0.0865 0.1729  20  ARG A CB  
164 C CG  . ARG A 20 ? 0.5218 0.6191 0.6207 -0.1113 -0.0809 0.1828  20  ARG A CG  
165 C CD  . ARG A 20 ? 0.5279 0.5911 0.6597 -0.1033 -0.0314 0.1608  20  ARG A CD  
166 N NE  . ARG A 20 ? 0.5499 0.6091 0.6921 -0.1428 0.0363  0.1652  20  ARG A NE  
167 C CZ  . ARG A 20 ? 0.5916 0.5643 0.6588 -0.0759 0.0081  0.1556  20  ARG A CZ  
168 N NH1 . ARG A 20 ? 0.6048 0.5662 0.6316 -0.0998 0.0059  0.0919  20  ARG A NH1 
169 N NH2 . ARG A 20 ? 0.6110 0.5747 0.6769 -0.0676 0.0261  0.1181  20  ARG A NH2 
170 N N   . SER A 21 ? 0.5042 0.6165 0.6681 -0.1102 -0.0794 0.2112  21  SER A N   
171 C CA  . SER A 21 ? 0.4997 0.6327 0.7024 -0.0929 -0.0490 0.2192  21  SER A CA  
172 C C   . SER A 21 ? 0.4940 0.6427 0.7025 -0.0744 -0.0381 0.2059  21  SER A C   
173 O O   . SER A 21 ? 0.5141 0.6570 0.7105 -0.0725 -0.0343 0.2066  21  SER A O   
174 C CB  . SER A 21 ? 0.5094 0.6488 0.7158 -0.1061 -0.0525 0.2179  21  SER A CB  
175 O OG  . SER A 21 ? 0.5425 0.6873 0.7747 -0.0961 -0.0309 0.1967  21  SER A OG  
176 N N   . GLN A 22 ? 0.4760 0.6237 0.6898 -0.0573 -0.0116 0.1840  22  GLN A N   
177 C CA  . GLN A 22 ? 0.4660 0.6134 0.6657 -0.0369 0.0067  0.1584  22  GLN A CA  
178 C C   . GLN A 22 ? 0.4439 0.5629 0.6038 -0.0414 0.0166  0.1354  22  GLN A C   
179 O O   . GLN A 22 ? 0.4388 0.5675 0.5829 -0.0014 0.0463  0.1215  22  GLN A O   
180 C CB  . GLN A 22 ? 0.4953 0.6468 0.6941 -0.0308 0.0116  0.1632  22  GLN A CB  
181 C CG  . GLN A 22 ? 0.4883 0.6864 0.7626 -0.0474 0.0274  0.1699  22  GLN A CG  
182 C CD  . GLN A 22 ? 0.5148 0.7635 0.8652 -0.0031 0.0253  0.1993  22  GLN A CD  
183 O OE1 . GLN A 22 ? 0.6206 0.7967 0.9398 -0.0226 0.0291  0.2175  22  GLN A OE1 
184 N NE2 . GLN A 22 ? 0.5651 0.7752 0.9031 -0.0248 0.0175  0.1872  22  GLN A NE2 
185 N N   . GLU A 23 ? 0.4378 0.5253 0.5467 -0.0499 -0.0029 0.0992  23  GLU A N   
186 C CA  . GLU A 23 ? 0.4428 0.4633 0.4763 -0.0543 -0.0013 0.0966  23  GLU A CA  
187 C C   . GLU A 23 ? 0.4553 0.4534 0.4675 -0.0615 -0.0229 0.0681  23  GLU A C   
188 O O   . GLU A 23 ? 0.5034 0.5028 0.5152 -0.0600 -0.0229 0.0703  23  GLU A O   
189 C CB  . GLU A 23 ? 0.4622 0.4664 0.4381 -0.0472 0.0002  0.0996  23  GLU A CB  
190 C CG  . GLU A 23 ? 0.5125 0.4638 0.3822 -0.0069 -0.0096 0.1157  23  GLU A CG  
191 C CD  . GLU A 23 ? 0.4994 0.4302 0.4118 -0.0327 -0.0028 0.0919  23  GLU A CD  
192 O OE1 . GLU A 23 ? 0.5387 0.4265 0.4551 -0.0641 -0.0376 0.0414  23  GLU A OE1 
193 O OE2 . GLU A 23 ? 0.6469 0.4103 0.4309 0.0008  0.0071  0.0640  23  GLU A OE2 
194 N N   . TYR A 24 ? 0.4641 0.4099 0.4402 -0.0747 -0.0135 0.0486  24  TYR A N   
195 C CA  . TYR A 24 ? 0.4801 0.3811 0.4219 -0.0775 -0.0181 0.0625  24  TYR A CA  
196 C C   . TYR A 24 ? 0.4932 0.3787 0.4077 -0.0738 -0.0240 0.0274  24  TYR A C   
197 O O   . TYR A 24 ? 0.5041 0.3923 0.4142 -0.0570 -0.0139 0.0244  24  TYR A O   
198 C CB  . TYR A 24 ? 0.4824 0.3771 0.4397 -0.0837 -0.0176 0.0617  24  TYR A CB  
199 C CG  . TYR A 24 ? 0.5223 0.4255 0.4506 -0.0416 -0.0609 0.0674  24  TYR A CG  
200 C CD1 . TYR A 24 ? 0.5546 0.4413 0.4737 -0.0071 -0.0721 0.1140  24  TYR A CD1 
201 C CD2 . TYR A 24 ? 0.5734 0.4256 0.4911 -0.0329 -0.0238 0.0659  24  TYR A CD2 
202 C CE1 . TYR A 24 ? 0.6012 0.5423 0.5094 0.0427  -0.1252 0.0835  24  TYR A CE1 
203 C CE2 . TYR A 24 ? 0.6184 0.5647 0.5459 0.0326  -0.0795 0.0882  24  TYR A CE2 
204 C CZ  . TYR A 24 ? 0.5880 0.5292 0.5856 0.0373  -0.0930 0.0905  24  TYR A CZ  
205 O OH  . TYR A 24 ? 0.6815 0.6067 0.6433 0.0839  -0.0948 0.1275  24  TYR A OH  
206 N N   . ARG A 25 ? 0.5354 0.4320 0.3780 -0.0618 -0.0297 0.0074  25  ARG A N   
207 C CA  . ARG A 25 ? 0.5748 0.4326 0.4017 -0.0544 -0.0261 -0.0033 25  ARG A CA  
208 C C   . ARG A 25 ? 0.5777 0.4422 0.4035 -0.0414 -0.0084 0.0088  25  ARG A C   
209 O O   . ARG A 25 ? 0.5717 0.4704 0.4060 -0.0280 -0.0314 0.0267  25  ARG A O   
210 C CB  . ARG A 25 ? 0.6117 0.4680 0.3927 -0.0510 -0.0374 -0.0284 25  ARG A CB  
211 C CG  . ARG A 25 ? 0.7609 0.5535 0.5033 -0.0182 -0.0648 -0.0488 25  ARG A CG  
212 C CD  . ARG A 25 ? 0.9122 0.7102 0.6124 -0.0415 -0.0572 -0.1125 25  ARG A CD  
213 N NE  . ARG A 25 ? 1.0513 0.7622 0.7350 -0.0911 -0.1050 -0.1271 25  ARG A NE  
214 C CZ  . ARG A 25 ? 1.0907 0.7745 0.7871 -0.1191 -0.1385 -0.1198 25  ARG A CZ  
215 N NH1 . ARG A 25 ? 1.1097 0.6824 0.8182 -0.1871 -0.1535 -0.1598 25  ARG A NH1 
216 N NH2 . ARG A 25 ? 1.1444 0.7995 0.8015 -0.1484 -0.1135 -0.1150 25  ARG A NH2 
217 N N   . ILE A 26 ? 0.5631 0.4384 0.3705 -0.0221 0.0072  0.0032  26  ILE A N   
218 C CA  . ILE A 26 ? 0.5804 0.4342 0.4296 -0.0078 0.0193  0.0014  26  ILE A CA  
219 C C   . ILE A 26 ? 0.6257 0.4763 0.4599 0.0045  0.0372  -0.0157 26  ILE A C   
220 O O   . ILE A 26 ? 0.6371 0.5400 0.5159 0.0089  0.0486  -0.0094 26  ILE A O   
221 C CB  . ILE A 26 ? 0.5647 0.4158 0.3990 0.0024  0.0116  0.0091  26  ILE A CB  
222 C CG1 . ILE A 26 ? 0.4697 0.3732 0.3731 -0.0677 0.0055  0.0263  26  ILE A CG1 
223 C CG2 . ILE A 26 ? 0.5733 0.3447 0.4375 0.0097  0.0424  0.0144  26  ILE A CG2 
224 C CD1 . ILE A 26 ? 0.5404 0.3600 0.4183 -0.0045 -0.0687 0.0191  26  ILE A CD1 
225 N N   . GLY A 27 ? 0.6879 0.4604 0.4629 0.0424  0.0526  -0.0126 27  GLY A N   
226 C CA  . GLY A 27 ? 0.7434 0.4835 0.4878 0.0634  0.0657  -0.0104 27  GLY A CA  
227 C C   . GLY A 27 ? 0.7822 0.4704 0.4793 0.0940  0.0659  -0.0192 27  GLY A C   
228 O O   . GLY A 27 ? 0.8006 0.4284 0.4869 0.1000  0.0491  -0.0095 27  GLY A O   
229 N N   . ARG A 28 ? 0.8273 0.5120 0.5100 0.1083  0.0699  -0.0151 28  ARG A N   
230 C CA  . ARG A 28 ? 0.8723 0.5296 0.5467 0.1273  0.0701  -0.0291 28  ARG A CA  
231 C C   . ARG A 28 ? 0.8776 0.5684 0.5801 0.1287  0.0748  -0.0181 28  ARG A C   
232 O O   . ARG A 28 ? 0.8932 0.5718 0.5749 0.1146  0.0664  0.0017  28  ARG A O   
233 C CB  . ARG A 28 ? 0.8834 0.5507 0.5453 0.1330  0.0752  -0.0416 28  ARG A CB  
234 C CG  . ARG A 28 ? 0.9604 0.5469 0.5652 0.1348  0.0476  -0.0533 28  ARG A CG  
235 C CD  . ARG A 28 ? 1.0646 0.6214 0.6154 0.0854  0.0776  -0.0603 28  ARG A CD  
236 N NE  . ARG A 28 ? 1.1554 0.6429 0.6908 0.0627  0.0221  -0.0515 28  ARG A NE  
237 C CZ  . ARG A 28 ? 1.2233 0.6804 0.7407 0.0253  0.0128  -0.0616 28  ARG A CZ  
238 N NH1 . ARG A 28 ? 1.2672 0.6413 0.7683 0.0059  0.0080  -0.0516 28  ARG A NH1 
239 N NH2 . ARG A 28 ? 1.2599 0.6727 0.7374 0.0210  -0.0117 -0.0849 28  ARG A NH2 
240 N N   . CYS A 29 ? 0.8760 0.5758 0.5963 0.1470  0.0902  -0.0047 29  CYS A N   
241 C CA  . CYS A 29 ? 0.8770 0.5910 0.6385 0.1619  0.0894  -0.0123 29  CYS A CA  
242 C C   . CYS A 29 ? 0.9221 0.6246 0.6943 0.1941  0.1128  -0.0121 29  CYS A C   
243 O O   . CYS A 29 ? 0.9205 0.6016 0.6715 0.2067  0.1203  -0.0195 29  CYS A O   
244 C CB  . CYS A 29 ? 0.8616 0.5835 0.6188 0.1505  0.0794  -0.0152 29  CYS A CB  
245 S SG  . CYS A 29 ? 0.7764 0.4809 0.5773 0.0792  -0.0196 0.0056  29  CYS A SG  
246 N N   . PRO A 30 ? 0.9556 0.6504 0.7505 0.2262  0.1259  -0.0182 30  PRO A N   
247 C CA  . PRO A 30 ? 0.9935 0.6685 0.7871 0.2431  0.1304  -0.0313 30  PRO A CA  
248 C C   . PRO A 30 ? 1.0333 0.6646 0.8176 0.2524  0.1224  -0.0441 30  PRO A C   
249 O O   . PRO A 30 ? 1.0527 0.7024 0.8338 0.2489  0.1264  -0.0417 30  PRO A O   
250 C CB  . PRO A 30 ? 0.9901 0.6702 0.7968 0.2441  0.1338  -0.0311 30  PRO A CB  
251 C CG  . PRO A 30 ? 0.9663 0.6632 0.7735 0.2465  0.1459  -0.0292 30  PRO A CG  
252 C CD  . PRO A 30 ? 0.9605 0.6601 0.7518 0.2248  0.1250  -0.0077 30  PRO A CD  
253 N N   . ASN A 31 ? 1.0699 0.6654 0.8276 0.2518  0.1088  -0.0507 31  ASN A N   
254 C CA  . ASN A 31 ? 1.1150 0.6550 0.8463 0.2418  0.0843  -0.0678 31  ASN A CA  
255 C C   . ASN A 31 ? 1.1367 0.6347 0.8478 0.2342  0.0672  -0.0777 31  ASN A C   
256 O O   . ASN A 31 ? 1.1562 0.6516 0.8724 0.2210  0.0604  -0.0790 31  ASN A O   
257 C CB  . ASN A 31 ? 1.1184 0.6623 0.8463 0.2448  0.0825  -0.0545 31  ASN A CB  
258 C CG  . ASN A 31 ? 1.1192 0.6989 0.8560 0.2450  0.0716  -0.0292 31  ASN A CG  
259 O OD1 . ASN A 31 ? 1.1149 0.7268 0.8516 0.2533  0.0365  0.0186  31  ASN A OD1 
260 N ND2 . ASN A 31 ? 1.1230 0.7526 0.8372 0.2227  0.0284  0.0161  31  ASN A ND2 
261 N N   . THR A 32 ? 1.1501 0.6141 0.8254 0.2129  0.0465  -0.1037 32  THR A N   
262 C CA  . THR A 32 ? 1.1551 0.5822 0.8098 0.1983  0.0275  -0.1034 32  THR A CA  
263 C C   . THR A 32 ? 1.1216 0.5354 0.7700 0.1724  0.0146  -0.1028 32  THR A C   
264 O O   . THR A 32 ? 1.1367 0.5188 0.7687 0.1708  0.0088  -0.1130 32  THR A O   
265 C CB  . THR A 32 ? 1.1677 0.5713 0.8079 0.2065  0.0318  -0.1214 32  THR A CB  
266 O OG1 . THR A 32 ? 1.1901 0.6604 0.8518 0.1917  0.0029  -0.0861 32  THR A OG1 
267 C CG2 . THR A 32 ? 1.1710 0.5616 0.8103 0.2257  0.0311  -0.1154 32  THR A CG2 
268 N N   . TYR A 33 ? 1.0552 0.4929 0.7314 0.1362  -0.0022 -0.0767 33  TYR A N   
269 C CA  . TYR A 33 ? 0.9785 0.4521 0.6861 0.1063  -0.0164 -0.0567 33  TYR A CA  
270 C C   . TYR A 33 ? 0.9125 0.4464 0.6389 0.0878  -0.0172 -0.0383 33  TYR A C   
271 O O   . TYR A 33 ? 0.8972 0.4546 0.6333 0.0994  -0.0075 -0.0366 33  TYR A O   
272 C CB  . TYR A 33 ? 0.9865 0.4540 0.6786 0.1047  -0.0145 -0.0217 33  TYR A CB  
273 C CG  . TYR A 33 ? 1.0247 0.4571 0.7356 0.0802  -0.0373 -0.0072 33  TYR A CG  
274 C CD1 . TYR A 33 ? 1.0287 0.4598 0.7721 0.0586  -0.0609 0.0446  33  TYR A CD1 
275 C CD2 . TYR A 33 ? 1.0508 0.4829 0.7423 0.0581  -0.0466 0.0080  33  TYR A CD2 
276 C CE1 . TYR A 33 ? 1.0740 0.4879 0.8193 0.0171  -0.0634 0.0485  33  TYR A CE1 
277 C CE2 . TYR A 33 ? 1.0958 0.4764 0.8168 0.0389  -0.0532 0.0104  33  TYR A CE2 
278 C CZ  . TYR A 33 ? 1.1055 0.4679 0.8301 0.0258  -0.0663 0.0296  33  TYR A CZ  
279 O OH  . TYR A 33 ? 1.1436 0.5700 0.8645 0.0044  -0.0506 0.0920  33  TYR A OH  
280 N N   . ALA A 34 ? 0.8345 0.3959 0.5672 0.0642  -0.0193 -0.0430 34  ALA A N   
281 C CA  . ALA A 34 ? 0.7544 0.3529 0.5017 0.0270  -0.0344 -0.0390 34  ALA A CA  
282 C C   . ALA A 34 ? 0.7061 0.3610 0.4688 0.0181  -0.0259 -0.0344 34  ALA A C   
283 O O   . ALA A 34 ? 0.7025 0.3286 0.4546 -0.0275 -0.0547 -0.0170 34  ALA A O   
284 C CB  . ALA A 34 ? 0.7592 0.3356 0.5382 0.0267  -0.0235 -0.0192 34  ALA A CB  
285 N N   . CYS A 35 ? 0.6289 0.3502 0.3879 0.0199  -0.0361 -0.0198 35  CYS A N   
286 C CA  . CYS A 35 ? 0.5796 0.3771 0.4155 0.0108  -0.0174 -0.0060 35  CYS A CA  
287 C C   . CYS A 35 ? 0.5317 0.3451 0.3778 -0.0052 -0.0076 0.0060  35  CYS A C   
288 O O   . CYS A 35 ? 0.5553 0.3931 0.3963 0.0002  -0.0015 0.0194  35  CYS A O   
289 C CB  . CYS A 35 ? 0.5626 0.3949 0.3675 0.0028  -0.0036 -0.0032 35  CYS A CB  
290 S SG  . CYS A 35 ? 0.6070 0.4486 0.4506 0.0159  -0.0105 0.0106  35  CYS A SG  
291 N N   . CYS A 36 ? 0.5163 0.3372 0.4044 -0.0151 0.0016  0.0207  36  CYS A N   
292 C CA  . CYS A 36 ? 0.5012 0.3239 0.4153 -0.0314 -0.0003 0.0126  36  CYS A CA  
293 C C   . CYS A 36 ? 0.5002 0.3403 0.3920 -0.0237 -0.0118 0.0165  36  CYS A C   
294 O O   . CYS A 36 ? 0.4828 0.3354 0.4065 -0.0228 0.0010  0.0138  36  CYS A O   
295 C CB  . CYS A 36 ? 0.5361 0.3358 0.4408 -0.0605 0.0131  0.0076  36  CYS A CB  
296 S SG  . CYS A 36 ? 0.5824 0.3709 0.4686 -0.0712 -0.0072 -0.0110 36  CYS A SG  
297 N N   . LEU A 37 ? 0.4520 0.3025 0.3920 -0.0257 -0.0051 0.0126  37  LEU A N   
298 C CA  . LEU A 37 ? 0.4358 0.3411 0.3663 -0.0259 -0.0038 0.0136  37  LEU A CA  
299 C C   . LEU A 37 ? 0.4596 0.3794 0.3846 -0.0284 0.0074  0.0371  37  LEU A C   
300 O O   . LEU A 37 ? 0.4236 0.4076 0.3953 -0.0452 0.0053  0.0241  37  LEU A O   
301 C CB  . LEU A 37 ? 0.4371 0.3459 0.4105 -0.0292 0.0024  0.0129  37  LEU A CB  
302 C CG  . LEU A 37 ? 0.4629 0.3348 0.3689 -0.0158 -0.0239 0.0375  37  LEU A CG  
303 C CD1 . LEU A 37 ? 0.4583 0.3826 0.4230 -0.0212 -0.0233 0.0397  37  LEU A CD1 
304 C CD2 . LEU A 37 ? 0.4607 0.3604 0.4467 -0.0174 0.0104  0.0534  37  LEU A CD2 
305 N N   . ARG A 38 ? 0.4762 0.3746 0.4069 -0.0126 0.0130  0.0129  38  ARG A N   
306 C CA  . ARG A 38 ? 0.4885 0.4051 0.4221 0.0067  0.0268  0.0432  38  ARG A CA  
307 C C   . ARG A 38 ? 0.4987 0.4256 0.4697 0.0240  0.0361  0.0488  38  ARG A C   
308 O O   . ARG A 38 ? 0.4728 0.3755 0.4826 -0.0084 0.0349  0.0419  38  ARG A O   
309 C CB  . ARG A 38 ? 0.5397 0.3961 0.4272 0.0179  0.0126  0.0423  38  ARG A CB  
310 C CG  . ARG A 38 ? 0.5979 0.4460 0.4156 -0.0232 -0.0034 0.0307  38  ARG A CG  
311 C CD  . ARG A 38 ? 0.6724 0.5260 0.4381 -0.0283 -0.0149 -0.0211 38  ARG A CD  
312 N NE  . ARG A 38 ? 0.6668 0.5327 0.4926 0.0023  0.0098  -0.0302 38  ARG A NE  
313 C CZ  . ARG A 38 ? 0.6731 0.6233 0.4796 -0.0111 -0.0289 -0.0155 38  ARG A CZ  
314 N NH1 . ARG A 38 ? 0.6482 0.6497 0.4975 0.0225  0.0050  -0.0244 38  ARG A NH1 
315 N NH2 . ARG A 38 ? 0.6526 0.6645 0.5435 0.0111  0.0100  0.0119  38  ARG A NH2 
316 N N   . MLY A 39 ? 0.4901 0.4713 0.5062 0.0519  0.0357  0.0673  39  MLY A N   
317 C CA  . MLY A 39 ? 0.5411 0.5152 0.5694 0.0890  0.0349  0.0888  39  MLY A CA  
318 C CB  . MLY A 39 ? 0.5302 0.5491 0.5837 0.0750  0.0252  0.0999  39  MLY A CB  
319 C CG  . MLY A 39 ? 0.5048 0.5915 0.6126 0.0251  0.0036  0.0861  39  MLY A CG  
320 C CD  . MLY A 39 ? 0.5931 0.7888 0.7494 -0.0217 -0.0691 0.0877  39  MLY A CD  
321 C CE  . MLY A 39 ? 0.6476 0.8421 0.7808 -0.0373 -0.0862 0.0735  39  MLY A CE  
322 N NZ  . MLY A 39 ? 0.6862 0.9196 0.8584 -0.0494 -0.1193 0.0736  39  MLY A NZ  
323 C CH1 . MLY A 39 ? 0.6918 0.9460 0.8822 -0.0352 -0.1216 0.0733  39  MLY A CH1 
324 C CH2 . MLY A 39 ? 0.7329 0.9370 0.8699 -0.0662 -0.1104 0.0664  39  MLY A CH2 
325 C C   . MLY A 39 ? 0.5892 0.5776 0.5937 0.1330  0.0620  0.0916  39  MLY A C   
326 O O   . MLY A 39 ? 0.6048 0.5312 0.5935 0.1428  0.0921  0.0900  39  MLY A O   
327 N N   . TRP A 40 ? 0.6535 0.6064 0.6422 0.1719  0.0752  0.0821  40  TRP A N   
328 C CA  . TRP A 40 ? 0.7522 0.7051 0.7118 0.1969  0.0790  0.0730  40  TRP A CA  
329 C C   . TRP A 40 ? 0.7540 0.7517 0.7318 0.1884  0.0923  0.0839  40  TRP A C   
330 O O   . TRP A 40 ? 0.7625 0.7980 0.7439 0.1874  0.0883  0.0784  40  TRP A O   
331 C CB  . TRP A 40 ? 0.7989 0.7068 0.7368 0.2105  0.0784  0.0488  40  TRP A CB  
332 C CG  . TRP A 40 ? 0.9735 0.7337 0.8106 0.2549  0.0632  0.0060  40  TRP A CG  
333 C CD1 . TRP A 40 ? 1.0551 0.7520 0.8445 0.2904  0.0552  -0.0193 40  TRP A CD1 
334 C CD2 . TRP A 40 ? 1.0729 0.7488 0.8521 0.2771  0.0260  -0.0525 40  TRP A CD2 
335 N NE1 . TRP A 40 ? 1.1217 0.7477 0.8811 0.2997  0.0207  -0.0310 40  TRP A NE1 
336 C CE2 . TRP A 40 ? 1.1128 0.7576 0.8732 0.2898  0.0360  -0.0524 40  TRP A CE2 
337 C CE3 . TRP A 40 ? 1.1148 0.7872 0.8963 0.2755  0.0343  -0.0681 40  TRP A CE3 
338 C CZ2 . TRP A 40 ? 1.1560 0.7342 0.8849 0.2897  0.0268  -0.0807 40  TRP A CZ2 
339 C CZ3 . TRP A 40 ? 1.1606 0.7773 0.9156 0.2729  0.0238  -0.0915 40  TRP A CZ3 
340 C CH2 . TRP A 40 ? 1.1561 0.7811 0.8883 0.2843  0.0393  -0.0987 40  TRP A CH2 
341 N N   . ASP A 41 ? 0.7437 0.7694 0.7585 0.1808  0.0921  0.0939  41  ASP A N   
342 C CA  . ASP A 41 ? 0.7594 0.7876 0.7861 0.1599  0.0869  0.1002  41  ASP A CA  
343 C C   . ASP A 41 ? 0.7558 0.7870 0.7796 0.1292  0.0811  0.0907  41  ASP A C   
344 O O   . ASP A 41 ? 0.7589 0.7824 0.7753 0.1297  0.0827  0.0910  41  ASP A O   
345 C CB  . ASP A 41 ? 0.7556 0.8094 0.8034 0.1643  0.0874  0.1007  41  ASP A CB  
346 C CG  . ASP A 41 ? 0.7778 0.8699 0.8486 0.1721  0.1035  0.1157  41  ASP A CG  
347 O OD1 . ASP A 41 ? 0.7671 0.8902 0.8846 0.1704  0.1248  0.0890  41  ASP A OD1 
348 O OD2 . ASP A 41 ? 0.7772 0.9259 0.8356 0.1415  0.1150  0.1112  41  ASP A OD2 
349 N N   . GLU A 42 ? 0.7423 0.7597 0.7658 0.0981  0.0684  0.0757  42  GLU A N   
350 C CA  . GLU A 42 ? 0.7444 0.7455 0.7490 0.0588  0.0473  0.0506  42  GLU A CA  
351 C C   . GLU A 42 ? 0.7435 0.7576 0.7539 0.0395  0.0414  0.0417  42  GLU A C   
352 O O   . GLU A 42 ? 0.7361 0.7402 0.7451 0.0292  0.0392  0.0433  42  GLU A O   
353 C CB  . GLU A 42 ? 0.7361 0.7349 0.7536 0.0554  0.0541  0.0514  42  GLU A CB  
354 C CG  . GLU A 42 ? 0.7387 0.7160 0.7379 0.0400  0.0623  0.0343  42  GLU A CG  
355 C CD  . GLU A 42 ? 0.7711 0.6945 0.7377 -0.0034 0.0555  0.0101  42  GLU A CD  
356 O OE1 . GLU A 42 ? 0.7319 0.6576 0.7686 -0.0410 0.0564  -0.0786 42  GLU A OE1 
357 O OE2 . GLU A 42 ? 0.7834 0.7371 0.7368 0.0019  0.0501  0.0230  42  GLU A OE2 
358 N N   . SER A 43 ? 0.7395 0.7609 0.7538 0.0185  0.0264  0.0226  43  SER A N   
359 C CA  . SER A 43 ? 0.7500 0.7944 0.7664 0.0043  0.0248  0.0153  43  SER A CA  
360 C C   . SER A 43 ? 0.7426 0.7801 0.7640 -0.0044 0.0169  0.0087  43  SER A C   
361 O O   . SER A 43 ? 0.7221 0.7544 0.7714 -0.0016 0.0216  0.0060  43  SER A O   
362 C CB  . SER A 43 ? 0.7616 0.7988 0.7809 0.0002  0.0247  0.0202  43  SER A CB  
363 O OG  . SER A 43 ? 0.7928 0.8699 0.8066 -0.0129 0.0421  -0.0007 43  SER A OG  
364 S S   . SO4 B .  ? 0.7649 0.8423 0.7063 -0.1069 -0.0199 -0.0225 101 SO4 A S   
365 O O1  . SO4 B .  ? 0.7820 0.8678 0.6034 -0.0710 -0.1287 -0.0351 101 SO4 A O1  
366 O O2  . SO4 B .  ? 0.8025 0.8356 0.6091 -0.0834 -0.1079 -0.0561 101 SO4 A O2  
367 O O3  . SO4 B .  ? 0.8394 0.8480 0.7168 -0.0658 -0.0480 0.0078  101 SO4 A O3  
368 O O4  . SO4 B .  ? 0.7960 0.8998 0.6652 -0.1326 -0.0680 -0.0258 101 SO4 A O4  
369 S S   . SO4 C .  ? 0.6099 0.6974 0.6777 -0.0151 0.0105  0.0896  102 SO4 A S   
370 O O1  . SO4 C .  ? 0.5989 0.6870 0.7018 -0.0262 0.0338  0.0890  102 SO4 A O1  
371 O O2  . SO4 C .  ? 0.5974 0.7201 0.6935 -0.0219 0.0290  0.1071  102 SO4 A O2  
372 O O3  . SO4 C .  ? 0.5932 0.7012 0.6779 -0.0362 0.0427  0.0724  102 SO4 A O3  
373 O O4  . SO4 C .  ? 0.6265 0.6794 0.6777 -0.0093 0.0232  0.0967  102 SO4 A O4  
374 S S   . SO4 D .  ? 0.7598 0.6405 0.7913 -0.0257 -0.0167 0.0105  103 SO4 A S   
375 O O1  . SO4 D .  ? 0.7655 0.6494 0.7822 0.0018  -0.0193 0.0086  103 SO4 A O1  
376 O O2  . SO4 D .  ? 0.7853 0.6479 0.8087 0.0114  -0.0068 0.0038  103 SO4 A O2  
377 O O3  . SO4 D .  ? 0.7406 0.6639 0.7824 -0.0138 -0.0083 0.0093  103 SO4 A O3  
378 O O4  . SO4 D .  ? 0.7552 0.6275 0.7606 -0.0258 -0.0276 -0.0131 103 SO4 A O4  
379 C C1  . TFA E .  ? 0.7482 0.5721 0.6602 -0.1187 0.0264  -0.0176 104 TFA A C1  
380 C C2  . TFA E .  ? 0.7433 0.5521 0.6176 -0.1174 0.0242  -0.0091 104 TFA A C2  
381 O O   . TFA E .  ? 0.7996 0.5839 0.6471 -0.1106 0.0150  -0.0149 104 TFA A O   
382 F F1  . TFA E .  ? 0.7435 0.5107 0.7122 -0.1690 0.0128  -0.0325 104 TFA A F1  
383 F F2  . TFA E .  ? 0.7720 0.6493 0.7293 -0.0888 0.0085  -0.0250 104 TFA A F2  
384 F F3  . TFA E .  ? 0.7344 0.5317 0.5812 -0.1315 0.0581  0.0045  104 TFA A F3  
385 O O   . HOH F .  ? 1.0873 1.1557 1.8349 -0.1745 0.6103  -0.5741 201 HOH A O   
386 O O   . HOH F .  ? 0.8051 0.6284 1.6021 0.1731  0.0949  -0.2670 202 HOH A O   
387 O O   . HOH F .  ? 1.2098 0.6766 1.6672 -0.0582 -0.8390 0.8655  203 HOH A O   
388 O O   . HOH F .  ? 0.5780 0.7806 0.4110 0.1938  -0.0244 -0.0377 204 HOH A O   
389 O O   . HOH F .  ? 0.6908 0.5932 0.5559 -0.2664 0.0416  0.0014  205 HOH A O   
390 O O   . HOH F .  ? 0.4932 0.4722 0.5803 -0.0035 0.0052  0.0357  206 HOH A O   
391 O O   . HOH F .  ? 1.1544 0.7086 0.8656 0.2865  -0.1893 0.0513  207 HOH A O   
392 O O   . HOH F .  ? 0.9272 0.6434 0.5004 -0.0955 0.0199  -0.0279 208 HOH A O   
393 O O   . HOH F .  ? 0.9245 0.5330 0.5086 0.0603  -0.1723 -0.0950 209 HOH A O   
394 O O   . HOH F .  ? 0.7295 0.5174 0.6602 0.0793  0.2068  -0.0737 210 HOH A O   
395 O O   . HOH F .  ? 0.7930 1.1015 0.7215 0.1133  -0.1337 -0.0695 211 HOH A O   
396 O O   . HOH F .  ? 0.6866 0.6809 0.7891 0.1823  0.0293  -0.0131 212 HOH A O   
397 O O   . HOH F .  ? 3.0366 1.4680 1.9638 1.2736  1.3666  0.8226  213 HOH A O   
398 O O   . HOH F .  ? 0.8455 0.7473 1.3873 -0.1068 -0.0234 -0.0827 214 HOH A O   
399 O O   . HOH F .  ? 1.1688 0.9685 2.0819 0.0744  -0.5154 0.7092  215 HOH A O   
400 O O   . HOH F .  ? 0.7918 1.0519 1.0578 0.3153  0.1014  0.1687  216 HOH A O   
401 O O   . HOH F .  ? 0.6385 0.8691 0.9789 -0.0353 -0.1098 0.0138  217 HOH A O   
# 
